data_1IU9
# 
_entry.id   1IU9 
# 
_audit_conform.dict_name       mmcif_pdbx.dic 
_audit_conform.dict_version    5.389 
_audit_conform.dict_location   http://mmcif.pdb.org/dictionaries/ascii/mmcif_pdbx.dic 
# 
loop_
_database_2.database_id 
_database_2.database_code 
_database_2.pdbx_database_accession 
_database_2.pdbx_DOI 
PDB   1IU9         pdb_00001iu9 10.2210/pdb1iu9/pdb 
RCSB  RCSB005282   ?            ?                   
WWPDB D_1000005282 ?            ?                   
# 
loop_
_pdbx_audit_revision_history.ordinal 
_pdbx_audit_revision_history.data_content_type 
_pdbx_audit_revision_history.major_revision 
_pdbx_audit_revision_history.minor_revision 
_pdbx_audit_revision_history.revision_date 
1 'Structure model' 1 0 2003-09-09 
2 'Structure model' 1 1 2008-04-27 
3 'Structure model' 1 2 2011-07-13 
4 'Structure model' 1 3 2023-12-27 
5 'Structure model' 1 4 2024-04-03 
# 
_pdbx_audit_revision_details.ordinal             1 
_pdbx_audit_revision_details.revision_ordinal    1 
_pdbx_audit_revision_details.data_content_type   'Structure model' 
_pdbx_audit_revision_details.provider            repository 
_pdbx_audit_revision_details.type                'Initial release' 
_pdbx_audit_revision_details.description         ? 
_pdbx_audit_revision_details.details             ? 
# 
loop_
_pdbx_audit_revision_group.ordinal 
_pdbx_audit_revision_group.revision_ordinal 
_pdbx_audit_revision_group.data_content_type 
_pdbx_audit_revision_group.group 
1 2 'Structure model' 'Version format compliance' 
2 3 'Structure model' 'Source and taxonomy'       
3 3 'Structure model' 'Version format compliance' 
4 4 'Structure model' 'Data collection'           
5 4 'Structure model' 'Database references'       
6 4 'Structure model' 'Derived calculations'      
7 5 'Structure model' 'Refinement description'    
# 
loop_
_pdbx_audit_revision_category.ordinal 
_pdbx_audit_revision_category.revision_ordinal 
_pdbx_audit_revision_category.data_content_type 
_pdbx_audit_revision_category.category 
1 4 'Structure model' chem_comp_atom                
2 4 'Structure model' chem_comp_bond                
3 4 'Structure model' database_2                    
4 4 'Structure model' pdbx_struct_conn_angle        
5 4 'Structure model' struct_conn                   
6 4 'Structure model' struct_site                   
7 5 'Structure model' pdbx_initial_refinement_model 
# 
loop_
_pdbx_audit_revision_item.ordinal 
_pdbx_audit_revision_item.revision_ordinal 
_pdbx_audit_revision_item.data_content_type 
_pdbx_audit_revision_item.item 
1  4 'Structure model' '_database_2.pdbx_DOI'                        
2  4 'Structure model' '_database_2.pdbx_database_accession'         
3  4 'Structure model' '_pdbx_struct_conn_angle.ptnr1_auth_comp_id'  
4  4 'Structure model' '_pdbx_struct_conn_angle.ptnr1_auth_seq_id'   
5  4 'Structure model' '_pdbx_struct_conn_angle.ptnr1_label_asym_id' 
6  4 'Structure model' '_pdbx_struct_conn_angle.ptnr1_label_atom_id' 
7  4 'Structure model' '_pdbx_struct_conn_angle.ptnr1_label_comp_id' 
8  4 'Structure model' '_pdbx_struct_conn_angle.ptnr1_label_seq_id'  
9  4 'Structure model' '_pdbx_struct_conn_angle.ptnr1_symmetry'      
10 4 'Structure model' '_pdbx_struct_conn_angle.ptnr3_auth_comp_id'  
11 4 'Structure model' '_pdbx_struct_conn_angle.ptnr3_auth_seq_id'   
12 4 'Structure model' '_pdbx_struct_conn_angle.ptnr3_label_asym_id' 
13 4 'Structure model' '_pdbx_struct_conn_angle.ptnr3_label_atom_id' 
14 4 'Structure model' '_pdbx_struct_conn_angle.ptnr3_label_comp_id' 
15 4 'Structure model' '_pdbx_struct_conn_angle.ptnr3_label_seq_id'  
16 4 'Structure model' '_pdbx_struct_conn_angle.ptnr3_symmetry'      
17 4 'Structure model' '_pdbx_struct_conn_angle.value'               
18 4 'Structure model' '_struct_conn.pdbx_dist_value'                
19 4 'Structure model' '_struct_conn.ptnr2_auth_comp_id'             
20 4 'Structure model' '_struct_conn.ptnr2_auth_seq_id'              
21 4 'Structure model' '_struct_conn.ptnr2_label_asym_id'            
22 4 'Structure model' '_struct_conn.ptnr2_label_atom_id'            
23 4 'Structure model' '_struct_conn.ptnr2_label_comp_id'            
24 4 'Structure model' '_struct_conn.ptnr2_label_seq_id'             
25 4 'Structure model' '_struct_conn.ptnr2_symmetry'                 
26 4 'Structure model' '_struct_site.pdbx_auth_asym_id'              
27 4 'Structure model' '_struct_site.pdbx_auth_comp_id'              
28 4 'Structure model' '_struct_site.pdbx_auth_seq_id'               
# 
_pdbx_database_status.status_code                     REL 
_pdbx_database_status.entry_id                        1IU9 
_pdbx_database_status.recvd_initial_deposition_date   2002-02-28 
_pdbx_database_status.deposit_site                    PDBJ 
_pdbx_database_status.process_site                    PDBJ 
_pdbx_database_status.SG_entry                        . 
_pdbx_database_status.pdb_format_compatible           Y 
_pdbx_database_status.status_code_mr                  ? 
_pdbx_database_status.status_code_sf                  ? 
_pdbx_database_status.status_code_cs                  ? 
_pdbx_database_status.status_code_nmr_data            ? 
_pdbx_database_status.methods_development_category    ? 
# 
_pdbx_database_related.db_name        PDB 
_pdbx_database_related.db_id          1jfl 
_pdbx_database_related.details        'iJFL contains entire protein.' 
_pdbx_database_related.content_type   unspecified 
# 
loop_
_audit_author.name 
_audit_author.pdbx_ordinal 
'Liu, L.'   1 
'Iwata, K.' 2 
'Yohda, M.' 3 
'Miki, K.'  4 
# 
_citation.id                        primary 
_citation.title                     
'Structural insight into gene duplication, gene fusion and domain swapping in the evolution of PLP-independent amino acid racemases' 
_citation.journal_abbrev            'FEBS LETT.' 
_citation.journal_volume            528 
_citation.page_first                114 
_citation.page_last                 118 
_citation.year                      2002 
_citation.journal_id_ASTM           FEBLAL 
_citation.country                   NE 
_citation.journal_id_ISSN           0014-5793 
_citation.journal_id_CSD            0165 
_citation.book_publisher            ? 
_citation.pdbx_database_id_PubMed   12297289 
_citation.pdbx_database_id_DOI      '10.1016/S0014-5793(02)03264-7' 
# 
loop_
_citation_author.citation_id 
_citation_author.name 
_citation_author.ordinal 
_citation_author.identifier_ORCID 
primary 'Liu, L.'   1 ? 
primary 'Iwata, K.' 2 ? 
primary 'Yohda, M.' 3 ? 
primary 'Miki, K.'  4 ? 
# 
loop_
_entity.id 
_entity.type 
_entity.src_method 
_entity.pdbx_description 
_entity.formula_weight 
_entity.pdbx_number_of_molecules 
_entity.pdbx_ec 
_entity.pdbx_mutation 
_entity.pdbx_fragment 
_entity.details 
1 polymer     man 'aspartate racemase' 12176.232 1  5.1.1.13 ? 'C-terminal domain' ? 
2 non-polymer syn 'CALCIUM ION'        40.078    1  ?        ? ?                   ? 
3 water       nat water                18.015    56 ?        ? ?                   ? 
# 
_entity_poly.entity_id                      1 
_entity_poly.type                           'polypeptide(L)' 
_entity_poly.nstd_linkage                   no 
_entity_poly.nstd_monomer                   no 
_entity_poly.pdbx_seq_one_letter_code       
;MIEETAKKVKELGFKKAGLLATTGTIVSGVYEKEFSKYGVEIMTPTEDEQKDVMRGIYEGVKAGNLKLGRELLLKTAKIL
EERGAECIIAGCTEVSVVLKQDDLKVPLIDP
;
_entity_poly.pdbx_seq_one_letter_code_can   
;MIEETAKKVKELGFKKAGLLATTGTIVSGVYEKEFSKYGVEIMTPTEDEQKDVMRGIYEGVKAGNLKLGRELLLKTAKIL
EERGAECIIAGCTEVSVVLKQDDLKVPLIDP
;
_entity_poly.pdbx_strand_id                 A 
_entity_poly.pdbx_target_identifier         ? 
# 
loop_
_pdbx_entity_nonpoly.entity_id 
_pdbx_entity_nonpoly.name 
_pdbx_entity_nonpoly.comp_id 
2 'CALCIUM ION' CA  
3 water         HOH 
# 
loop_
_entity_poly_seq.entity_id 
_entity_poly_seq.num 
_entity_poly_seq.mon_id 
_entity_poly_seq.hetero 
1 1   MET n 
1 2   ILE n 
1 3   GLU n 
1 4   GLU n 
1 5   THR n 
1 6   ALA n 
1 7   LYS n 
1 8   LYS n 
1 9   VAL n 
1 10  LYS n 
1 11  GLU n 
1 12  LEU n 
1 13  GLY n 
1 14  PHE n 
1 15  LYS n 
1 16  LYS n 
1 17  ALA n 
1 18  GLY n 
1 19  LEU n 
1 20  LEU n 
1 21  ALA n 
1 22  THR n 
1 23  THR n 
1 24  GLY n 
1 25  THR n 
1 26  ILE n 
1 27  VAL n 
1 28  SER n 
1 29  GLY n 
1 30  VAL n 
1 31  TYR n 
1 32  GLU n 
1 33  LYS n 
1 34  GLU n 
1 35  PHE n 
1 36  SER n 
1 37  LYS n 
1 38  TYR n 
1 39  GLY n 
1 40  VAL n 
1 41  GLU n 
1 42  ILE n 
1 43  MET n 
1 44  THR n 
1 45  PRO n 
1 46  THR n 
1 47  GLU n 
1 48  ASP n 
1 49  GLU n 
1 50  GLN n 
1 51  LYS n 
1 52  ASP n 
1 53  VAL n 
1 54  MET n 
1 55  ARG n 
1 56  GLY n 
1 57  ILE n 
1 58  TYR n 
1 59  GLU n 
1 60  GLY n 
1 61  VAL n 
1 62  LYS n 
1 63  ALA n 
1 64  GLY n 
1 65  ASN n 
1 66  LEU n 
1 67  LYS n 
1 68  LEU n 
1 69  GLY n 
1 70  ARG n 
1 71  GLU n 
1 72  LEU n 
1 73  LEU n 
1 74  LEU n 
1 75  LYS n 
1 76  THR n 
1 77  ALA n 
1 78  LYS n 
1 79  ILE n 
1 80  LEU n 
1 81  GLU n 
1 82  GLU n 
1 83  ARG n 
1 84  GLY n 
1 85  ALA n 
1 86  GLU n 
1 87  CYS n 
1 88  ILE n 
1 89  ILE n 
1 90  ALA n 
1 91  GLY n 
1 92  CYS n 
1 93  THR n 
1 94  GLU n 
1 95  VAL n 
1 96  SER n 
1 97  VAL n 
1 98  VAL n 
1 99  LEU n 
1 100 LYS n 
1 101 GLN n 
1 102 ASP n 
1 103 ASP n 
1 104 LEU n 
1 105 LYS n 
1 106 VAL n 
1 107 PRO n 
1 108 LEU n 
1 109 ILE n 
1 110 ASP n 
1 111 PRO n 
# 
_entity_src_gen.entity_id                          1 
_entity_src_gen.pdbx_src_id                        1 
_entity_src_gen.pdbx_alt_source_flag               sample 
_entity_src_gen.pdbx_seq_type                      ? 
_entity_src_gen.pdbx_beg_seq_num                   ? 
_entity_src_gen.pdbx_end_seq_num                   ? 
_entity_src_gen.gene_src_common_name               ? 
_entity_src_gen.gene_src_genus                     Pyrococcus 
_entity_src_gen.pdbx_gene_src_gene                 pPH0670E 
_entity_src_gen.gene_src_species                   'Pyrococcus horikoshii' 
_entity_src_gen.gene_src_strain                    OT3 
_entity_src_gen.gene_src_tissue                    ? 
_entity_src_gen.gene_src_tissue_fraction           ? 
_entity_src_gen.gene_src_details                   ? 
_entity_src_gen.pdbx_gene_src_fragment             ? 
_entity_src_gen.pdbx_gene_src_scientific_name      'Pyrococcus horikoshii' 
_entity_src_gen.pdbx_gene_src_ncbi_taxonomy_id     70601 
_entity_src_gen.pdbx_gene_src_variant              ? 
_entity_src_gen.pdbx_gene_src_cell_line            ? 
_entity_src_gen.pdbx_gene_src_atcc                 ? 
_entity_src_gen.pdbx_gene_src_organ                ? 
_entity_src_gen.pdbx_gene_src_organelle            ? 
_entity_src_gen.pdbx_gene_src_cell                 ? 
_entity_src_gen.pdbx_gene_src_cellular_location    ? 
_entity_src_gen.host_org_common_name               ? 
_entity_src_gen.pdbx_host_org_scientific_name      'Escherichia coli BL21' 
_entity_src_gen.pdbx_host_org_ncbi_taxonomy_id     511693 
_entity_src_gen.host_org_genus                     Escherichia 
_entity_src_gen.pdbx_host_org_gene                 ? 
_entity_src_gen.pdbx_host_org_organ                ? 
_entity_src_gen.host_org_species                   'Escherichia coli' 
_entity_src_gen.pdbx_host_org_tissue               ? 
_entity_src_gen.pdbx_host_org_tissue_fraction      ? 
_entity_src_gen.pdbx_host_org_strain               BL21 
_entity_src_gen.pdbx_host_org_variant              ? 
_entity_src_gen.pdbx_host_org_cell_line            ? 
_entity_src_gen.pdbx_host_org_atcc                 ? 
_entity_src_gen.pdbx_host_org_culture_collection   ? 
_entity_src_gen.pdbx_host_org_cell                 ? 
_entity_src_gen.pdbx_host_org_organelle            ? 
_entity_src_gen.pdbx_host_org_cellular_location    ? 
_entity_src_gen.pdbx_host_org_vector_type          PLASMID 
_entity_src_gen.pdbx_host_org_vector               ? 
_entity_src_gen.host_org_details                   ? 
_entity_src_gen.expression_system_id               ? 
_entity_src_gen.plasmid_name                       pET23c 
_entity_src_gen.plasmid_details                    ? 
_entity_src_gen.pdbx_description                   ? 
# 
loop_
_chem_comp.id 
_chem_comp.type 
_chem_comp.mon_nstd_flag 
_chem_comp.name 
_chem_comp.pdbx_synonyms 
_chem_comp.formula 
_chem_comp.formula_weight 
ALA 'L-peptide linking' y ALANINE         ? 'C3 H7 N O2'     89.093  
ARG 'L-peptide linking' y ARGININE        ? 'C6 H15 N4 O2 1' 175.209 
ASN 'L-peptide linking' y ASPARAGINE      ? 'C4 H8 N2 O3'    132.118 
ASP 'L-peptide linking' y 'ASPARTIC ACID' ? 'C4 H7 N O4'     133.103 
CA  non-polymer         . 'CALCIUM ION'   ? 'Ca 2'           40.078  
CYS 'L-peptide linking' y CYSTEINE        ? 'C3 H7 N O2 S'   121.158 
GLN 'L-peptide linking' y GLUTAMINE       ? 'C5 H10 N2 O3'   146.144 
GLU 'L-peptide linking' y 'GLUTAMIC ACID' ? 'C5 H9 N O4'     147.129 
GLY 'peptide linking'   y GLYCINE         ? 'C2 H5 N O2'     75.067  
HOH non-polymer         . WATER           ? 'H2 O'           18.015  
ILE 'L-peptide linking' y ISOLEUCINE      ? 'C6 H13 N O2'    131.173 
LEU 'L-peptide linking' y LEUCINE         ? 'C6 H13 N O2'    131.173 
LYS 'L-peptide linking' y LYSINE          ? 'C6 H15 N2 O2 1' 147.195 
MET 'L-peptide linking' y METHIONINE      ? 'C5 H11 N O2 S'  149.211 
PHE 'L-peptide linking' y PHENYLALANINE   ? 'C9 H11 N O2'    165.189 
PRO 'L-peptide linking' y PROLINE         ? 'C5 H9 N O2'     115.130 
SER 'L-peptide linking' y SERINE          ? 'C3 H7 N O3'     105.093 
THR 'L-peptide linking' y THREONINE       ? 'C4 H9 N O3'     119.119 
TYR 'L-peptide linking' y TYROSINE        ? 'C9 H11 N O3'    181.189 
VAL 'L-peptide linking' y VALINE          ? 'C5 H11 N O2'    117.146 
# 
loop_
_pdbx_poly_seq_scheme.asym_id 
_pdbx_poly_seq_scheme.entity_id 
_pdbx_poly_seq_scheme.seq_id 
_pdbx_poly_seq_scheme.mon_id 
_pdbx_poly_seq_scheme.ndb_seq_num 
_pdbx_poly_seq_scheme.pdb_seq_num 
_pdbx_poly_seq_scheme.auth_seq_num 
_pdbx_poly_seq_scheme.pdb_mon_id 
_pdbx_poly_seq_scheme.auth_mon_id 
_pdbx_poly_seq_scheme.pdb_strand_id 
_pdbx_poly_seq_scheme.pdb_ins_code 
_pdbx_poly_seq_scheme.hetero 
A 1 1   MET 1   103 103 MET MET A . n 
A 1 2   ILE 2   104 104 ILE ILE A . n 
A 1 3   GLU 3   105 105 GLU GLU A . n 
A 1 4   GLU 4   106 106 GLU GLU A . n 
A 1 5   THR 5   107 107 THR THR A . n 
A 1 6   ALA 6   108 108 ALA ALA A . n 
A 1 7   LYS 7   109 109 LYS LYS A . n 
A 1 8   LYS 8   110 110 LYS LYS A . n 
A 1 9   VAL 9   111 111 VAL VAL A . n 
A 1 10  LYS 10  112 112 LYS LYS A . n 
A 1 11  GLU 11  113 113 GLU GLU A . n 
A 1 12  LEU 12  114 114 LEU LEU A . n 
A 1 13  GLY 13  115 115 GLY GLY A . n 
A 1 14  PHE 14  116 116 PHE PHE A . n 
A 1 15  LYS 15  117 117 LYS LYS A . n 
A 1 16  LYS 16  118 118 LYS LYS A . n 
A 1 17  ALA 17  119 119 ALA ALA A . n 
A 1 18  GLY 18  120 120 GLY GLY A . n 
A 1 19  LEU 19  121 121 LEU LEU A . n 
A 1 20  LEU 20  122 122 LEU LEU A . n 
A 1 21  ALA 21  123 123 ALA ALA A . n 
A 1 22  THR 22  124 124 THR THR A . n 
A 1 23  THR 23  125 125 THR THR A . n 
A 1 24  GLY 24  126 126 GLY GLY A . n 
A 1 25  THR 25  127 127 THR THR A . n 
A 1 26  ILE 26  128 128 ILE ILE A . n 
A 1 27  VAL 27  129 129 VAL VAL A . n 
A 1 28  SER 28  130 130 SER SER A . n 
A 1 29  GLY 29  131 131 GLY GLY A . n 
A 1 30  VAL 30  132 132 VAL VAL A . n 
A 1 31  TYR 31  133 133 TYR TYR A . n 
A 1 32  GLU 32  134 134 GLU GLU A . n 
A 1 33  LYS 33  135 135 LYS LYS A . n 
A 1 34  GLU 34  136 136 GLU GLU A . n 
A 1 35  PHE 35  137 137 PHE PHE A . n 
A 1 36  SER 36  138 138 SER SER A . n 
A 1 37  LYS 37  139 139 LYS LYS A . n 
A 1 38  TYR 38  140 140 TYR TYR A . n 
A 1 39  GLY 39  141 141 GLY GLY A . n 
A 1 40  VAL 40  142 142 VAL VAL A . n 
A 1 41  GLU 41  143 143 GLU GLU A . n 
A 1 42  ILE 42  144 144 ILE ILE A . n 
A 1 43  MET 43  145 145 MET MET A . n 
A 1 44  THR 44  146 146 THR THR A . n 
A 1 45  PRO 45  147 147 PRO PRO A . n 
A 1 46  THR 46  148 148 THR THR A . n 
A 1 47  GLU 47  149 149 GLU GLU A . n 
A 1 48  ASP 48  150 150 ASP ASP A . n 
A 1 49  GLU 49  151 151 GLU GLU A . n 
A 1 50  GLN 50  152 152 GLN GLN A . n 
A 1 51  LYS 51  153 153 LYS LYS A . n 
A 1 52  ASP 52  154 154 ASP ASP A . n 
A 1 53  VAL 53  155 155 VAL VAL A . n 
A 1 54  MET 54  156 156 MET MET A . n 
A 1 55  ARG 55  157 157 ARG ARG A . n 
A 1 56  GLY 56  158 158 GLY GLY A . n 
A 1 57  ILE 57  159 159 ILE ILE A . n 
A 1 58  TYR 58  160 160 TYR TYR A . n 
A 1 59  GLU 59  161 161 GLU GLU A . n 
A 1 60  GLY 60  162 162 GLY GLY A . n 
A 1 61  VAL 61  163 163 VAL VAL A . n 
A 1 62  LYS 62  164 164 LYS LYS A . n 
A 1 63  ALA 63  165 165 ALA ALA A . n 
A 1 64  GLY 64  166 166 GLY GLY A . n 
A 1 65  ASN 65  167 167 ASN ASN A . n 
A 1 66  LEU 66  168 168 LEU LEU A . n 
A 1 67  LYS 67  169 169 LYS LYS A . n 
A 1 68  LEU 68  170 170 LEU LEU A . n 
A 1 69  GLY 69  171 171 GLY GLY A . n 
A 1 70  ARG 70  172 172 ARG ARG A . n 
A 1 71  GLU 71  173 173 GLU GLU A . n 
A 1 72  LEU 72  174 174 LEU LEU A . n 
A 1 73  LEU 73  175 175 LEU LEU A . n 
A 1 74  LEU 74  176 176 LEU LEU A . n 
A 1 75  LYS 75  177 177 LYS LYS A . n 
A 1 76  THR 76  178 178 THR THR A . n 
A 1 77  ALA 77  179 179 ALA ALA A . n 
A 1 78  LYS 78  180 180 LYS LYS A . n 
A 1 79  ILE 79  181 181 ILE ILE A . n 
A 1 80  LEU 80  182 182 LEU LEU A . n 
A 1 81  GLU 81  183 183 GLU GLU A . n 
A 1 82  GLU 82  184 184 GLU GLU A . n 
A 1 83  ARG 83  185 185 ARG ARG A . n 
A 1 84  GLY 84  186 186 GLY GLY A . n 
A 1 85  ALA 85  187 187 ALA ALA A . n 
A 1 86  GLU 86  188 188 GLU GLU A . n 
A 1 87  CYS 87  189 189 CYS CYS A . n 
A 1 88  ILE 88  190 190 ILE ILE A . n 
A 1 89  ILE 89  191 191 ILE ILE A . n 
A 1 90  ALA 90  192 192 ALA ALA A . n 
A 1 91  GLY 91  193 193 GLY GLY A . n 
A 1 92  CYS 92  194 194 CYS CYS A . n 
A 1 93  THR 93  195 195 THR THR A . n 
A 1 94  GLU 94  196 196 GLU GLU A . n 
A 1 95  VAL 95  197 197 VAL VAL A . n 
A 1 96  SER 96  198 198 SER SER A . n 
A 1 97  VAL 97  199 199 VAL VAL A . n 
A 1 98  VAL 98  200 200 VAL VAL A . n 
A 1 99  LEU 99  201 201 LEU LEU A . n 
A 1 100 LYS 100 202 202 LYS LYS A . n 
A 1 101 GLN 101 203 203 GLN GLN A . n 
A 1 102 ASP 102 204 204 ASP ASP A . n 
A 1 103 ASP 103 205 205 ASP ASP A . n 
A 1 104 LEU 104 206 206 LEU LEU A . n 
A 1 105 LYS 105 207 207 LYS LYS A . n 
A 1 106 VAL 106 208 208 VAL VAL A . n 
A 1 107 PRO 107 209 209 PRO PRO A . n 
A 1 108 LEU 108 210 210 LEU LEU A . n 
A 1 109 ILE 109 211 211 ILE ILE A . n 
A 1 110 ASP 110 212 212 ASP ASP A . n 
A 1 111 PRO 111 213 213 PRO PRO A . n 
# 
loop_
_pdbx_nonpoly_scheme.asym_id 
_pdbx_nonpoly_scheme.entity_id 
_pdbx_nonpoly_scheme.mon_id 
_pdbx_nonpoly_scheme.ndb_seq_num 
_pdbx_nonpoly_scheme.pdb_seq_num 
_pdbx_nonpoly_scheme.auth_seq_num 
_pdbx_nonpoly_scheme.pdb_mon_id 
_pdbx_nonpoly_scheme.auth_mon_id 
_pdbx_nonpoly_scheme.pdb_strand_id 
_pdbx_nonpoly_scheme.pdb_ins_code 
B 2 CA  1  1   1  CA  CA2 A . 
C 3 HOH 1  214 1  HOH WAT A . 
C 3 HOH 2  215 2  HOH WAT A . 
C 3 HOH 3  216 3  HOH WAT A . 
C 3 HOH 4  217 4  HOH WAT A . 
C 3 HOH 5  218 5  HOH WAT A . 
C 3 HOH 6  219 6  HOH WAT A . 
C 3 HOH 7  220 7  HOH WAT A . 
C 3 HOH 8  221 8  HOH WAT A . 
C 3 HOH 9  222 9  HOH WAT A . 
C 3 HOH 10 223 10 HOH WAT A . 
C 3 HOH 11 224 11 HOH WAT A . 
C 3 HOH 12 225 12 HOH WAT A . 
C 3 HOH 13 226 13 HOH WAT A . 
C 3 HOH 14 227 14 HOH WAT A . 
C 3 HOH 15 228 15 HOH WAT A . 
C 3 HOH 16 229 16 HOH WAT A . 
C 3 HOH 17 230 17 HOH WAT A . 
C 3 HOH 18 231 18 HOH WAT A . 
C 3 HOH 19 232 19 HOH WAT A . 
C 3 HOH 20 233 20 HOH WAT A . 
C 3 HOH 21 234 21 HOH WAT A . 
C 3 HOH 22 235 22 HOH WAT A . 
C 3 HOH 23 236 23 HOH WAT A . 
C 3 HOH 24 237 24 HOH WAT A . 
C 3 HOH 25 238 25 HOH WAT A . 
C 3 HOH 26 239 26 HOH WAT A . 
C 3 HOH 27 240 27 HOH WAT A . 
C 3 HOH 28 241 28 HOH WAT A . 
C 3 HOH 29 242 29 HOH WAT A . 
C 3 HOH 30 243 30 HOH WAT A . 
C 3 HOH 31 244 31 HOH WAT A . 
C 3 HOH 32 245 32 HOH WAT A . 
C 3 HOH 33 246 33 HOH WAT A . 
C 3 HOH 34 247 34 HOH WAT A . 
C 3 HOH 35 248 35 HOH WAT A . 
C 3 HOH 36 249 36 HOH WAT A . 
C 3 HOH 37 250 37 HOH WAT A . 
C 3 HOH 38 251 38 HOH WAT A . 
C 3 HOH 39 252 39 HOH WAT A . 
C 3 HOH 40 253 40 HOH WAT A . 
C 3 HOH 41 254 41 HOH WAT A . 
C 3 HOH 42 255 42 HOH WAT A . 
C 3 HOH 43 256 43 HOH WAT A . 
C 3 HOH 44 257 44 HOH WAT A . 
C 3 HOH 45 258 45 HOH WAT A . 
C 3 HOH 46 259 46 HOH WAT A . 
C 3 HOH 47 260 47 HOH WAT A . 
C 3 HOH 48 261 48 HOH WAT A . 
C 3 HOH 49 262 49 HOH WAT A . 
C 3 HOH 50 263 50 HOH WAT A . 
C 3 HOH 51 264 51 HOH WAT A . 
C 3 HOH 52 265 52 HOH WAT A . 
C 3 HOH 53 266 53 HOH WAT A . 
C 3 HOH 54 267 54 HOH WAT A . 
C 3 HOH 55 268 55 HOH WAT A . 
C 3 HOH 56 269 56 HOH WAT A . 
# 
loop_
_software.name 
_software.classification 
_software.version 
_software.citation_id 
_software.pdbx_ordinal 
MOSFLM 'data reduction' .         ? 1 
SCALA  'data scaling'   .         ? 2 
AMoRE  phasing          .         ? 3 
CNS    refinement       1.0       ? 4 
CCP4   'data scaling'   '(SCALA)' ? 5 
# 
_cell.entry_id           1IU9 
_cell.length_a           36.829 
_cell.length_b           45.328 
_cell.length_c           57.366 
_cell.angle_alpha        90.00 
_cell.angle_beta         90.00 
_cell.angle_gamma        90.00 
_cell.Z_PDB              4 
_cell.pdbx_unique_axis   ? 
# 
_symmetry.entry_id                         1IU9 
_symmetry.space_group_name_H-M             'P 21 21 21' 
_symmetry.pdbx_full_space_group_name_H-M   ? 
_symmetry.cell_setting                     ? 
_symmetry.Int_Tables_number                19 
# 
_exptl.entry_id          1IU9 
_exptl.method            'X-RAY DIFFRACTION' 
_exptl.crystals_number   1 
# 
_exptl_crystal.id                    1 
_exptl_crystal.density_meas          ? 
_exptl_crystal.density_percent_sol   37.43 
_exptl_crystal.density_Matthews      1.97 
_exptl_crystal.description           ? 
# 
_exptl_crystal_grow.crystal_id      1 
_exptl_crystal_grow.method          'VAPOR DIFFUSION, SITTING DROP' 
_exptl_crystal_grow.temp            293.2 
_exptl_crystal_grow.temp_details    ? 
_exptl_crystal_grow.pH              6.5 
_exptl_crystal_grow.pdbx_details    
'16% Peg8000, 0.10M MES, 0.2M Calcium acetate, pH 6.5, VAPOR DIFFUSION, SITTING DROP, temperature 293.2K' 
_exptl_crystal_grow.pdbx_pH_range   . 
# 
_diffrn.id                     1 
_diffrn.ambient_temp           90 
_diffrn.ambient_temp_details   ? 
_diffrn.crystal_id             1 
# 
_diffrn_detector.diffrn_id              1 
_diffrn_detector.detector               CCD 
_diffrn_detector.type                   MARRESEARCH 
_diffrn_detector.pdbx_collection_date   2001-02-28 
_diffrn_detector.details                ? 
# 
_diffrn_radiation.diffrn_id                        1 
_diffrn_radiation.wavelength_id                    1 
_diffrn_radiation.pdbx_monochromatic_or_laue_m_l   M 
_diffrn_radiation.monochromator                    'a fixed-exit double crystal monochramator' 
_diffrn_radiation.pdbx_diffrn_protocol             'SINGLE WAVELENGTH' 
_diffrn_radiation.pdbx_scattering_type             x-ray 
# 
_diffrn_radiation_wavelength.id           1 
_diffrn_radiation_wavelength.wavelength   1.000 
_diffrn_radiation_wavelength.wt           1.0 
# 
_diffrn_source.diffrn_id                   1 
_diffrn_source.source                      SYNCHROTRON 
_diffrn_source.type                        'SPRING-8 BEAMLINE BL44B2' 
_diffrn_source.pdbx_synchrotron_site       SPring-8 
_diffrn_source.pdbx_synchrotron_beamline   BL44B2 
_diffrn_source.pdbx_wavelength             ? 
_diffrn_source.pdbx_wavelength_list        1.000 
# 
_reflns.entry_id                     1IU9 
_reflns.observed_criterion_sigma_I   3.0 
_reflns.observed_criterion_sigma_F   3.0 
_reflns.d_resolution_low             50 
_reflns.d_resolution_high            2.04 
_reflns.number_obs                   34023 
_reflns.number_all                   34260 
_reflns.percent_possible_obs         99.3 
_reflns.pdbx_Rmerge_I_obs            0.108 
_reflns.pdbx_Rsym_value              0.098 
_reflns.pdbx_netI_over_sigmaI        5.2 
_reflns.B_iso_Wilson_estimate        21.1 
_reflns.pdbx_redundancy              5.4 
_reflns.R_free_details               ? 
_reflns.limit_h_max                  ? 
_reflns.limit_h_min                  ? 
_reflns.limit_k_max                  ? 
_reflns.limit_k_min                  ? 
_reflns.limit_l_max                  ? 
_reflns.limit_l_min                  ? 
_reflns.observed_criterion_F_max     ? 
_reflns.observed_criterion_F_min     ? 
_reflns.pdbx_ordinal                 1 
_reflns.pdbx_diffrn_id               1 
# 
_reflns_shell.d_res_high             2.04 
_reflns_shell.d_res_low              2.15 
_reflns_shell.percent_possible_all   96.3 
_reflns_shell.Rmerge_I_obs           0.252 
_reflns_shell.pdbx_Rsym_value        0.226 
_reflns_shell.meanI_over_sigI_obs    3.0 
_reflns_shell.pdbx_redundancy        5.1 
_reflns_shell.percent_possible_obs   ? 
_reflns_shell.number_unique_all      837 
_reflns_shell.pdbx_ordinal           1 
_reflns_shell.pdbx_diffrn_id         1 
# 
_refine.entry_id                                 1IU9 
_refine.ls_number_reflns_obs                     6457 
_refine.ls_number_reflns_all                     6491 
_refine.pdbx_ls_sigma_I                          ? 
_refine.pdbx_ls_sigma_F                          0.0 
_refine.pdbx_data_cutoff_high_absF               ? 
_refine.pdbx_data_cutoff_low_absF                ? 
_refine.ls_d_res_low                             50 
_refine.ls_d_res_high                            2.04 
_refine.ls_percent_reflns_obs                    99.4 
_refine.ls_R_factor_obs                          0.225 
_refine.ls_R_factor_all                          ? 
_refine.ls_R_factor_R_work                       0.225 
_refine.ls_R_factor_R_free                       0.267 
_refine.ls_R_factor_R_free_error                 0.015 
_refine.ls_R_factor_R_free_error_details         ? 
_refine.ls_percent_reflns_R_free                 5.2 
_refine.ls_number_reflns_R_free                  334 
_refine.ls_number_parameters                     ? 
_refine.ls_number_restraints                     ? 
_refine.occupancy_min                            ? 
_refine.occupancy_max                            ? 
_refine.correlation_coeff_Fo_to_Fc               ? 
_refine.correlation_coeff_Fo_to_Fc_free          ? 
_refine.B_iso_mean                               23.2 
_refine.aniso_B[1][1]                            1.91 
_refine.aniso_B[2][2]                            -5.71 
_refine.aniso_B[3][3]                            3.80 
_refine.aniso_B[1][2]                            0.00 
_refine.aniso_B[1][3]                            0.00 
_refine.aniso_B[2][3]                            0.00 
_refine.solvent_model_details                    'FLAT MODEL' 
_refine.solvent_model_param_ksol                 0.371495 
_refine.solvent_model_param_bsol                 52.7606 
_refine.pdbx_solvent_vdw_probe_radii             ? 
_refine.pdbx_solvent_ion_probe_radii             ? 
_refine.pdbx_solvent_shrinkage_radii             ? 
_refine.pdbx_ls_cross_valid_method               THROUGHOUT 
_refine.details                                  ? 
_refine.pdbx_starting_model                      
'C-terminal domain in the intact structure of aspartate racemase from Pyrococcus horikoshii OT3' 
_refine.pdbx_method_to_determine_struct          'MOLECULAR REPLACEMENT' 
_refine.pdbx_isotropic_thermal_model             RESTRAINED 
_refine.pdbx_stereochemistry_target_values       'Engh & Huber' 
_refine.pdbx_stereochem_target_val_spec_case     ? 
_refine.pdbx_R_Free_selection_details            RANDOM 
_refine.pdbx_overall_ESU_R_Free                  ? 
_refine.overall_SU_B                             ? 
_refine.ls_redundancy_reflns_obs                 ? 
_refine.B_iso_min                                ? 
_refine.B_iso_max                                ? 
_refine.overall_SU_R_Cruickshank_DPI             ? 
_refine.overall_SU_R_free                        ? 
_refine.overall_SU_ML                            ? 
_refine.pdbx_overall_ESU_R                       ? 
_refine.pdbx_data_cutoff_high_rms_absF           ? 
_refine.pdbx_refine_id                           'X-RAY DIFFRACTION' 
_refine.pdbx_diffrn_id                           1 
_refine.pdbx_TLS_residual_ADP_flag               ? 
_refine.pdbx_overall_phase_error                 ? 
_refine.pdbx_overall_SU_R_free_Cruickshank_DPI   ? 
_refine.pdbx_overall_SU_R_Blow_DPI               ? 
_refine.pdbx_overall_SU_R_free_Blow_DPI          ? 
# 
_refine_analyze.entry_id                        1IU9 
_refine_analyze.Luzzati_coordinate_error_obs    ? 
_refine_analyze.Luzzati_sigma_a_obs             ? 
_refine_analyze.Luzzati_d_res_low_obs           ? 
_refine_analyze.Luzzati_coordinate_error_free   0.32 
_refine_analyze.Luzzati_sigma_a_free            0.21 
_refine_analyze.Luzzati_d_res_low_free          ? 
_refine_analyze.number_disordered_residues      ? 
_refine_analyze.occupancy_sum_hydrogen          ? 
_refine_analyze.occupancy_sum_non_hydrogen      ? 
_refine_analyze.pdbx_Luzzati_d_res_high_obs     ? 
_refine_analyze.pdbx_refine_id                  'X-RAY DIFFRACTION' 
# 
_refine_hist.pdbx_refine_id                   'X-RAY DIFFRACTION' 
_refine_hist.cycle_id                         LAST 
_refine_hist.pdbx_number_atoms_protein        850 
_refine_hist.pdbx_number_atoms_nucleic_acid   0 
_refine_hist.pdbx_number_atoms_ligand         1 
_refine_hist.number_atoms_solvent             56 
_refine_hist.number_atoms_total               907 
_refine_hist.d_res_high                       2.04 
_refine_hist.d_res_low                        50 
# 
loop_
_refine_ls_restr.type 
_refine_ls_restr.dev_ideal 
_refine_ls_restr.dev_ideal_target 
_refine_ls_restr.weight 
_refine_ls_restr.number 
_refine_ls_restr.pdbx_refine_id 
_refine_ls_restr.pdbx_restraint_function 
c_bond_d           0.005 ?    ? ? 'X-RAY DIFFRACTION' ? 
c_angle_deg        1.1   ?    ? ? 'X-RAY DIFFRACTION' ? 
c_dihedral_angle_d 20.9  ?    ? ? 'X-RAY DIFFRACTION' ? 
c_improper_angle_d 0.73  ?    ? ? 'X-RAY DIFFRACTION' ? 
c_mcbond_it        1.42  1.50 ? ? 'X-RAY DIFFRACTION' ? 
c_mcangle_it       2.20  2.00 ? ? 'X-RAY DIFFRACTION' ? 
c_scbond_it        2.27  2.00 ? ? 'X-RAY DIFFRACTION' ? 
c_scangle_it       3.38  2.50 ? ? 'X-RAY DIFFRACTION' ? 
# 
_refine_ls_shell.pdbx_total_number_of_bins_used   6 
_refine_ls_shell.d_res_high                       2.04 
_refine_ls_shell.d_res_low                        2.17 
_refine_ls_shell.number_reflns_R_work             986 
_refine_ls_shell.R_factor_R_work                  0.232 
_refine_ls_shell.percent_reflns_obs               98.3 
_refine_ls_shell.R_factor_R_free                  0.299 
_refine_ls_shell.R_factor_R_free_error            0.039 
_refine_ls_shell.percent_reflns_R_free            5.7 
_refine_ls_shell.number_reflns_R_free             60 
_refine_ls_shell.number_reflns_obs                ? 
_refine_ls_shell.redundancy_reflns_obs            ? 
_refine_ls_shell.number_reflns_all                ? 
_refine_ls_shell.pdbx_refine_id                   'X-RAY DIFFRACTION' 
_refine_ls_shell.R_factor_all                     ? 
# 
loop_
_pdbx_xplor_file.serial_no 
_pdbx_xplor_file.param_file 
_pdbx_xplor_file.topol_file 
_pdbx_xplor_file.pdbx_refine_id 
1 PROTEIN_REP.PARAM PROTEIN.TOP 'X-RAY DIFFRACTION' 
2 WATER_REP.PARAM   WATER.TOP   'X-RAY DIFFRACTION' 
3 ION.PARAM         ION.TOP     'X-RAY DIFFRACTION' 
# 
_struct.entry_id                  1IU9 
_struct.title                     'Crystal structure of the C-terminal domain of aspartate racemase from Pyrococcus horikoshii OT3' 
_struct.pdbx_model_details        ? 
_struct.pdbx_CASP_flag            ? 
_struct.pdbx_model_type_details   ? 
# 
_struct_keywords.entry_id        1IU9 
_struct_keywords.pdbx_keywords   ISOMERASE 
_struct_keywords.text            'Aspartate racemase, C-terminal domain, ISOMERASE' 
# 
loop_
_struct_asym.id 
_struct_asym.pdbx_blank_PDB_chainid_flag 
_struct_asym.pdbx_modified 
_struct_asym.entity_id 
_struct_asym.details 
A N N 1 ? 
B N N 2 ? 
C N N 3 ? 
# 
_struct_ref.id                         1 
_struct_ref.db_name                    UNP 
_struct_ref.db_code                    O58403_PYRHO 
_struct_ref.entity_id                  1 
_struct_ref.pdbx_seq_one_letter_code   
;MIEETAKKVKELGFKKAGLLATTGTIVSGVYEKEFSKYGVEIMTPTEDEQKDVMRGIYEGVKAGNLKLGRELLLKTAKIL
EERGAECIIAGCTEVSVVLKQDDLKVPLIDP
;
_struct_ref.pdbx_align_begin           103 
_struct_ref.pdbx_db_accession          O58403 
_struct_ref.pdbx_db_isoform            ? 
# 
_struct_ref_seq.align_id                      1 
_struct_ref_seq.ref_id                        1 
_struct_ref_seq.pdbx_PDB_id_code              1IU9 
_struct_ref_seq.pdbx_strand_id                A 
_struct_ref_seq.seq_align_beg                 1 
_struct_ref_seq.pdbx_seq_align_beg_ins_code   ? 
_struct_ref_seq.seq_align_end                 111 
_struct_ref_seq.pdbx_seq_align_end_ins_code   ? 
_struct_ref_seq.pdbx_db_accession             O58403 
_struct_ref_seq.db_align_beg                  103 
_struct_ref_seq.pdbx_db_align_beg_ins_code    ? 
_struct_ref_seq.db_align_end                  213 
_struct_ref_seq.pdbx_db_align_end_ins_code    ? 
_struct_ref_seq.pdbx_auth_seq_align_beg       103 
_struct_ref_seq.pdbx_auth_seq_align_end       213 
# 
_pdbx_struct_assembly.id                   1 
_pdbx_struct_assembly.details              author_defined_assembly 
_pdbx_struct_assembly.method_details       ? 
_pdbx_struct_assembly.oligomeric_details   monomeric 
_pdbx_struct_assembly.oligomeric_count     1 
# 
_pdbx_struct_assembly_gen.assembly_id       1 
_pdbx_struct_assembly_gen.oper_expression   1 
_pdbx_struct_assembly_gen.asym_id_list      A,B,C 
# 
_pdbx_struct_oper_list.id                   1 
_pdbx_struct_oper_list.type                 'identity operation' 
_pdbx_struct_oper_list.name                 1_555 
_pdbx_struct_oper_list.symmetry_operation   x,y,z 
_pdbx_struct_oper_list.matrix[1][1]         1.0000000000 
_pdbx_struct_oper_list.matrix[1][2]         0.0000000000 
_pdbx_struct_oper_list.matrix[1][3]         0.0000000000 
_pdbx_struct_oper_list.vector[1]            0.0000000000 
_pdbx_struct_oper_list.matrix[2][1]         0.0000000000 
_pdbx_struct_oper_list.matrix[2][2]         1.0000000000 
_pdbx_struct_oper_list.matrix[2][3]         0.0000000000 
_pdbx_struct_oper_list.vector[2]            0.0000000000 
_pdbx_struct_oper_list.matrix[3][1]         0.0000000000 
_pdbx_struct_oper_list.matrix[3][2]         0.0000000000 
_pdbx_struct_oper_list.matrix[3][3]         1.0000000000 
_pdbx_struct_oper_list.vector[3]            0.0000000000 
# 
_struct_biol.id                    1 
_struct_biol.pdbx_parent_biol_id   ? 
_struct_biol.details               ? 
# 
loop_
_struct_conf.conf_type_id 
_struct_conf.id 
_struct_conf.pdbx_PDB_helix_id 
_struct_conf.beg_label_comp_id 
_struct_conf.beg_label_asym_id 
_struct_conf.beg_label_seq_id 
_struct_conf.pdbx_beg_PDB_ins_code 
_struct_conf.end_label_comp_id 
_struct_conf.end_label_asym_id 
_struct_conf.end_label_seq_id 
_struct_conf.pdbx_end_PDB_ins_code 
_struct_conf.beg_auth_comp_id 
_struct_conf.beg_auth_asym_id 
_struct_conf.beg_auth_seq_id 
_struct_conf.end_auth_comp_id 
_struct_conf.end_auth_asym_id 
_struct_conf.end_auth_seq_id 
_struct_conf.pdbx_PDB_helix_class 
_struct_conf.details 
_struct_conf.pdbx_PDB_helix_length 
HELX_P HELX_P1 1 MET A 1   ? LEU A 12  ? MET A 103 LEU A 114 1 ? 12 
HELX_P HELX_P2 2 THR A 22  ? GLY A 29  ? THR A 124 GLY A 131 1 ? 8  
HELX_P HELX_P3 3 GLY A 29  ? LYS A 37  ? GLY A 131 LYS A 139 1 ? 9  
HELX_P HELX_P4 4 THR A 46  ? GLU A 59  ? THR A 148 GLU A 161 1 ? 14 
HELX_P HELX_P5 5 ASN A 65  ? ARG A 83  ? ASN A 167 ARG A 185 1 ? 19 
HELX_P HELX_P6 6 CYS A 92  ? LEU A 99  ? CYS A 194 LEU A 201 1 ? 8  
HELX_P HELX_P7 7 LYS A 100 ? LEU A 104 ? LYS A 202 LEU A 206 5 ? 5  
# 
_struct_conf_type.id          HELX_P 
_struct_conf_type.criteria    ? 
_struct_conf_type.reference   ? 
# 
loop_
_struct_conn.id 
_struct_conn.conn_type_id 
_struct_conn.pdbx_leaving_atom_flag 
_struct_conn.pdbx_PDB_id 
_struct_conn.ptnr1_label_asym_id 
_struct_conn.ptnr1_label_comp_id 
_struct_conn.ptnr1_label_seq_id 
_struct_conn.ptnr1_label_atom_id 
_struct_conn.pdbx_ptnr1_label_alt_id 
_struct_conn.pdbx_ptnr1_PDB_ins_code 
_struct_conn.pdbx_ptnr1_standard_comp_id 
_struct_conn.ptnr1_symmetry 
_struct_conn.ptnr2_label_asym_id 
_struct_conn.ptnr2_label_comp_id 
_struct_conn.ptnr2_label_seq_id 
_struct_conn.ptnr2_label_atom_id 
_struct_conn.pdbx_ptnr2_label_alt_id 
_struct_conn.pdbx_ptnr2_PDB_ins_code 
_struct_conn.ptnr1_auth_asym_id 
_struct_conn.ptnr1_auth_comp_id 
_struct_conn.ptnr1_auth_seq_id 
_struct_conn.ptnr2_auth_asym_id 
_struct_conn.ptnr2_auth_comp_id 
_struct_conn.ptnr2_auth_seq_id 
_struct_conn.ptnr2_symmetry 
_struct_conn.pdbx_ptnr3_label_atom_id 
_struct_conn.pdbx_ptnr3_label_seq_id 
_struct_conn.pdbx_ptnr3_label_comp_id 
_struct_conn.pdbx_ptnr3_label_asym_id 
_struct_conn.pdbx_ptnr3_label_alt_id 
_struct_conn.pdbx_ptnr3_PDB_ins_code 
_struct_conn.details 
_struct_conn.pdbx_dist_value 
_struct_conn.pdbx_value_order 
_struct_conn.pdbx_role 
metalc1 metalc ? ? B CA . CA ? ? ? 1_555 A GLY 13  O   ? ? A CA 1 A GLY 115 3_545 ? ? ? ? ? ? ? 2.358 ? ? 
metalc2 metalc ? ? B CA . CA ? ? ? 1_555 A ASP 102 OD2 ? ? A CA 1 A ASP 204 1_555 ? ? ? ? ? ? ? 2.377 ? ? 
metalc3 metalc ? ? B CA . CA ? ? ? 1_555 A ASP 102 OD1 ? ? A CA 1 A ASP 204 1_555 ? ? ? ? ? ? ? 2.624 ? ? 
metalc4 metalc ? ? B CA . CA ? ? ? 1_555 C HOH .   O   ? ? A CA 1 A HOH 243 1_555 ? ? ? ? ? ? ? 2.259 ? ? 
metalc5 metalc ? ? B CA . CA ? ? ? 1_555 C HOH .   O   ? ? A CA 1 A HOH 244 1_555 ? ? ? ? ? ? ? 2.423 ? ? 
metalc6 metalc ? ? B CA . CA ? ? ? 1_555 C HOH .   O   ? ? A CA 1 A HOH 245 1_555 ? ? ? ? ? ? ? 2.492 ? ? 
metalc7 metalc ? ? B CA . CA ? ? ? 1_555 C HOH .   O   ? ? A CA 1 A HOH 256 1_555 ? ? ? ? ? ? ? 2.509 ? ? 
# 
_struct_conn_type.id          metalc 
_struct_conn_type.criteria    ? 
_struct_conn_type.reference   ? 
# 
loop_
_pdbx_struct_conn_angle.id 
_pdbx_struct_conn_angle.ptnr1_label_atom_id 
_pdbx_struct_conn_angle.ptnr1_label_alt_id 
_pdbx_struct_conn_angle.ptnr1_label_asym_id 
_pdbx_struct_conn_angle.ptnr1_label_comp_id 
_pdbx_struct_conn_angle.ptnr1_label_seq_id 
_pdbx_struct_conn_angle.ptnr1_auth_atom_id 
_pdbx_struct_conn_angle.ptnr1_auth_asym_id 
_pdbx_struct_conn_angle.ptnr1_auth_comp_id 
_pdbx_struct_conn_angle.ptnr1_auth_seq_id 
_pdbx_struct_conn_angle.ptnr1_PDB_ins_code 
_pdbx_struct_conn_angle.ptnr1_symmetry 
_pdbx_struct_conn_angle.ptnr2_label_atom_id 
_pdbx_struct_conn_angle.ptnr2_label_alt_id 
_pdbx_struct_conn_angle.ptnr2_label_asym_id 
_pdbx_struct_conn_angle.ptnr2_label_comp_id 
_pdbx_struct_conn_angle.ptnr2_label_seq_id 
_pdbx_struct_conn_angle.ptnr2_auth_atom_id 
_pdbx_struct_conn_angle.ptnr2_auth_asym_id 
_pdbx_struct_conn_angle.ptnr2_auth_comp_id 
_pdbx_struct_conn_angle.ptnr2_auth_seq_id 
_pdbx_struct_conn_angle.ptnr2_PDB_ins_code 
_pdbx_struct_conn_angle.ptnr2_symmetry 
_pdbx_struct_conn_angle.ptnr3_label_atom_id 
_pdbx_struct_conn_angle.ptnr3_label_alt_id 
_pdbx_struct_conn_angle.ptnr3_label_asym_id 
_pdbx_struct_conn_angle.ptnr3_label_comp_id 
_pdbx_struct_conn_angle.ptnr3_label_seq_id 
_pdbx_struct_conn_angle.ptnr3_auth_atom_id 
_pdbx_struct_conn_angle.ptnr3_auth_asym_id 
_pdbx_struct_conn_angle.ptnr3_auth_comp_id 
_pdbx_struct_conn_angle.ptnr3_auth_seq_id 
_pdbx_struct_conn_angle.ptnr3_PDB_ins_code 
_pdbx_struct_conn_angle.ptnr3_symmetry 
_pdbx_struct_conn_angle.value 
_pdbx_struct_conn_angle.value_esd 
1  O   ? A GLY 13  ? A GLY 115 ? 3_545 CA ? B CA . ? A CA 1 ? 1_555 OD2 ? A ASP 102 ? A ASP 204 ? 1_555 149.4 ? 
2  O   ? A GLY 13  ? A GLY 115 ? 3_545 CA ? B CA . ? A CA 1 ? 1_555 OD1 ? A ASP 102 ? A ASP 204 ? 1_555 157.0 ? 
3  OD2 ? A ASP 102 ? A ASP 204 ? 1_555 CA ? B CA . ? A CA 1 ? 1_555 OD1 ? A ASP 102 ? A ASP 204 ? 1_555 51.8  ? 
4  O   ? A GLY 13  ? A GLY 115 ? 3_545 CA ? B CA . ? A CA 1 ? 1_555 O   ? C HOH .   ? A HOH 243 ? 1_555 77.6  ? 
5  OD2 ? A ASP 102 ? A ASP 204 ? 1_555 CA ? B CA . ? A CA 1 ? 1_555 O   ? C HOH .   ? A HOH 243 ? 1_555 132.3 ? 
6  OD1 ? A ASP 102 ? A ASP 204 ? 1_555 CA ? B CA . ? A CA 1 ? 1_555 O   ? C HOH .   ? A HOH 243 ? 1_555 80.5  ? 
7  O   ? A GLY 13  ? A GLY 115 ? 3_545 CA ? B CA . ? A CA 1 ? 1_555 O   ? C HOH .   ? A HOH 244 ? 1_555 83.7  ? 
8  OD2 ? A ASP 102 ? A ASP 204 ? 1_555 CA ? B CA . ? A CA 1 ? 1_555 O   ? C HOH .   ? A HOH 244 ? 1_555 85.0  ? 
9  OD1 ? A ASP 102 ? A ASP 204 ? 1_555 CA ? B CA . ? A CA 1 ? 1_555 O   ? C HOH .   ? A HOH 244 ? 1_555 92.5  ? 
10 O   ? C HOH .   ? A HOH 243 ? 1_555 CA ? B CA . ? A CA 1 ? 1_555 O   ? C HOH .   ? A HOH 244 ? 1_555 97.9  ? 
11 O   ? A GLY 13  ? A GLY 115 ? 3_545 CA ? B CA . ? A CA 1 ? 1_555 O   ? C HOH .   ? A HOH 245 ? 1_555 105.2 ? 
12 OD2 ? A ASP 102 ? A ASP 204 ? 1_555 CA ? B CA . ? A CA 1 ? 1_555 O   ? C HOH .   ? A HOH 245 ? 1_555 89.1  ? 
13 OD1 ? A ASP 102 ? A ASP 204 ? 1_555 CA ? B CA . ? A CA 1 ? 1_555 O   ? C HOH .   ? A HOH 245 ? 1_555 77.7  ? 
14 O   ? C HOH .   ? A HOH 243 ? 1_555 CA ? B CA . ? A CA 1 ? 1_555 O   ? C HOH .   ? A HOH 245 ? 1_555 80.3  ? 
15 O   ? C HOH .   ? A HOH 244 ? 1_555 CA ? B CA . ? A CA 1 ? 1_555 O   ? C HOH .   ? A HOH 245 ? 1_555 170.2 ? 
16 O   ? A GLY 13  ? A GLY 115 ? 3_545 CA ? B CA . ? A CA 1 ? 1_555 O   ? C HOH .   ? A HOH 256 ? 1_555 75.6  ? 
17 OD2 ? A ASP 102 ? A ASP 204 ? 1_555 CA ? B CA . ? A CA 1 ? 1_555 O   ? C HOH .   ? A HOH 256 ? 1_555 81.7  ? 
18 OD1 ? A ASP 102 ? A ASP 204 ? 1_555 CA ? B CA . ? A CA 1 ? 1_555 O   ? C HOH .   ? A HOH 256 ? 1_555 126.6 ? 
19 O   ? C HOH .   ? A HOH 243 ? 1_555 CA ? B CA . ? A CA 1 ? 1_555 O   ? C HOH .   ? A HOH 256 ? 1_555 138.6 ? 
20 O   ? C HOH .   ? A HOH 244 ? 1_555 CA ? B CA . ? A CA 1 ? 1_555 O   ? C HOH .   ? A HOH 256 ? 1_555 109.8 ? 
21 O   ? C HOH .   ? A HOH 245 ? 1_555 CA ? B CA . ? A CA 1 ? 1_555 O   ? C HOH .   ? A HOH 256 ? 1_555 77.0  ? 
# 
_struct_sheet.id               A 
_struct_sheet.type             ? 
_struct_sheet.number_strands   4 
_struct_sheet.details          ? 
# 
loop_
_struct_sheet_order.sheet_id 
_struct_sheet_order.range_id_1 
_struct_sheet_order.range_id_2 
_struct_sheet_order.offset 
_struct_sheet_order.sense 
A 1 2 ? parallel 
A 2 3 ? parallel 
A 3 4 ? parallel 
# 
loop_
_struct_sheet_range.sheet_id 
_struct_sheet_range.id 
_struct_sheet_range.beg_label_comp_id 
_struct_sheet_range.beg_label_asym_id 
_struct_sheet_range.beg_label_seq_id 
_struct_sheet_range.pdbx_beg_PDB_ins_code 
_struct_sheet_range.end_label_comp_id 
_struct_sheet_range.end_label_asym_id 
_struct_sheet_range.end_label_seq_id 
_struct_sheet_range.pdbx_end_PDB_ins_code 
_struct_sheet_range.beg_auth_comp_id 
_struct_sheet_range.beg_auth_asym_id 
_struct_sheet_range.beg_auth_seq_id 
_struct_sheet_range.end_auth_comp_id 
_struct_sheet_range.end_auth_asym_id 
_struct_sheet_range.end_auth_seq_id 
A 1 GLU A 41  ? MET A 43  ? GLU A 143 MET A 145 
A 2 LYS A 16  ? LEU A 20  ? LYS A 118 LEU A 122 
A 3 ILE A 88  ? ALA A 90  ? ILE A 190 ALA A 192 
A 4 LEU A 108 ? ILE A 109 ? LEU A 210 ILE A 211 
# 
loop_
_pdbx_struct_sheet_hbond.sheet_id 
_pdbx_struct_sheet_hbond.range_id_1 
_pdbx_struct_sheet_hbond.range_id_2 
_pdbx_struct_sheet_hbond.range_1_label_atom_id 
_pdbx_struct_sheet_hbond.range_1_label_comp_id 
_pdbx_struct_sheet_hbond.range_1_label_asym_id 
_pdbx_struct_sheet_hbond.range_1_label_seq_id 
_pdbx_struct_sheet_hbond.range_1_PDB_ins_code 
_pdbx_struct_sheet_hbond.range_1_auth_atom_id 
_pdbx_struct_sheet_hbond.range_1_auth_comp_id 
_pdbx_struct_sheet_hbond.range_1_auth_asym_id 
_pdbx_struct_sheet_hbond.range_1_auth_seq_id 
_pdbx_struct_sheet_hbond.range_2_label_atom_id 
_pdbx_struct_sheet_hbond.range_2_label_comp_id 
_pdbx_struct_sheet_hbond.range_2_label_asym_id 
_pdbx_struct_sheet_hbond.range_2_label_seq_id 
_pdbx_struct_sheet_hbond.range_2_PDB_ins_code 
_pdbx_struct_sheet_hbond.range_2_auth_atom_id 
_pdbx_struct_sheet_hbond.range_2_auth_comp_id 
_pdbx_struct_sheet_hbond.range_2_auth_asym_id 
_pdbx_struct_sheet_hbond.range_2_auth_seq_id 
A 1 2 O MET A 43 ? O MET A 145 N ALA A 17  ? N ALA A 119 
A 2 3 N GLY A 18 ? N GLY A 120 O ILE A 89  ? O ILE A 191 
A 3 4 N ILE A 88 ? N ILE A 190 O ILE A 109 ? O ILE A 211 
# 
_struct_site.id                   AC1 
_struct_site.pdbx_evidence_code   Software 
_struct_site.pdbx_auth_asym_id    A 
_struct_site.pdbx_auth_comp_id    CA 
_struct_site.pdbx_auth_seq_id     1 
_struct_site.pdbx_auth_ins_code   ? 
_struct_site.pdbx_num_residues    6 
_struct_site.details              'BINDING SITE FOR RESIDUE CA A 1' 
# 
loop_
_struct_site_gen.id 
_struct_site_gen.site_id 
_struct_site_gen.pdbx_num_res 
_struct_site_gen.label_comp_id 
_struct_site_gen.label_asym_id 
_struct_site_gen.label_seq_id 
_struct_site_gen.pdbx_auth_ins_code 
_struct_site_gen.auth_comp_id 
_struct_site_gen.auth_asym_id 
_struct_site_gen.auth_seq_id 
_struct_site_gen.label_atom_id 
_struct_site_gen.label_alt_id 
_struct_site_gen.symmetry 
_struct_site_gen.details 
1 AC1 6 GLY A 13  ? GLY A 115 . ? 3_545 ? 
2 AC1 6 ASP A 102 ? ASP A 204 . ? 1_555 ? 
3 AC1 6 HOH C .   ? HOH A 243 . ? 1_555 ? 
4 AC1 6 HOH C .   ? HOH A 244 . ? 1_555 ? 
5 AC1 6 HOH C .   ? HOH A 245 . ? 1_555 ? 
6 AC1 6 HOH C .   ? HOH A 256 . ? 1_555 ? 
# 
loop_
_chem_comp_atom.comp_id 
_chem_comp_atom.atom_id 
_chem_comp_atom.type_symbol 
_chem_comp_atom.pdbx_aromatic_flag 
_chem_comp_atom.pdbx_stereo_config 
_chem_comp_atom.pdbx_ordinal 
ALA N    N  N N 1   
ALA CA   C  N S 2   
ALA C    C  N N 3   
ALA O    O  N N 4   
ALA CB   C  N N 5   
ALA OXT  O  N N 6   
ALA H    H  N N 7   
ALA H2   H  N N 8   
ALA HA   H  N N 9   
ALA HB1  H  N N 10  
ALA HB2  H  N N 11  
ALA HB3  H  N N 12  
ALA HXT  H  N N 13  
ARG N    N  N N 14  
ARG CA   C  N S 15  
ARG C    C  N N 16  
ARG O    O  N N 17  
ARG CB   C  N N 18  
ARG CG   C  N N 19  
ARG CD   C  N N 20  
ARG NE   N  N N 21  
ARG CZ   C  N N 22  
ARG NH1  N  N N 23  
ARG NH2  N  N N 24  
ARG OXT  O  N N 25  
ARG H    H  N N 26  
ARG H2   H  N N 27  
ARG HA   H  N N 28  
ARG HB2  H  N N 29  
ARG HB3  H  N N 30  
ARG HG2  H  N N 31  
ARG HG3  H  N N 32  
ARG HD2  H  N N 33  
ARG HD3  H  N N 34  
ARG HE   H  N N 35  
ARG HH11 H  N N 36  
ARG HH12 H  N N 37  
ARG HH21 H  N N 38  
ARG HH22 H  N N 39  
ARG HXT  H  N N 40  
ASN N    N  N N 41  
ASN CA   C  N S 42  
ASN C    C  N N 43  
ASN O    O  N N 44  
ASN CB   C  N N 45  
ASN CG   C  N N 46  
ASN OD1  O  N N 47  
ASN ND2  N  N N 48  
ASN OXT  O  N N 49  
ASN H    H  N N 50  
ASN H2   H  N N 51  
ASN HA   H  N N 52  
ASN HB2  H  N N 53  
ASN HB3  H  N N 54  
ASN HD21 H  N N 55  
ASN HD22 H  N N 56  
ASN HXT  H  N N 57  
ASP N    N  N N 58  
ASP CA   C  N S 59  
ASP C    C  N N 60  
ASP O    O  N N 61  
ASP CB   C  N N 62  
ASP CG   C  N N 63  
ASP OD1  O  N N 64  
ASP OD2  O  N N 65  
ASP OXT  O  N N 66  
ASP H    H  N N 67  
ASP H2   H  N N 68  
ASP HA   H  N N 69  
ASP HB2  H  N N 70  
ASP HB3  H  N N 71  
ASP HD2  H  N N 72  
ASP HXT  H  N N 73  
CA  CA   CA N N 74  
CYS N    N  N N 75  
CYS CA   C  N R 76  
CYS C    C  N N 77  
CYS O    O  N N 78  
CYS CB   C  N N 79  
CYS SG   S  N N 80  
CYS OXT  O  N N 81  
CYS H    H  N N 82  
CYS H2   H  N N 83  
CYS HA   H  N N 84  
CYS HB2  H  N N 85  
CYS HB3  H  N N 86  
CYS HG   H  N N 87  
CYS HXT  H  N N 88  
GLN N    N  N N 89  
GLN CA   C  N S 90  
GLN C    C  N N 91  
GLN O    O  N N 92  
GLN CB   C  N N 93  
GLN CG   C  N N 94  
GLN CD   C  N N 95  
GLN OE1  O  N N 96  
GLN NE2  N  N N 97  
GLN OXT  O  N N 98  
GLN H    H  N N 99  
GLN H2   H  N N 100 
GLN HA   H  N N 101 
GLN HB2  H  N N 102 
GLN HB3  H  N N 103 
GLN HG2  H  N N 104 
GLN HG3  H  N N 105 
GLN HE21 H  N N 106 
GLN HE22 H  N N 107 
GLN HXT  H  N N 108 
GLU N    N  N N 109 
GLU CA   C  N S 110 
GLU C    C  N N 111 
GLU O    O  N N 112 
GLU CB   C  N N 113 
GLU CG   C  N N 114 
GLU CD   C  N N 115 
GLU OE1  O  N N 116 
GLU OE2  O  N N 117 
GLU OXT  O  N N 118 
GLU H    H  N N 119 
GLU H2   H  N N 120 
GLU HA   H  N N 121 
GLU HB2  H  N N 122 
GLU HB3  H  N N 123 
GLU HG2  H  N N 124 
GLU HG3  H  N N 125 
GLU HE2  H  N N 126 
GLU HXT  H  N N 127 
GLY N    N  N N 128 
GLY CA   C  N N 129 
GLY C    C  N N 130 
GLY O    O  N N 131 
GLY OXT  O  N N 132 
GLY H    H  N N 133 
GLY H2   H  N N 134 
GLY HA2  H  N N 135 
GLY HA3  H  N N 136 
GLY HXT  H  N N 137 
HOH O    O  N N 138 
HOH H1   H  N N 139 
HOH H2   H  N N 140 
ILE N    N  N N 141 
ILE CA   C  N S 142 
ILE C    C  N N 143 
ILE O    O  N N 144 
ILE CB   C  N S 145 
ILE CG1  C  N N 146 
ILE CG2  C  N N 147 
ILE CD1  C  N N 148 
ILE OXT  O  N N 149 
ILE H    H  N N 150 
ILE H2   H  N N 151 
ILE HA   H  N N 152 
ILE HB   H  N N 153 
ILE HG12 H  N N 154 
ILE HG13 H  N N 155 
ILE HG21 H  N N 156 
ILE HG22 H  N N 157 
ILE HG23 H  N N 158 
ILE HD11 H  N N 159 
ILE HD12 H  N N 160 
ILE HD13 H  N N 161 
ILE HXT  H  N N 162 
LEU N    N  N N 163 
LEU CA   C  N S 164 
LEU C    C  N N 165 
LEU O    O  N N 166 
LEU CB   C  N N 167 
LEU CG   C  N N 168 
LEU CD1  C  N N 169 
LEU CD2  C  N N 170 
LEU OXT  O  N N 171 
LEU H    H  N N 172 
LEU H2   H  N N 173 
LEU HA   H  N N 174 
LEU HB2  H  N N 175 
LEU HB3  H  N N 176 
LEU HG   H  N N 177 
LEU HD11 H  N N 178 
LEU HD12 H  N N 179 
LEU HD13 H  N N 180 
LEU HD21 H  N N 181 
LEU HD22 H  N N 182 
LEU HD23 H  N N 183 
LEU HXT  H  N N 184 
LYS N    N  N N 185 
LYS CA   C  N S 186 
LYS C    C  N N 187 
LYS O    O  N N 188 
LYS CB   C  N N 189 
LYS CG   C  N N 190 
LYS CD   C  N N 191 
LYS CE   C  N N 192 
LYS NZ   N  N N 193 
LYS OXT  O  N N 194 
LYS H    H  N N 195 
LYS H2   H  N N 196 
LYS HA   H  N N 197 
LYS HB2  H  N N 198 
LYS HB3  H  N N 199 
LYS HG2  H  N N 200 
LYS HG3  H  N N 201 
LYS HD2  H  N N 202 
LYS HD3  H  N N 203 
LYS HE2  H  N N 204 
LYS HE3  H  N N 205 
LYS HZ1  H  N N 206 
LYS HZ2  H  N N 207 
LYS HZ3  H  N N 208 
LYS HXT  H  N N 209 
MET N    N  N N 210 
MET CA   C  N S 211 
MET C    C  N N 212 
MET O    O  N N 213 
MET CB   C  N N 214 
MET CG   C  N N 215 
MET SD   S  N N 216 
MET CE   C  N N 217 
MET OXT  O  N N 218 
MET H    H  N N 219 
MET H2   H  N N 220 
MET HA   H  N N 221 
MET HB2  H  N N 222 
MET HB3  H  N N 223 
MET HG2  H  N N 224 
MET HG3  H  N N 225 
MET HE1  H  N N 226 
MET HE2  H  N N 227 
MET HE3  H  N N 228 
MET HXT  H  N N 229 
PHE N    N  N N 230 
PHE CA   C  N S 231 
PHE C    C  N N 232 
PHE O    O  N N 233 
PHE CB   C  N N 234 
PHE CG   C  Y N 235 
PHE CD1  C  Y N 236 
PHE CD2  C  Y N 237 
PHE CE1  C  Y N 238 
PHE CE2  C  Y N 239 
PHE CZ   C  Y N 240 
PHE OXT  O  N N 241 
PHE H    H  N N 242 
PHE H2   H  N N 243 
PHE HA   H  N N 244 
PHE HB2  H  N N 245 
PHE HB3  H  N N 246 
PHE HD1  H  N N 247 
PHE HD2  H  N N 248 
PHE HE1  H  N N 249 
PHE HE2  H  N N 250 
PHE HZ   H  N N 251 
PHE HXT  H  N N 252 
PRO N    N  N N 253 
PRO CA   C  N S 254 
PRO C    C  N N 255 
PRO O    O  N N 256 
PRO CB   C  N N 257 
PRO CG   C  N N 258 
PRO CD   C  N N 259 
PRO OXT  O  N N 260 
PRO H    H  N N 261 
PRO HA   H  N N 262 
PRO HB2  H  N N 263 
PRO HB3  H  N N 264 
PRO HG2  H  N N 265 
PRO HG3  H  N N 266 
PRO HD2  H  N N 267 
PRO HD3  H  N N 268 
PRO HXT  H  N N 269 
SER N    N  N N 270 
SER CA   C  N S 271 
SER C    C  N N 272 
SER O    O  N N 273 
SER CB   C  N N 274 
SER OG   O  N N 275 
SER OXT  O  N N 276 
SER H    H  N N 277 
SER H2   H  N N 278 
SER HA   H  N N 279 
SER HB2  H  N N 280 
SER HB3  H  N N 281 
SER HG   H  N N 282 
SER HXT  H  N N 283 
THR N    N  N N 284 
THR CA   C  N S 285 
THR C    C  N N 286 
THR O    O  N N 287 
THR CB   C  N R 288 
THR OG1  O  N N 289 
THR CG2  C  N N 290 
THR OXT  O  N N 291 
THR H    H  N N 292 
THR H2   H  N N 293 
THR HA   H  N N 294 
THR HB   H  N N 295 
THR HG1  H  N N 296 
THR HG21 H  N N 297 
THR HG22 H  N N 298 
THR HG23 H  N N 299 
THR HXT  H  N N 300 
TYR N    N  N N 301 
TYR CA   C  N S 302 
TYR C    C  N N 303 
TYR O    O  N N 304 
TYR CB   C  N N 305 
TYR CG   C  Y N 306 
TYR CD1  C  Y N 307 
TYR CD2  C  Y N 308 
TYR CE1  C  Y N 309 
TYR CE2  C  Y N 310 
TYR CZ   C  Y N 311 
TYR OH   O  N N 312 
TYR OXT  O  N N 313 
TYR H    H  N N 314 
TYR H2   H  N N 315 
TYR HA   H  N N 316 
TYR HB2  H  N N 317 
TYR HB3  H  N N 318 
TYR HD1  H  N N 319 
TYR HD2  H  N N 320 
TYR HE1  H  N N 321 
TYR HE2  H  N N 322 
TYR HH   H  N N 323 
TYR HXT  H  N N 324 
VAL N    N  N N 325 
VAL CA   C  N S 326 
VAL C    C  N N 327 
VAL O    O  N N 328 
VAL CB   C  N N 329 
VAL CG1  C  N N 330 
VAL CG2  C  N N 331 
VAL OXT  O  N N 332 
VAL H    H  N N 333 
VAL H2   H  N N 334 
VAL HA   H  N N 335 
VAL HB   H  N N 336 
VAL HG11 H  N N 337 
VAL HG12 H  N N 338 
VAL HG13 H  N N 339 
VAL HG21 H  N N 340 
VAL HG22 H  N N 341 
VAL HG23 H  N N 342 
VAL HXT  H  N N 343 
# 
loop_
_chem_comp_bond.comp_id 
_chem_comp_bond.atom_id_1 
_chem_comp_bond.atom_id_2 
_chem_comp_bond.value_order 
_chem_comp_bond.pdbx_aromatic_flag 
_chem_comp_bond.pdbx_stereo_config 
_chem_comp_bond.pdbx_ordinal 
ALA N   CA   sing N N 1   
ALA N   H    sing N N 2   
ALA N   H2   sing N N 3   
ALA CA  C    sing N N 4   
ALA CA  CB   sing N N 5   
ALA CA  HA   sing N N 6   
ALA C   O    doub N N 7   
ALA C   OXT  sing N N 8   
ALA CB  HB1  sing N N 9   
ALA CB  HB2  sing N N 10  
ALA CB  HB3  sing N N 11  
ALA OXT HXT  sing N N 12  
ARG N   CA   sing N N 13  
ARG N   H    sing N N 14  
ARG N   H2   sing N N 15  
ARG CA  C    sing N N 16  
ARG CA  CB   sing N N 17  
ARG CA  HA   sing N N 18  
ARG C   O    doub N N 19  
ARG C   OXT  sing N N 20  
ARG CB  CG   sing N N 21  
ARG CB  HB2  sing N N 22  
ARG CB  HB3  sing N N 23  
ARG CG  CD   sing N N 24  
ARG CG  HG2  sing N N 25  
ARG CG  HG3  sing N N 26  
ARG CD  NE   sing N N 27  
ARG CD  HD2  sing N N 28  
ARG CD  HD3  sing N N 29  
ARG NE  CZ   sing N N 30  
ARG NE  HE   sing N N 31  
ARG CZ  NH1  sing N N 32  
ARG CZ  NH2  doub N N 33  
ARG NH1 HH11 sing N N 34  
ARG NH1 HH12 sing N N 35  
ARG NH2 HH21 sing N N 36  
ARG NH2 HH22 sing N N 37  
ARG OXT HXT  sing N N 38  
ASN N   CA   sing N N 39  
ASN N   H    sing N N 40  
ASN N   H2   sing N N 41  
ASN CA  C    sing N N 42  
ASN CA  CB   sing N N 43  
ASN CA  HA   sing N N 44  
ASN C   O    doub N N 45  
ASN C   OXT  sing N N 46  
ASN CB  CG   sing N N 47  
ASN CB  HB2  sing N N 48  
ASN CB  HB3  sing N N 49  
ASN CG  OD1  doub N N 50  
ASN CG  ND2  sing N N 51  
ASN ND2 HD21 sing N N 52  
ASN ND2 HD22 sing N N 53  
ASN OXT HXT  sing N N 54  
ASP N   CA   sing N N 55  
ASP N   H    sing N N 56  
ASP N   H2   sing N N 57  
ASP CA  C    sing N N 58  
ASP CA  CB   sing N N 59  
ASP CA  HA   sing N N 60  
ASP C   O    doub N N 61  
ASP C   OXT  sing N N 62  
ASP CB  CG   sing N N 63  
ASP CB  HB2  sing N N 64  
ASP CB  HB3  sing N N 65  
ASP CG  OD1  doub N N 66  
ASP CG  OD2  sing N N 67  
ASP OD2 HD2  sing N N 68  
ASP OXT HXT  sing N N 69  
CYS N   CA   sing N N 70  
CYS N   H    sing N N 71  
CYS N   H2   sing N N 72  
CYS CA  C    sing N N 73  
CYS CA  CB   sing N N 74  
CYS CA  HA   sing N N 75  
CYS C   O    doub N N 76  
CYS C   OXT  sing N N 77  
CYS CB  SG   sing N N 78  
CYS CB  HB2  sing N N 79  
CYS CB  HB3  sing N N 80  
CYS SG  HG   sing N N 81  
CYS OXT HXT  sing N N 82  
GLN N   CA   sing N N 83  
GLN N   H    sing N N 84  
GLN N   H2   sing N N 85  
GLN CA  C    sing N N 86  
GLN CA  CB   sing N N 87  
GLN CA  HA   sing N N 88  
GLN C   O    doub N N 89  
GLN C   OXT  sing N N 90  
GLN CB  CG   sing N N 91  
GLN CB  HB2  sing N N 92  
GLN CB  HB3  sing N N 93  
GLN CG  CD   sing N N 94  
GLN CG  HG2  sing N N 95  
GLN CG  HG3  sing N N 96  
GLN CD  OE1  doub N N 97  
GLN CD  NE2  sing N N 98  
GLN NE2 HE21 sing N N 99  
GLN NE2 HE22 sing N N 100 
GLN OXT HXT  sing N N 101 
GLU N   CA   sing N N 102 
GLU N   H    sing N N 103 
GLU N   H2   sing N N 104 
GLU CA  C    sing N N 105 
GLU CA  CB   sing N N 106 
GLU CA  HA   sing N N 107 
GLU C   O    doub N N 108 
GLU C   OXT  sing N N 109 
GLU CB  CG   sing N N 110 
GLU CB  HB2  sing N N 111 
GLU CB  HB3  sing N N 112 
GLU CG  CD   sing N N 113 
GLU CG  HG2  sing N N 114 
GLU CG  HG3  sing N N 115 
GLU CD  OE1  doub N N 116 
GLU CD  OE2  sing N N 117 
GLU OE2 HE2  sing N N 118 
GLU OXT HXT  sing N N 119 
GLY N   CA   sing N N 120 
GLY N   H    sing N N 121 
GLY N   H2   sing N N 122 
GLY CA  C    sing N N 123 
GLY CA  HA2  sing N N 124 
GLY CA  HA3  sing N N 125 
GLY C   O    doub N N 126 
GLY C   OXT  sing N N 127 
GLY OXT HXT  sing N N 128 
HOH O   H1   sing N N 129 
HOH O   H2   sing N N 130 
ILE N   CA   sing N N 131 
ILE N   H    sing N N 132 
ILE N   H2   sing N N 133 
ILE CA  C    sing N N 134 
ILE CA  CB   sing N N 135 
ILE CA  HA   sing N N 136 
ILE C   O    doub N N 137 
ILE C   OXT  sing N N 138 
ILE CB  CG1  sing N N 139 
ILE CB  CG2  sing N N 140 
ILE CB  HB   sing N N 141 
ILE CG1 CD1  sing N N 142 
ILE CG1 HG12 sing N N 143 
ILE CG1 HG13 sing N N 144 
ILE CG2 HG21 sing N N 145 
ILE CG2 HG22 sing N N 146 
ILE CG2 HG23 sing N N 147 
ILE CD1 HD11 sing N N 148 
ILE CD1 HD12 sing N N 149 
ILE CD1 HD13 sing N N 150 
ILE OXT HXT  sing N N 151 
LEU N   CA   sing N N 152 
LEU N   H    sing N N 153 
LEU N   H2   sing N N 154 
LEU CA  C    sing N N 155 
LEU CA  CB   sing N N 156 
LEU CA  HA   sing N N 157 
LEU C   O    doub N N 158 
LEU C   OXT  sing N N 159 
LEU CB  CG   sing N N 160 
LEU CB  HB2  sing N N 161 
LEU CB  HB3  sing N N 162 
LEU CG  CD1  sing N N 163 
LEU CG  CD2  sing N N 164 
LEU CG  HG   sing N N 165 
LEU CD1 HD11 sing N N 166 
LEU CD1 HD12 sing N N 167 
LEU CD1 HD13 sing N N 168 
LEU CD2 HD21 sing N N 169 
LEU CD2 HD22 sing N N 170 
LEU CD2 HD23 sing N N 171 
LEU OXT HXT  sing N N 172 
LYS N   CA   sing N N 173 
LYS N   H    sing N N 174 
LYS N   H2   sing N N 175 
LYS CA  C    sing N N 176 
LYS CA  CB   sing N N 177 
LYS CA  HA   sing N N 178 
LYS C   O    doub N N 179 
LYS C   OXT  sing N N 180 
LYS CB  CG   sing N N 181 
LYS CB  HB2  sing N N 182 
LYS CB  HB3  sing N N 183 
LYS CG  CD   sing N N 184 
LYS CG  HG2  sing N N 185 
LYS CG  HG3  sing N N 186 
LYS CD  CE   sing N N 187 
LYS CD  HD2  sing N N 188 
LYS CD  HD3  sing N N 189 
LYS CE  NZ   sing N N 190 
LYS CE  HE2  sing N N 191 
LYS CE  HE3  sing N N 192 
LYS NZ  HZ1  sing N N 193 
LYS NZ  HZ2  sing N N 194 
LYS NZ  HZ3  sing N N 195 
LYS OXT HXT  sing N N 196 
MET N   CA   sing N N 197 
MET N   H    sing N N 198 
MET N   H2   sing N N 199 
MET CA  C    sing N N 200 
MET CA  CB   sing N N 201 
MET CA  HA   sing N N 202 
MET C   O    doub N N 203 
MET C   OXT  sing N N 204 
MET CB  CG   sing N N 205 
MET CB  HB2  sing N N 206 
MET CB  HB3  sing N N 207 
MET CG  SD   sing N N 208 
MET CG  HG2  sing N N 209 
MET CG  HG3  sing N N 210 
MET SD  CE   sing N N 211 
MET CE  HE1  sing N N 212 
MET CE  HE2  sing N N 213 
MET CE  HE3  sing N N 214 
MET OXT HXT  sing N N 215 
PHE N   CA   sing N N 216 
PHE N   H    sing N N 217 
PHE N   H2   sing N N 218 
PHE CA  C    sing N N 219 
PHE CA  CB   sing N N 220 
PHE CA  HA   sing N N 221 
PHE C   O    doub N N 222 
PHE C   OXT  sing N N 223 
PHE CB  CG   sing N N 224 
PHE CB  HB2  sing N N 225 
PHE CB  HB3  sing N N 226 
PHE CG  CD1  doub Y N 227 
PHE CG  CD2  sing Y N 228 
PHE CD1 CE1  sing Y N 229 
PHE CD1 HD1  sing N N 230 
PHE CD2 CE2  doub Y N 231 
PHE CD2 HD2  sing N N 232 
PHE CE1 CZ   doub Y N 233 
PHE CE1 HE1  sing N N 234 
PHE CE2 CZ   sing Y N 235 
PHE CE2 HE2  sing N N 236 
PHE CZ  HZ   sing N N 237 
PHE OXT HXT  sing N N 238 
PRO N   CA   sing N N 239 
PRO N   CD   sing N N 240 
PRO N   H    sing N N 241 
PRO CA  C    sing N N 242 
PRO CA  CB   sing N N 243 
PRO CA  HA   sing N N 244 
PRO C   O    doub N N 245 
PRO C   OXT  sing N N 246 
PRO CB  CG   sing N N 247 
PRO CB  HB2  sing N N 248 
PRO CB  HB3  sing N N 249 
PRO CG  CD   sing N N 250 
PRO CG  HG2  sing N N 251 
PRO CG  HG3  sing N N 252 
PRO CD  HD2  sing N N 253 
PRO CD  HD3  sing N N 254 
PRO OXT HXT  sing N N 255 
SER N   CA   sing N N 256 
SER N   H    sing N N 257 
SER N   H2   sing N N 258 
SER CA  C    sing N N 259 
SER CA  CB   sing N N 260 
SER CA  HA   sing N N 261 
SER C   O    doub N N 262 
SER C   OXT  sing N N 263 
SER CB  OG   sing N N 264 
SER CB  HB2  sing N N 265 
SER CB  HB3  sing N N 266 
SER OG  HG   sing N N 267 
SER OXT HXT  sing N N 268 
THR N   CA   sing N N 269 
THR N   H    sing N N 270 
THR N   H2   sing N N 271 
THR CA  C    sing N N 272 
THR CA  CB   sing N N 273 
THR CA  HA   sing N N 274 
THR C   O    doub N N 275 
THR C   OXT  sing N N 276 
THR CB  OG1  sing N N 277 
THR CB  CG2  sing N N 278 
THR CB  HB   sing N N 279 
THR OG1 HG1  sing N N 280 
THR CG2 HG21 sing N N 281 
THR CG2 HG22 sing N N 282 
THR CG2 HG23 sing N N 283 
THR OXT HXT  sing N N 284 
TYR N   CA   sing N N 285 
TYR N   H    sing N N 286 
TYR N   H2   sing N N 287 
TYR CA  C    sing N N 288 
TYR CA  CB   sing N N 289 
TYR CA  HA   sing N N 290 
TYR C   O    doub N N 291 
TYR C   OXT  sing N N 292 
TYR CB  CG   sing N N 293 
TYR CB  HB2  sing N N 294 
TYR CB  HB3  sing N N 295 
TYR CG  CD1  doub Y N 296 
TYR CG  CD2  sing Y N 297 
TYR CD1 CE1  sing Y N 298 
TYR CD1 HD1  sing N N 299 
TYR CD2 CE2  doub Y N 300 
TYR CD2 HD2  sing N N 301 
TYR CE1 CZ   doub Y N 302 
TYR CE1 HE1  sing N N 303 
TYR CE2 CZ   sing Y N 304 
TYR CE2 HE2  sing N N 305 
TYR CZ  OH   sing N N 306 
TYR OH  HH   sing N N 307 
TYR OXT HXT  sing N N 308 
VAL N   CA   sing N N 309 
VAL N   H    sing N N 310 
VAL N   H2   sing N N 311 
VAL CA  C    sing N N 312 
VAL CA  CB   sing N N 313 
VAL CA  HA   sing N N 314 
VAL C   O    doub N N 315 
VAL C   OXT  sing N N 316 
VAL CB  CG1  sing N N 317 
VAL CB  CG2  sing N N 318 
VAL CB  HB   sing N N 319 
VAL CG1 HG11 sing N N 320 
VAL CG1 HG12 sing N N 321 
VAL CG1 HG13 sing N N 322 
VAL CG2 HG21 sing N N 323 
VAL CG2 HG22 sing N N 324 
VAL CG2 HG23 sing N N 325 
VAL OXT HXT  sing N N 326 
# 
_pdbx_initial_refinement_model.accession_code   1JFL 
_pdbx_initial_refinement_model.id               1 
_pdbx_initial_refinement_model.entity_id_list   ? 
_pdbx_initial_refinement_model.type             'experimental model' 
_pdbx_initial_refinement_model.source_name      PDB 
_pdbx_initial_refinement_model.details          
'C-terminal domain in the intact structure of aspartate racemase from Pyrococcus horikoshii OT3' 
# 
_atom_sites.entry_id                    1IU9 
_atom_sites.fract_transf_matrix[1][1]   0.01840179 
_atom_sites.fract_transf_matrix[1][2]   0.01130963 
_atom_sites.fract_transf_matrix[1][3]   0.01645454 
_atom_sites.fract_transf_matrix[2][1]   -0.01378010 
_atom_sites.fract_transf_matrix[2][2]   -0.00239924 
_atom_sites.fract_transf_matrix[2][3]   0.01705990 
_atom_sites.fract_transf_matrix[3][1]   0.00676359 
_atom_sites.fract_transf_matrix[3][2]   -0.01573413 
_atom_sites.fract_transf_matrix[3][3]   0.00325048 
_atom_sites.fract_transf_vector[1]      0.270325 
_atom_sites.fract_transf_vector[2]      0.240734 
_atom_sites.fract_transf_vector[3]      0.264249 
# 
loop_
_atom_type.symbol 
C  
CA 
N  
O  
S  
# 
loop_
_atom_site.group_PDB 
_atom_site.id 
_atom_site.type_symbol 
_atom_site.label_atom_id 
_atom_site.label_alt_id 
_atom_site.label_comp_id 
_atom_site.label_asym_id 
_atom_site.label_entity_id 
_atom_site.label_seq_id 
_atom_site.pdbx_PDB_ins_code 
_atom_site.Cartn_x 
_atom_site.Cartn_y 
_atom_site.Cartn_z 
_atom_site.occupancy 
_atom_site.B_iso_or_equiv 
_atom_site.pdbx_formal_charge 
_atom_site.auth_seq_id 
_atom_site.auth_comp_id 
_atom_site.auth_asym_id 
_atom_site.auth_atom_id 
_atom_site.pdbx_PDB_model_num 
ATOM   1   N  N   . MET A 1 1   ? -3.844  13.198  -4.458  1.00 31.46 ? 103 MET A N   1 
ATOM   2   C  CA  . MET A 1 1   ? -3.237  13.747  -3.212  1.00 32.08 ? 103 MET A CA  1 
ATOM   3   C  C   . MET A 1 1   ? -3.447  12.803  -2.050  1.00 29.09 ? 103 MET A C   1 
ATOM   4   O  O   . MET A 1 1   ? -4.467  12.124  -1.969  1.00 28.58 ? 103 MET A O   1 
ATOM   5   C  CB  . MET A 1 1   ? -3.864  15.088  -2.838  1.00 34.07 ? 103 MET A CB  1 
ATOM   6   C  CG  . MET A 1 1   ? -3.531  16.231  -3.745  1.00 36.82 ? 103 MET A CG  1 
ATOM   7   S  SD  . MET A 1 1   ? -4.233  17.734  -3.072  1.00 40.68 ? 103 MET A SD  1 
ATOM   8   C  CE  . MET A 1 1   ? -2.819  18.387  -2.179  1.00 37.77 ? 103 MET A CE  1 
ATOM   9   N  N   . ILE A 1 2   ? -2.486  12.791  -1.136  1.00 28.84 ? 104 ILE A N   1 
ATOM   10  C  CA  . ILE A 1 2   ? -2.564  11.937  0.037   1.00 28.59 ? 104 ILE A CA  1 
ATOM   11  C  C   . ILE A 1 2   ? -3.778  12.331  0.868   1.00 28.44 ? 104 ILE A C   1 
ATOM   12  O  O   . ILE A 1 2   ? -4.506  11.467  1.354   1.00 27.44 ? 104 ILE A O   1 
ATOM   13  C  CB  . ILE A 1 2   ? -1.308  12.078  0.918   1.00 29.83 ? 104 ILE A CB  1 
ATOM   14  C  CG1 . ILE A 1 2   ? -0.047  11.888  0.072   1.00 30.02 ? 104 ILE A CG1 1 
ATOM   15  C  CG2 . ILE A 1 2   ? -1.360  11.073  2.057   1.00 27.76 ? 104 ILE A CG2 1 
ATOM   16  C  CD1 . ILE A 1 2   ? 0.023   10.575  -0.658  1.00 33.15 ? 104 ILE A CD1 1 
ATOM   17  N  N   . GLU A 1 3   ? -4.000  13.635  1.019   1.00 28.15 ? 105 GLU A N   1 
ATOM   18  C  CA  . GLU A 1 3   ? -5.122  14.123  1.815   1.00 28.80 ? 105 GLU A CA  1 
ATOM   19  C  C   . GLU A 1 3   ? -6.485  13.766  1.224   1.00 27.46 ? 105 GLU A C   1 
ATOM   20  O  O   . GLU A 1 3   ? -7.445  13.555  1.965   1.00 25.41 ? 105 GLU A O   1 
ATOM   21  C  CB  . GLU A 1 3   ? -5.022  15.639  2.026   1.00 31.64 ? 105 GLU A CB  1 
ATOM   22  C  CG  . GLU A 1 3   ? -5.181  16.474  0.774   1.00 38.90 ? 105 GLU A CG  1 
ATOM   23  C  CD  . GLU A 1 3   ? -5.222  17.966  1.075   1.00 43.26 ? 105 GLU A CD  1 
ATOM   24  O  OE1 . GLU A 1 3   ? -6.133  18.403  1.813   1.00 44.94 ? 105 GLU A OE1 1 
ATOM   25  O  OE2 . GLU A 1 3   ? -4.343  18.701  0.573   1.00 46.43 ? 105 GLU A OE2 1 
ATOM   26  N  N   . GLU A 1 4   ? -6.581  13.707  -0.102  1.00 26.15 ? 106 GLU A N   1 
ATOM   27  C  CA  . GLU A 1 4   ? -7.843  13.345  -0.738  1.00 25.69 ? 106 GLU A CA  1 
ATOM   28  C  C   . GLU A 1 4   ? -8.084  11.853  -0.543  1.00 23.81 ? 106 GLU A C   1 
ATOM   29  O  O   . GLU A 1 4   ? -9.219  11.411  -0.374  1.00 24.40 ? 106 GLU A O   1 
ATOM   30  C  CB  . GLU A 1 4   ? -7.821  13.670  -2.233  1.00 28.86 ? 106 GLU A CB  1 
ATOM   31  C  CG  . GLU A 1 4   ? -7.968  15.153  -2.544  1.00 34.88 ? 106 GLU A CG  1 
ATOM   32  C  CD  . GLU A 1 4   ? -9.225  15.753  -1.931  1.00 38.26 ? 106 GLU A CD  1 
ATOM   33  O  OE1 . GLU A 1 4   ? -10.333 15.240  -2.210  1.00 40.59 ? 106 GLU A OE1 1 
ATOM   34  O  OE2 . GLU A 1 4   ? -9.104  16.737  -1.168  1.00 41.14 ? 106 GLU A OE2 1 
ATOM   35  N  N   . THR A 1 5   ? -7.009  11.078  -0.570  1.00 21.49 ? 107 THR A N   1 
ATOM   36  C  CA  . THR A 1 5   ? -7.126  9.641   -0.376  1.00 21.38 ? 107 THR A CA  1 
ATOM   37  C  C   . THR A 1 5   ? -7.652  9.390   1.032   1.00 19.72 ? 107 THR A C   1 
ATOM   38  O  O   . THR A 1 5   ? -8.525  8.550   1.244   1.00 15.91 ? 107 THR A O   1 
ATOM   39  C  CB  . THR A 1 5   ? -5.774  8.949   -0.522  1.00 21.79 ? 107 THR A CB  1 
ATOM   40  O  OG1 . THR A 1 5   ? -5.250  9.194   -1.832  1.00 27.34 ? 107 THR A OG1 1 
ATOM   41  C  CG2 . THR A 1 5   ? -5.925  7.453   -0.308  1.00 21.86 ? 107 THR A CG2 1 
ATOM   42  N  N   . ALA A 1 6   ? -7.107  10.135  1.986   1.00 20.09 ? 108 ALA A N   1 
ATOM   43  C  CA  . ALA A 1 6   ? -7.500  10.039  3.388   1.00 20.85 ? 108 ALA A CA  1 
ATOM   44  C  C   . ALA A 1 6   ? -8.996  10.311  3.599   1.00 21.09 ? 108 ALA A C   1 
ATOM   45  O  O   . ALA A 1 6   ? -9.685  9.545   4.269   1.00 19.64 ? 108 ALA A O   1 
ATOM   46  C  CB  . ALA A 1 6   ? -6.672  11.024  4.221   1.00 21.07 ? 108 ALA A CB  1 
ATOM   47  N  N   . LYS A 1 7   ? -9.495  11.404  3.033   1.00 22.21 ? 109 LYS A N   1 
ATOM   48  C  CA  . LYS A 1 7   ? -10.904 11.744  3.190   1.00 24.68 ? 109 LYS A CA  1 
ATOM   49  C  C   . LYS A 1 7   ? -11.808 10.696  2.546   1.00 23.95 ? 109 LYS A C   1 
ATOM   50  O  O   . LYS A 1 7   ? -12.848 10.335  3.102   1.00 22.87 ? 109 LYS A O   1 
ATOM   51  C  CB  . LYS A 1 7   ? -11.179 13.139  2.612   1.00 28.74 ? 109 LYS A CB  1 
ATOM   52  C  CG  . LYS A 1 7   ? -10.618 13.369  1.226   1.00 33.82 ? 109 LYS A CG  1 
ATOM   53  C  CD  . LYS A 1 7   ? -10.765 14.824  0.799   1.00 39.51 ? 109 LYS A CD  1 
ATOM   54  C  CE  . LYS A 1 7   ? -9.929  15.756  1.671   1.00 41.56 ? 109 LYS A CE  1 
ATOM   55  N  NZ  . LYS A 1 7   ? -10.072 17.185  1.265   1.00 43.10 ? 109 LYS A NZ  1 
ATOM   56  N  N   . LYS A 1 8   ? -11.398 10.193  1.386   1.00 23.94 ? 110 LYS A N   1 
ATOM   57  C  CA  . LYS A 1 8   ? -12.164 9.174   0.675   1.00 23.51 ? 110 LYS A CA  1 
ATOM   58  C  C   . LYS A 1 8   ? -12.239 7.887   1.497   1.00 22.73 ? 110 LYS A C   1 
ATOM   59  O  O   . LYS A 1 8   ? -13.279 7.225   1.555   1.00 20.64 ? 110 LYS A O   1 
ATOM   60  C  CB  . LYS A 1 8   ? -11.506 8.871   -0.674  1.00 28.33 ? 110 LYS A CB  1 
ATOM   61  C  CG  . LYS A 1 8   ? -12.078 7.657   -1.397  1.00 31.10 ? 110 LYS A CG  1 
ATOM   62  C  CD  . LYS A 1 8   ? -13.556 7.839   -1.718  1.00 34.93 ? 110 LYS A CD  1 
ATOM   63  C  CE  . LYS A 1 8   ? -14.095 6.659   -2.512  1.00 35.07 ? 110 LYS A CE  1 
ATOM   64  N  NZ  . LYS A 1 8   ? -15.466 6.922   -3.027  1.00 35.42 ? 110 LYS A NZ  1 
ATOM   65  N  N   . VAL A 1 9   ? -11.124 7.534   2.121   1.00 20.33 ? 111 VAL A N   1 
ATOM   66  C  CA  . VAL A 1 9   ? -11.061 6.328   2.932   1.00 18.96 ? 111 VAL A CA  1 
ATOM   67  C  C   . VAL A 1 9   ? -11.952 6.505   4.149   1.00 17.88 ? 111 VAL A C   1 
ATOM   68  O  O   . VAL A 1 9   ? -12.670 5.585   4.547   1.00 15.98 ? 111 VAL A O   1 
ATOM   69  C  CB  . VAL A 1 9   ? -9.607  6.046   3.371   1.00 19.68 ? 111 VAL A CB  1 
ATOM   70  C  CG1 . VAL A 1 9   ? -9.561  4.895   4.378   1.00 19.13 ? 111 VAL A CG1 1 
ATOM   71  C  CG2 . VAL A 1 9   ? -8.770  5.700   2.145   1.00 20.19 ? 111 VAL A CG2 1 
ATOM   72  N  N   . LYS A 1 10  ? -11.913 7.699   4.729   1.00 16.76 ? 112 LYS A N   1 
ATOM   73  C  CA  . LYS A 1 10  ? -12.720 8.002   5.903   1.00 19.81 ? 112 LYS A CA  1 
ATOM   74  C  C   . LYS A 1 10  ? -14.197 7.979   5.527   1.00 20.77 ? 112 LYS A C   1 
ATOM   75  O  O   . LYS A 1 10  ? -15.031 7.497   6.293   1.00 20.12 ? 112 LYS A O   1 
ATOM   76  C  CB  . LYS A 1 10  ? -12.358 9.383   6.461   1.00 19.46 ? 112 LYS A CB  1 
ATOM   77  C  CG  . LYS A 1 10  ? -12.613 9.537   7.956   1.00 23.89 ? 112 LYS A CG  1 
ATOM   78  C  CD  . LYS A 1 10  ? -14.066 9.321   8.329   1.00 24.40 ? 112 LYS A CD  1 
ATOM   79  C  CE  . LYS A 1 10  ? -14.243 9.230   9.839   1.00 24.05 ? 112 LYS A CE  1 
ATOM   80  N  NZ  . LYS A 1 10  ? -13.654 10.393  10.551  1.00 23.26 ? 112 LYS A NZ  1 
ATOM   81  N  N   . GLU A 1 11  ? -14.515 8.506   4.347   1.00 23.58 ? 113 GLU A N   1 
ATOM   82  C  CA  . GLU A 1 11  ? -15.897 8.550   3.879   1.00 24.89 ? 113 GLU A CA  1 
ATOM   83  C  C   . GLU A 1 11  ? -16.469 7.167   3.595   1.00 23.15 ? 113 GLU A C   1 
ATOM   84  O  O   . GLU A 1 11  ? -17.686 6.998   3.537   1.00 22.36 ? 113 GLU A O   1 
ATOM   85  C  CB  . GLU A 1 11  ? -16.011 9.427   2.631   1.00 28.61 ? 113 GLU A CB  1 
ATOM   86  C  CG  . GLU A 1 11  ? -16.018 10.918  2.935   1.00 35.49 ? 113 GLU A CG  1 
ATOM   87  C  CD  . GLU A 1 11  ? -16.076 11.768  1.677   1.00 40.68 ? 113 GLU A CD  1 
ATOM   88  O  OE1 . GLU A 1 11  ? -17.013 11.583  0.866   1.00 43.09 ? 113 GLU A OE1 1 
ATOM   89  O  OE2 . GLU A 1 11  ? -15.182 12.625  1.501   1.00 43.07 ? 113 GLU A OE2 1 
ATOM   90  N  N   . LEU A 1 12  ? -15.594 6.182   3.412   1.00 21.60 ? 114 LEU A N   1 
ATOM   91  C  CA  . LEU A 1 12  ? -16.040 4.815   3.162   1.00 20.55 ? 114 LEU A CA  1 
ATOM   92  C  C   . LEU A 1 12  ? -16.215 4.096   4.492   1.00 20.48 ? 114 LEU A C   1 
ATOM   93  O  O   . LEU A 1 12  ? -16.550 2.911   4.531   1.00 20.38 ? 114 LEU A O   1 
ATOM   94  C  CB  . LEU A 1 12  ? -15.031 4.057   2.297   1.00 20.76 ? 114 LEU A CB  1 
ATOM   95  C  CG  . LEU A 1 12  ? -14.933 4.489   0.832   1.00 19.82 ? 114 LEU A CG  1 
ATOM   96  C  CD1 . LEU A 1 12  ? -13.875 3.654   0.120   1.00 20.80 ? 114 LEU A CD1 1 
ATOM   97  C  CD2 . LEU A 1 12  ? -16.286 4.317   0.163   1.00 19.94 ? 114 LEU A CD2 1 
ATOM   98  N  N   . GLY A 1 13  ? -15.976 4.826   5.578   1.00 20.42 ? 115 GLY A N   1 
ATOM   99  C  CA  . GLY A 1 13  ? -16.113 4.269   6.912   1.00 20.17 ? 115 GLY A CA  1 
ATOM   100 C  C   . GLY A 1 13  ? -14.966 3.379   7.364   1.00 19.77 ? 115 GLY A C   1 
ATOM   101 O  O   . GLY A 1 13  ? -15.084 2.679   8.372   1.00 18.76 ? 115 GLY A O   1 
ATOM   102 N  N   . PHE A 1 14  ? -13.854 3.402   6.635   1.00 18.18 ? 116 PHE A N   1 
ATOM   103 C  CA  . PHE A 1 14  ? -12.704 2.583   7.002   1.00 17.92 ? 116 PHE A CA  1 
ATOM   104 C  C   . PHE A 1 14  ? -11.873 3.253   8.097   1.00 18.27 ? 116 PHE A C   1 
ATOM   105 O  O   . PHE A 1 14  ? -11.709 4.470   8.097   1.00 16.10 ? 116 PHE A O   1 
ATOM   106 C  CB  . PHE A 1 14  ? -11.822 2.311   5.771   1.00 15.99 ? 116 PHE A CB  1 
ATOM   107 C  CG  . PHE A 1 14  ? -12.533 1.586   4.659   1.00 15.89 ? 116 PHE A CG  1 
ATOM   108 C  CD1 . PHE A 1 14  ? -13.650 0.798   4.920   1.00 16.61 ? 116 PHE A CD1 1 
ATOM   109 C  CD2 . PHE A 1 14  ? -12.065 1.665   3.349   1.00 17.91 ? 116 PHE A CD2 1 
ATOM   110 C  CE1 . PHE A 1 14  ? -14.291 0.100   3.901   1.00 14.57 ? 116 PHE A CE1 1 
ATOM   111 C  CE2 . PHE A 1 14  ? -12.700 0.968   2.317   1.00 15.23 ? 116 PHE A CE2 1 
ATOM   112 C  CZ  . PHE A 1 14  ? -13.816 0.185   2.597   1.00 17.10 ? 116 PHE A CZ  1 
ATOM   113 N  N   . LYS A 1 15  ? -11.369 2.457   9.040   1.00 17.34 ? 117 LYS A N   1 
ATOM   114 C  CA  . LYS A 1 15  ? -10.543 2.988   10.127  1.00 18.87 ? 117 LYS A CA  1 
ATOM   115 C  C   . LYS A 1 15  ? -9.090  2.541   9.990   1.00 18.19 ? 117 LYS A C   1 
ATOM   116 O  O   . LYS A 1 15  ? -8.190  3.102   10.621  1.00 17.47 ? 117 LYS A O   1 
ATOM   117 C  CB  . LYS A 1 15  ? -11.071 2.534   11.496  1.00 21.07 ? 117 LYS A CB  1 
ATOM   118 C  CG  . LYS A 1 15  ? -12.340 3.234   11.948  1.00 23.47 ? 117 LYS A CG  1 
ATOM   119 C  CD  . LYS A 1 15  ? -12.559 3.095   13.450  1.00 23.81 ? 117 LYS A CD  1 
ATOM   120 C  CE  . LYS A 1 15  ? -13.794 3.866   13.890  1.00 28.14 ? 117 LYS A CE  1 
ATOM   121 N  NZ  . LYS A 1 15  ? -13.961 3.873   15.366  1.00 27.54 ? 117 LYS A NZ  1 
ATOM   122 N  N   . LYS A 1 16  ? -8.861  1.538   9.155   1.00 18.38 ? 118 LYS A N   1 
ATOM   123 C  CA  . LYS A 1 16  ? -7.515  1.020   8.965   1.00 19.88 ? 118 LYS A CA  1 
ATOM   124 C  C   . LYS A 1 16  ? -7.199  0.775   7.490   1.00 17.28 ? 118 LYS A C   1 
ATOM   125 O  O   . LYS A 1 16  ? -7.873  0.004   6.814   1.00 16.56 ? 118 LYS A O   1 
ATOM   126 C  CB  . LYS A 1 16  ? -7.356  -0.266  9.770   1.00 23.69 ? 118 LYS A CB  1 
ATOM   127 C  CG  . LYS A 1 16  ? -5.933  -0.553  10.195  1.00 30.58 ? 118 LYS A CG  1 
ATOM   128 C  CD  . LYS A 1 16  ? -5.889  -1.461  11.424  1.00 34.67 ? 118 LYS A CD  1 
ATOM   129 C  CE  . LYS A 1 16  ? -6.643  -2.764  11.199  1.00 37.51 ? 118 LYS A CE  1 
ATOM   130 N  NZ  . LYS A 1 16  ? -6.623  -3.629  12.410  1.00 40.92 ? 118 LYS A NZ  1 
ATOM   131 N  N   . ALA A 1 17  ? -6.164  1.441   6.999   1.00 16.35 ? 119 ALA A N   1 
ATOM   132 C  CA  . ALA A 1 17  ? -5.765  1.302   5.606   1.00 16.27 ? 119 ALA A CA  1 
ATOM   133 C  C   . ALA A 1 17  ? -4.351  0.742   5.492   1.00 15.93 ? 119 ALA A C   1 
ATOM   134 O  O   . ALA A 1 17  ? -3.432  1.186   6.187   1.00 16.36 ? 119 ALA A O   1 
ATOM   135 C  CB  . ALA A 1 17  ? -5.857  2.655   4.913   1.00 13.02 ? 119 ALA A CB  1 
ATOM   136 N  N   . GLY A 1 18  ? -4.182  -0.250  4.627   1.00 15.60 ? 120 GLY A N   1 
ATOM   137 C  CA  . GLY A 1 18  ? -2.867  -0.833  4.424   1.00 16.72 ? 120 GLY A CA  1 
ATOM   138 C  C   . GLY A 1 18  ? -2.127  0.006   3.401   1.00 18.29 ? 120 GLY A C   1 
ATOM   139 O  O   . GLY A 1 18  ? -2.738  0.494   2.453   1.00 20.28 ? 120 GLY A O   1 
ATOM   140 N  N   . LEU A 1 19  ? -0.818  0.175   3.574   1.00 19.07 ? 121 LEU A N   1 
ATOM   141 C  CA  . LEU A 1 19  ? -0.034  0.989   2.650   1.00 19.20 ? 121 LEU A CA  1 
ATOM   142 C  C   . LEU A 1 19  ? 1.163   0.288   2.007   1.00 19.25 ? 121 LEU A C   1 
ATOM   143 O  O   . LEU A 1 19  ? 2.018   -0.263  2.697   1.00 18.69 ? 121 LEU A O   1 
ATOM   144 C  CB  . LEU A 1 19  ? 0.461   2.256   3.360   1.00 17.68 ? 121 LEU A CB  1 
ATOM   145 C  CG  . LEU A 1 19  ? 1.393   3.180   2.565   1.00 19.34 ? 121 LEU A CG  1 
ATOM   146 C  CD1 . LEU A 1 19  ? 0.629   3.829   1.418   1.00 16.64 ? 121 LEU A CD1 1 
ATOM   147 C  CD2 . LEU A 1 19  ? 1.967   4.247   3.487   1.00 17.09 ? 121 LEU A CD2 1 
ATOM   148 N  N   . LEU A 1 20  ? 1.205   0.317   0.676   1.00 18.38 ? 122 LEU A N   1 
ATOM   149 C  CA  . LEU A 1 20  ? 2.309   -0.255  -0.091  1.00 17.44 ? 122 LEU A CA  1 
ATOM   150 C  C   . LEU A 1 20  ? 2.970   0.934   -0.786  1.00 17.17 ? 122 LEU A C   1 
ATOM   151 O  O   . LEU A 1 20  ? 2.434   1.461   -1.758  1.00 17.37 ? 122 LEU A O   1 
ATOM   152 C  CB  . LEU A 1 20  ? 1.793   -1.257  -1.134  1.00 13.27 ? 122 LEU A CB  1 
ATOM   153 C  CG  . LEU A 1 20  ? 1.108   -2.516  -0.587  1.00 13.88 ? 122 LEU A CG  1 
ATOM   154 C  CD1 . LEU A 1 20  ? 0.487   -3.312  -1.733  1.00 11.93 ? 122 LEU A CD1 1 
ATOM   155 C  CD2 . LEU A 1 20  ? 2.124   -3.365  0.173   1.00 11.67 ? 122 LEU A CD2 1 
ATOM   156 N  N   . ALA A 1 21  ? 4.120   1.365   -0.270  1.00 20.12 ? 123 ALA A N   1 
ATOM   157 C  CA  . ALA A 1 21  ? 4.837   2.507   -0.835  1.00 21.26 ? 123 ALA A CA  1 
ATOM   158 C  C   . ALA A 1 21  ? 6.340   2.422   -0.570  1.00 21.53 ? 123 ALA A C   1 
ATOM   159 O  O   . ALA A 1 21  ? 6.816   1.465   0.029   1.00 22.26 ? 123 ALA A O   1 
ATOM   160 C  CB  . ALA A 1 21  ? 4.277   3.802   -0.256  1.00 21.00 ? 123 ALA A CB  1 
ATOM   161 N  N   . THR A 1 22  ? 7.084   3.429   -1.018  1.00 22.79 ? 124 THR A N   1 
ATOM   162 C  CA  . THR A 1 22  ? 8.534   3.443   -0.819  1.00 27.31 ? 124 THR A CA  1 
ATOM   163 C  C   . THR A 1 22  ? 8.897   3.694   0.636   1.00 28.12 ? 124 THR A C   1 
ATOM   164 O  O   . THR A 1 22  ? 8.081   4.178   1.418   1.00 29.64 ? 124 THR A O   1 
ATOM   165 C  CB  . THR A 1 22  ? 9.224   4.528   -1.668  1.00 28.48 ? 124 THR A CB  1 
ATOM   166 O  OG1 . THR A 1 22  ? 8.750   5.819   -1.271  1.00 29.37 ? 124 THR A OG1 1 
ATOM   167 C  CG2 . THR A 1 22  ? 8.942   4.313   -3.142  1.00 27.09 ? 124 THR A CG2 1 
ATOM   168 N  N   . THR A 1 23  ? 10.130  3.359   0.997   1.00 30.06 ? 125 THR A N   1 
ATOM   169 C  CA  . THR A 1 23  ? 10.594  3.558   2.361   1.00 30.17 ? 125 THR A CA  1 
ATOM   170 C  C   . THR A 1 23  ? 10.718  5.049   2.644   1.00 30.43 ? 125 THR A C   1 
ATOM   171 O  O   . THR A 1 23  ? 10.463  5.498   3.755   1.00 29.94 ? 125 THR A O   1 
ATOM   172 C  CB  . THR A 1 23  ? 11.952  2.863   2.586   1.00 31.73 ? 125 THR A CB  1 
ATOM   173 O  OG1 . THR A 1 23  ? 11.803  1.454   2.356   1.00 29.12 ? 125 THR A OG1 1 
ATOM   174 C  CG2 . THR A 1 23  ? 12.442  3.087   4.013   1.00 31.04 ? 125 THR A CG2 1 
ATOM   175 N  N   . GLY A 1 24  ? 11.105  5.818   1.633   1.00 31.41 ? 126 GLY A N   1 
ATOM   176 C  CA  . GLY A 1 24  ? 11.223  7.252   1.821   1.00 33.15 ? 126 GLY A CA  1 
ATOM   177 C  C   . GLY A 1 24  ? 9.893   7.829   2.272   1.00 33.19 ? 126 GLY A C   1 
ATOM   178 O  O   . GLY A 1 24  ? 9.836   8.656   3.182   1.00 33.51 ? 126 GLY A O   1 
ATOM   179 N  N   . THR A 1 25  ? 8.818   7.378   1.634   1.00 33.55 ? 127 THR A N   1 
ATOM   180 C  CA  . THR A 1 25  ? 7.473   7.837   1.961   1.00 32.51 ? 127 THR A CA  1 
ATOM   181 C  C   . THR A 1 25  ? 7.038   7.379   3.351   1.00 31.53 ? 127 THR A C   1 
ATOM   182 O  O   . THR A 1 25  ? 6.418   8.134   4.101   1.00 32.18 ? 127 THR A O   1 
ATOM   183 C  CB  . THR A 1 25  ? 6.451   7.330   0.921   1.00 32.00 ? 127 THR A CB  1 
ATOM   184 O  OG1 . THR A 1 25  ? 6.696   7.968   -0.340  1.00 31.18 ? 127 THR A OG1 1 
ATOM   185 C  CG2 . THR A 1 25  ? 5.027   7.630   1.375   1.00 28.45 ? 127 THR A CG2 1 
ATOM   186 N  N   . ILE A 1 26  ? 7.364   6.142   3.698   1.00 30.57 ? 128 ILE A N   1 
ATOM   187 C  CA  . ILE A 1 26  ? 6.995   5.615   5.002   1.00 30.53 ? 128 ILE A CA  1 
ATOM   188 C  C   . ILE A 1 26  ? 7.819   6.260   6.115   1.00 31.93 ? 128 ILE A C   1 
ATOM   189 O  O   . ILE A 1 26  ? 7.334   6.429   7.233   1.00 32.46 ? 128 ILE A O   1 
ATOM   190 C  CB  . ILE A 1 26  ? 7.163   4.085   5.041   1.00 30.00 ? 128 ILE A CB  1 
ATOM   191 C  CG1 . ILE A 1 26  ? 6.190   3.444   4.042   1.00 30.71 ? 128 ILE A CG1 1 
ATOM   192 C  CG2 . ILE A 1 26  ? 6.918   3.570   6.452   1.00 29.05 ? 128 ILE A CG2 1 
ATOM   193 C  CD1 . ILE A 1 26  ? 6.215   1.935   4.020   1.00 31.75 ? 128 ILE A CD1 1 
ATOM   194 N  N   . VAL A 1 27  ? 9.062   6.625   5.808   1.00 31.15 ? 129 VAL A N   1 
ATOM   195 C  CA  . VAL A 1 27  ? 9.922   7.261   6.800   1.00 32.25 ? 129 VAL A CA  1 
ATOM   196 C  C   . VAL A 1 27  ? 9.439   8.688   7.071   1.00 30.97 ? 129 VAL A C   1 
ATOM   197 O  O   . VAL A 1 27  ? 9.474   9.161   8.206   1.00 31.45 ? 129 VAL A O   1 
ATOM   198 C  CB  . VAL A 1 27  ? 11.398  7.288   6.331   1.00 30.73 ? 129 VAL A CB  1 
ATOM   199 C  CG1 . VAL A 1 27  ? 12.245  8.088   7.306   1.00 32.82 ? 129 VAL A CG1 1 
ATOM   200 C  CG2 . VAL A 1 27  ? 11.932  5.868   6.233   1.00 31.56 ? 129 VAL A CG2 1 
ATOM   201 N  N   . SER A 1 28  ? 8.990   9.372   6.025   1.00 31.40 ? 130 SER A N   1 
ATOM   202 C  CA  . SER A 1 28  ? 8.485   10.728  6.187   1.00 31.89 ? 130 SER A CA  1 
ATOM   203 C  C   . SER A 1 28  ? 7.222   10.659  7.039   1.00 31.47 ? 130 SER A C   1 
ATOM   204 O  O   . SER A 1 28  ? 6.872   11.616  7.728   1.00 32.35 ? 130 SER A O   1 
ATOM   205 C  CB  . SER A 1 28  ? 8.156   11.348  4.828   1.00 33.56 ? 130 SER A CB  1 
ATOM   206 O  OG  . SER A 1 28  ? 7.068   10.682  4.203   1.00 35.98 ? 130 SER A OG  1 
ATOM   207 N  N   . GLY A 1 29  ? 6.547   9.512   6.986   1.00 30.68 ? 131 GLY A N   1 
ATOM   208 C  CA  . GLY A 1 29  ? 5.328   9.324   7.749   1.00 27.78 ? 131 GLY A CA  1 
ATOM   209 C  C   . GLY A 1 29  ? 4.221   10.260  7.305   1.00 25.28 ? 131 GLY A C   1 
ATOM   210 O  O   . GLY A 1 29  ? 3.347   10.618  8.094   1.00 24.25 ? 131 GLY A O   1 
ATOM   211 N  N   . VAL A 1 30  ? 4.254   10.661  6.038   1.00 21.72 ? 132 VAL A N   1 
ATOM   212 C  CA  . VAL A 1 30  ? 3.245   11.564  5.514   1.00 20.97 ? 132 VAL A CA  1 
ATOM   213 C  C   . VAL A 1 30  ? 1.849   10.940  5.477   1.00 19.12 ? 132 VAL A C   1 
ATOM   214 O  O   . VAL A 1 30  ? 0.860   11.634  5.673   1.00 15.63 ? 132 VAL A O   1 
ATOM   215 C  CB  . VAL A 1 30  ? 3.608   12.058  4.098   1.00 23.49 ? 132 VAL A CB  1 
ATOM   216 C  CG1 . VAL A 1 30  ? 4.936   12.791  4.140   1.00 25.93 ? 132 VAL A CG1 1 
ATOM   217 C  CG2 . VAL A 1 30  ? 3.674   10.882  3.130   1.00 24.73 ? 132 VAL A CG2 1 
ATOM   218 N  N   . TYR A 1 31  ? 1.756   9.637   5.232   1.00 17.47 ? 133 TYR A N   1 
ATOM   219 C  CA  . TYR A 1 31  ? 0.436   9.014   5.197   1.00 18.82 ? 133 TYR A CA  1 
ATOM   220 C  C   . TYR A 1 31  ? -0.192  8.965   6.590   1.00 17.65 ? 133 TYR A C   1 
ATOM   221 O  O   . TYR A 1 31  ? -1.345  9.351   6.771   1.00 17.44 ? 133 TYR A O   1 
ATOM   222 C  CB  . TYR A 1 31  ? 0.510   7.601   4.611   1.00 18.93 ? 133 TYR A CB  1 
ATOM   223 C  CG  . TYR A 1 31  ? 0.409   7.558   3.101   1.00 20.13 ? 133 TYR A CG  1 
ATOM   224 C  CD1 . TYR A 1 31  ? 1.542   7.707   2.295   1.00 19.01 ? 133 TYR A CD1 1 
ATOM   225 C  CD2 . TYR A 1 31  ? -0.824  7.363   2.477   1.00 19.36 ? 133 TYR A CD2 1 
ATOM   226 C  CE1 . TYR A 1 31  ? 1.446   7.657   0.906   1.00 20.16 ? 133 TYR A CE1 1 
ATOM   227 C  CE2 . TYR A 1 31  ? -0.933  7.316   1.093   1.00 22.32 ? 133 TYR A CE2 1 
ATOM   228 C  CZ  . TYR A 1 31  ? 0.206   7.463   0.311   1.00 21.89 ? 133 TYR A CZ  1 
ATOM   229 O  OH  . TYR A 1 31  ? 0.096   7.422   -1.063  1.00 20.54 ? 133 TYR A OH  1 
ATOM   230 N  N   . GLU A 1 32  ? 0.567   8.495   7.572   1.00 19.06 ? 134 GLU A N   1 
ATOM   231 C  CA  . GLU A 1 32  ? 0.060   8.417   8.936   1.00 20.27 ? 134 GLU A CA  1 
ATOM   232 C  C   . GLU A 1 32  ? -0.411  9.799   9.375   1.00 19.99 ? 134 GLU A C   1 
ATOM   233 O  O   . GLU A 1 32  ? -1.455  9.944   10.013  1.00 17.37 ? 134 GLU A O   1 
ATOM   234 C  CB  . GLU A 1 32  ? 1.143   7.899   9.889   1.00 21.27 ? 134 GLU A CB  1 
ATOM   235 C  CG  . GLU A 1 32  ? 1.574   6.450   9.623   1.00 24.72 ? 134 GLU A CG  1 
ATOM   236 C  CD  . GLU A 1 32  ? 2.685   6.327   8.595   1.00 25.32 ? 134 GLU A CD  1 
ATOM   237 O  OE1 . GLU A 1 32  ? 2.815   7.217   7.728   1.00 27.45 ? 134 GLU A OE1 1 
ATOM   238 O  OE2 . GLU A 1 32  ? 3.426   5.323   8.648   1.00 27.35 ? 134 GLU A OE2 1 
ATOM   239 N  N   . LYS A 1 33  ? 0.362   10.816  9.014   1.00 20.12 ? 135 LYS A N   1 
ATOM   240 C  CA  . LYS A 1 33  ? 0.025   12.187  9.365   1.00 20.37 ? 135 LYS A CA  1 
ATOM   241 C  C   . LYS A 1 33  ? -1.312  12.626  8.786   1.00 19.56 ? 135 LYS A C   1 
ATOM   242 O  O   . LYS A 1 33  ? -2.229  12.994  9.521   1.00 17.81 ? 135 LYS A O   1 
ATOM   243 C  CB  . LYS A 1 33  ? 1.108   13.149  8.876   1.00 21.09 ? 135 LYS A CB  1 
ATOM   244 C  CG  . LYS A 1 33  ? 0.675   14.606  8.947   1.00 21.95 ? 135 LYS A CG  1 
ATOM   245 C  CD  . LYS A 1 33  ? 1.761   15.554  8.493   1.00 26.85 ? 135 LYS A CD  1 
ATOM   246 C  CE  . LYS A 1 33  ? 2.935   15.536  9.441   1.00 28.89 ? 135 LYS A CE  1 
ATOM   247 N  NZ  . LYS A 1 33  ? 3.982   16.515  9.029   1.00 35.10 ? 135 LYS A NZ  1 
ATOM   248 N  N   . GLU A 1 34  ? -1.416  12.587  7.461   1.00 19.52 ? 136 GLU A N   1 
ATOM   249 C  CA  . GLU A 1 34  ? -2.633  13.007  6.779   1.00 19.18 ? 136 GLU A CA  1 
ATOM   250 C  C   . GLU A 1 34  ? -3.852  12.177  7.164   1.00 17.32 ? 136 GLU A C   1 
ATOM   251 O  O   . GLU A 1 34  ? -4.952  12.714  7.323   1.00 15.75 ? 136 GLU A O   1 
ATOM   252 C  CB  . GLU A 1 34  ? -2.426  12.961  5.263   1.00 19.88 ? 136 GLU A CB  1 
ATOM   253 C  CG  . GLU A 1 34  ? -1.376  13.942  4.748   1.00 22.63 ? 136 GLU A CG  1 
ATOM   254 C  CD  . GLU A 1 34  ? -1.652  15.378  5.168   1.00 24.04 ? 136 GLU A CD  1 
ATOM   255 O  OE1 . GLU A 1 34  ? -2.829  15.799  5.129   1.00 26.38 ? 136 GLU A OE1 1 
ATOM   256 O  OE2 . GLU A 1 34  ? -0.690  16.092  5.529   1.00 24.52 ? 136 GLU A OE2 1 
ATOM   257 N  N   . PHE A 1 35  ? -3.659  10.871  7.312   1.00 16.86 ? 137 PHE A N   1 
ATOM   258 C  CA  . PHE A 1 35  ? -4.761  9.998   7.679   1.00 15.64 ? 137 PHE A CA  1 
ATOM   259 C  C   . PHE A 1 35  ? -5.218  10.232  9.118   1.00 16.43 ? 137 PHE A C   1 
ATOM   260 O  O   . PHE A 1 35  ? -6.402  10.118  9.419   1.00 15.86 ? 137 PHE A O   1 
ATOM   261 C  CB  . PHE A 1 35  ? -4.381  8.523   7.460   1.00 14.58 ? 137 PHE A CB  1 
ATOM   262 C  CG  . PHE A 1 35  ? -4.674  8.020   6.057   1.00 15.11 ? 137 PHE A CG  1 
ATOM   263 C  CD1 . PHE A 1 35  ? -3.992  8.535   4.957   1.00 17.24 ? 137 PHE A CD1 1 
ATOM   264 C  CD2 . PHE A 1 35  ? -5.655  7.055   5.840   1.00 15.57 ? 137 PHE A CD2 1 
ATOM   265 C  CE1 . PHE A 1 35  ? -4.286  8.099   3.655   1.00 18.94 ? 137 PHE A CE1 1 
ATOM   266 C  CE2 . PHE A 1 35  ? -5.957  6.609   4.549   1.00 15.70 ? 137 PHE A CE2 1 
ATOM   267 C  CZ  . PHE A 1 35  ? -5.271  7.133   3.453   1.00 16.83 ? 137 PHE A CZ  1 
ATOM   268 N  N   . SER A 1 36  ? -4.287  10.582  10.003  1.00 15.60 ? 138 SER A N   1 
ATOM   269 C  CA  . SER A 1 36  ? -4.645  10.822  11.397  1.00 16.47 ? 138 SER A CA  1 
ATOM   270 C  C   . SER A 1 36  ? -5.608  12.002  11.528  1.00 17.12 ? 138 SER A C   1 
ATOM   271 O  O   . SER A 1 36  ? -6.431  12.033  12.444  1.00 17.18 ? 138 SER A O   1 
ATOM   272 C  CB  . SER A 1 36  ? -3.392  11.072  12.242  1.00 14.45 ? 138 SER A CB  1 
ATOM   273 O  OG  . SER A 1 36  ? -2.827  12.336  11.973  1.00 17.06 ? 138 SER A OG  1 
ATOM   274 N  N   . LYS A 1 37  ? -5.508  12.964  10.610  1.00 19.45 ? 139 LYS A N   1 
ATOM   275 C  CA  . LYS A 1 37  ? -6.379  14.141  10.622  1.00 21.78 ? 139 LYS A CA  1 
ATOM   276 C  C   . LYS A 1 37  ? -7.838  13.762  10.375  1.00 23.65 ? 139 LYS A C   1 
ATOM   277 O  O   . LYS A 1 37  ? -8.739  14.576  10.589  1.00 25.27 ? 139 LYS A O   1 
ATOM   278 C  CB  . LYS A 1 37  ? -5.949  15.155  9.556   1.00 21.58 ? 139 LYS A CB  1 
ATOM   279 C  CG  . LYS A 1 37  ? -4.585  15.793  9.774   1.00 23.36 ? 139 LYS A CG  1 
ATOM   280 C  CD  . LYS A 1 37  ? -4.262  16.746  8.628   1.00 25.54 ? 139 LYS A CD  1 
ATOM   281 C  CE  . LYS A 1 37  ? -2.883  17.377  8.781   1.00 28.38 ? 139 LYS A CE  1 
ATOM   282 N  NZ  . LYS A 1 37  ? -2.561  18.284  7.638   1.00 29.24 ? 139 LYS A NZ  1 
ATOM   283 N  N   . TYR A 1 38  ? -8.064  12.539  9.901   1.00 21.82 ? 140 TYR A N   1 
ATOM   284 C  CA  . TYR A 1 38  ? -9.420  12.055  9.661   1.00 21.90 ? 140 TYR A CA  1 
ATOM   285 C  C   . TYR A 1 38  ? -9.710  10.860  10.561  1.00 21.47 ? 140 TYR A C   1 
ATOM   286 O  O   . TYR A 1 38  ? -10.725 10.185  10.401  1.00 23.43 ? 140 TYR A O   1 
ATOM   287 C  CB  . TYR A 1 38  ? -9.622  11.656  8.195   1.00 20.99 ? 140 TYR A CB  1 
ATOM   288 C  CG  . TYR A 1 38  ? -9.747  12.827  7.249   1.00 20.50 ? 140 TYR A CG  1 
ATOM   289 C  CD1 . TYR A 1 38  ? -8.639  13.318  6.563   1.00 20.54 ? 140 TYR A CD1 1 
ATOM   290 C  CD2 . TYR A 1 38  ? -10.978 13.460  7.056   1.00 22.56 ? 140 TYR A CD2 1 
ATOM   291 C  CE1 . TYR A 1 38  ? -8.753  14.411  5.703   1.00 23.63 ? 140 TYR A CE1 1 
ATOM   292 C  CE2 . TYR A 1 38  ? -11.102 14.551  6.204   1.00 24.38 ? 140 TYR A CE2 1 
ATOM   293 C  CZ  . TYR A 1 38  ? -9.987  15.022  5.528   1.00 24.90 ? 140 TYR A CZ  1 
ATOM   294 O  OH  . TYR A 1 38  ? -10.116 16.094  4.673   1.00 28.35 ? 140 TYR A OH  1 
ATOM   295 N  N   . GLY A 1 39  ? -8.806  10.601  11.501  1.00 20.97 ? 141 GLY A N   1 
ATOM   296 C  CA  . GLY A 1 39  ? -8.984  9.500   12.435  1.00 19.55 ? 141 GLY A CA  1 
ATOM   297 C  C   . GLY A 1 39  ? -8.734  8.115   11.872  1.00 19.31 ? 141 GLY A C   1 
ATOM   298 O  O   . GLY A 1 39  ? -9.142  7.116   12.469  1.00 19.10 ? 141 GLY A O   1 
ATOM   299 N  N   . VAL A 1 40  ? -8.056  8.041   10.731  1.00 18.13 ? 142 VAL A N   1 
ATOM   300 C  CA  . VAL A 1 40  ? -7.778  6.753   10.102  1.00 16.59 ? 142 VAL A CA  1 
ATOM   301 C  C   . VAL A 1 40  ? -6.345  6.298   10.350  1.00 17.30 ? 142 VAL A C   1 
ATOM   302 O  O   . VAL A 1 40  ? -5.408  7.101   10.322  1.00 18.23 ? 142 VAL A O   1 
ATOM   303 C  CB  . VAL A 1 40  ? -8.028  6.814   8.578   1.00 14.12 ? 142 VAL A CB  1 
ATOM   304 C  CG1 . VAL A 1 40  ? -7.887  5.420   7.964   1.00 10.43 ? 142 VAL A CG1 1 
ATOM   305 C  CG2 . VAL A 1 40  ? -9.412  7.383   8.307   1.00 15.51 ? 142 VAL A CG2 1 
ATOM   306 N  N   . GLU A 1 41  ? -6.181  5.003   10.586  1.00 18.09 ? 143 GLU A N   1 
ATOM   307 C  CA  . GLU A 1 41  ? -4.870  4.439   10.849  1.00 19.43 ? 143 GLU A CA  1 
ATOM   308 C  C   . GLU A 1 41  ? -4.216  3.829   9.613   1.00 18.58 ? 143 GLU A C   1 
ATOM   309 O  O   . GLU A 1 41  ? -4.866  3.157   8.819   1.00 17.52 ? 143 GLU A O   1 
ATOM   310 C  CB  . GLU A 1 41  ? -4.972  3.372   11.935  1.00 20.91 ? 143 GLU A CB  1 
ATOM   311 C  CG  . GLU A 1 41  ? -3.621  2.870   12.412  1.00 26.58 ? 143 GLU A CG  1 
ATOM   312 C  CD  . GLU A 1 41  ? -3.731  1.956   13.613  1.00 28.80 ? 143 GLU A CD  1 
ATOM   313 O  OE1 . GLU A 1 41  ? -4.455  2.315   14.566  1.00 30.91 ? 143 GLU A OE1 1 
ATOM   314 O  OE2 . GLU A 1 41  ? -3.085  0.891   13.606  1.00 30.65 ? 143 GLU A OE2 1 
ATOM   315 N  N   . ILE A 1 42  ? -2.917  4.066   9.467   1.00 19.39 ? 144 ILE A N   1 
ATOM   316 C  CA  . ILE A 1 42  ? -2.158  3.529   8.344   1.00 20.94 ? 144 ILE A CA  1 
ATOM   317 C  C   . ILE A 1 42  ? -1.389  2.298   8.816   1.00 22.22 ? 144 ILE A C   1 
ATOM   318 O  O   . ILE A 1 42  ? -0.723  2.331   9.847   1.00 23.31 ? 144 ILE A O   1 
ATOM   319 C  CB  . ILE A 1 42  ? -1.154  4.574   7.801   1.00 20.43 ? 144 ILE A CB  1 
ATOM   320 C  CG1 . ILE A 1 42  ? -1.901  5.653   7.012   1.00 18.65 ? 144 ILE A CG1 1 
ATOM   321 C  CG2 . ILE A 1 42  ? -0.077  3.887   6.955   1.00 21.94 ? 144 ILE A CG2 1 
ATOM   322 C  CD1 . ILE A 1 42  ? -2.534  5.170   5.711   1.00 19.67 ? 144 ILE A CD1 1 
ATOM   323 N  N   . MET A 1 43  ? -1.499  1.212   8.063   1.00 22.95 ? 145 MET A N   1 
ATOM   324 C  CA  . MET A 1 43  ? -0.802  -0.024  8.394   1.00 25.55 ? 145 MET A CA  1 
ATOM   325 C  C   . MET A 1 43  ? 0.361   -0.205  7.426   1.00 25.42 ? 145 MET A C   1 
ATOM   326 O  O   . MET A 1 43  ? 0.169   -0.187  6.212   1.00 25.49 ? 145 MET A O   1 
ATOM   327 C  CB  . MET A 1 43  ? -1.749  -1.221  8.279   1.00 27.06 ? 145 MET A CB  1 
ATOM   328 C  CG  . MET A 1 43  ? -2.881  -1.232  9.289   1.00 31.01 ? 145 MET A CG  1 
ATOM   329 S  SD  . MET A 1 43  ? -4.026  -2.610  9.023   1.00 33.48 ? 145 MET A SD  1 
ATOM   330 C  CE  . MET A 1 43  ? -3.263  -3.894  10.019  1.00 33.70 ? 145 MET A CE  1 
ATOM   331 N  N   . THR A 1 44  ? 1.565   -0.361  7.967   1.00 25.92 ? 146 THR A N   1 
ATOM   332 C  CA  . THR A 1 44  ? 2.754   -0.555  7.143   1.00 26.15 ? 146 THR A CA  1 
ATOM   333 C  C   . THR A 1 44  ? 3.410   -1.890  7.481   1.00 28.45 ? 146 THR A C   1 
ATOM   334 O  O   . THR A 1 44  ? 3.317   -2.370  8.614   1.00 28.27 ? 146 THR A O   1 
ATOM   335 C  CB  . THR A 1 44  ? 3.788   0.577   7.358   1.00 25.02 ? 146 THR A CB  1 
ATOM   336 O  OG1 . THR A 1 44  ? 4.035   0.745   8.756   1.00 26.13 ? 146 THR A OG1 1 
ATOM   337 C  CG2 . THR A 1 44  ? 3.281   1.887   6.779   1.00 23.41 ? 146 THR A CG2 1 
ATOM   338 N  N   . PRO A 1 45  ? 4.067   -2.522  6.494   1.00 29.19 ? 147 PRO A N   1 
ATOM   339 C  CA  . PRO A 1 45  ? 4.727   -3.809  6.736   1.00 30.66 ? 147 PRO A CA  1 
ATOM   340 C  C   . PRO A 1 45  ? 5.907   -3.654  7.695   1.00 31.44 ? 147 PRO A C   1 
ATOM   341 O  O   . PRO A 1 45  ? 6.348   -2.536  7.973   1.00 30.15 ? 147 PRO A O   1 
ATOM   342 C  CB  . PRO A 1 45  ? 5.184   -4.235  5.340   1.00 30.90 ? 147 PRO A CB  1 
ATOM   343 C  CG  . PRO A 1 45  ? 4.210   -3.539  4.422   1.00 30.83 ? 147 PRO A CG  1 
ATOM   344 C  CD  . PRO A 1 45  ? 4.096   -2.179  5.063   1.00 28.91 ? 147 PRO A CD  1 
ATOM   345 N  N   . THR A 1 46  ? 6.410   -4.778  8.200   1.00 32.97 ? 148 THR A N   1 
ATOM   346 C  CA  . THR A 1 46  ? 7.553   -4.754  9.103   1.00 32.54 ? 148 THR A CA  1 
ATOM   347 C  C   . THR A 1 46  ? 8.726   -4.178  8.324   1.00 33.11 ? 148 THR A C   1 
ATOM   348 O  O   . THR A 1 46  ? 8.637   -3.985  7.107   1.00 32.20 ? 148 THR A O   1 
ATOM   349 C  CB  . THR A 1 46  ? 7.933   -6.163  9.585   1.00 32.46 ? 148 THR A CB  1 
ATOM   350 O  OG1 . THR A 1 46  ? 8.388   -6.940  8.472   1.00 31.42 ? 148 THR A OG1 1 
ATOM   351 C  CG2 . THR A 1 46  ? 6.734   -6.847  10.230  1.00 30.77 ? 148 THR A CG2 1 
ATOM   352 N  N   . GLU A 1 47  ? 9.828   -3.917  9.016   1.00 31.90 ? 149 GLU A N   1 
ATOM   353 C  CA  . GLU A 1 47  ? 10.991  -3.340  8.361   1.00 31.49 ? 149 GLU A CA  1 
ATOM   354 C  C   . GLU A 1 47  ? 11.564  -4.272  7.297   1.00 29.85 ? 149 GLU A C   1 
ATOM   355 O  O   . GLU A 1 47  ? 12.020  -3.814  6.247   1.00 25.61 ? 149 GLU A O   1 
ATOM   356 C  CB  . GLU A 1 47  ? 12.055  -2.992  9.403   1.00 34.73 ? 149 GLU A CB  1 
ATOM   357 C  CG  . GLU A 1 47  ? 12.833  -1.726  9.087   1.00 38.41 ? 149 GLU A CG  1 
ATOM   358 C  CD  . GLU A 1 47  ? 13.515  -1.145  10.311  1.00 42.09 ? 149 GLU A CD  1 
ATOM   359 O  OE1 . GLU A 1 47  ? 14.354  -1.847  10.918  1.00 42.80 ? 149 GLU A OE1 1 
ATOM   360 O  OE2 . GLU A 1 47  ? 13.207  0.012   10.666  1.00 45.43 ? 149 GLU A OE2 1 
ATOM   361 N  N   . ASP A 1 48  ? 11.533  -5.577  7.556   1.00 28.67 ? 150 ASP A N   1 
ATOM   362 C  CA  . ASP A 1 48  ? 12.046  -6.539  6.586   1.00 28.28 ? 150 ASP A CA  1 
ATOM   363 C  C   . ASP A 1 48  ? 11.075  -6.675  5.418   1.00 27.75 ? 150 ASP A C   1 
ATOM   364 O  O   . ASP A 1 48  ? 11.492  -6.759  4.260   1.00 27.52 ? 150 ASP A O   1 
ATOM   365 C  CB  . ASP A 1 48  ? 12.253  -7.917  7.221   1.00 30.11 ? 150 ASP A CB  1 
ATOM   366 C  CG  . ASP A 1 48  ? 12.978  -8.881  6.289   1.00 30.26 ? 150 ASP A CG  1 
ATOM   367 O  OD1 . ASP A 1 48  ? 14.175  -8.655  6.009   1.00 32.41 ? 150 ASP A OD1 1 
ATOM   368 O  OD2 . ASP A 1 48  ? 12.354  -9.855  5.824   1.00 30.13 ? 150 ASP A OD2 1 
ATOM   369 N  N   . GLU A 1 49  ? 9.781   -6.705  5.724   1.00 26.60 ? 151 GLU A N   1 
ATOM   370 C  CA  . GLU A 1 49  ? 8.764   -6.824  4.684   1.00 27.26 ? 151 GLU A CA  1 
ATOM   371 C  C   . GLU A 1 49  ? 8.815   -5.578  3.806   1.00 25.31 ? 151 GLU A C   1 
ATOM   372 O  O   . GLU A 1 49  ? 8.581   -5.644  2.599   1.00 26.23 ? 151 GLU A O   1 
ATOM   373 C  CB  . GLU A 1 49  ? 7.369   -6.963  5.300   1.00 28.29 ? 151 GLU A CB  1 
ATOM   374 C  CG  . GLU A 1 49  ? 7.189   -8.172  6.212   1.00 31.20 ? 151 GLU A CG  1 
ATOM   375 C  CD  . GLU A 1 49  ? 5.855   -8.152  6.944   1.00 32.93 ? 151 GLU A CD  1 
ATOM   376 O  OE1 . GLU A 1 49  ? 5.434   -7.059  7.385   1.00 31.08 ? 151 GLU A OE1 1 
ATOM   377 O  OE2 . GLU A 1 49  ? 5.233   -9.224  7.086   1.00 33.90 ? 151 GLU A OE2 1 
ATOM   378 N  N   . GLN A 1 50  ? 9.128   -4.443  4.424   1.00 22.09 ? 152 GLN A N   1 
ATOM   379 C  CA  . GLN A 1 50  ? 9.215   -3.188  3.697   1.00 20.85 ? 152 GLN A CA  1 
ATOM   380 C  C   . GLN A 1 50  ? 10.385  -3.235  2.714   1.00 19.78 ? 152 GLN A C   1 
ATOM   381 O  O   . GLN A 1 50  ? 10.360  -2.577  1.679   1.00 18.56 ? 152 GLN A O   1 
ATOM   382 C  CB  . GLN A 1 50  ? 9.386   -2.023  4.672   1.00 19.90 ? 152 GLN A CB  1 
ATOM   383 C  CG  . GLN A 1 50  ? 9.443   -0.647  4.017   1.00 20.12 ? 152 GLN A CG  1 
ATOM   384 C  CD  . GLN A 1 50  ? 8.330   -0.424  3.011   1.00 22.71 ? 152 GLN A CD  1 
ATOM   385 O  OE1 . GLN A 1 50  ? 7.189   -0.842  3.222   1.00 23.03 ? 152 GLN A OE1 1 
ATOM   386 N  NE2 . GLN A 1 50  ? 8.654   0.253   1.911   1.00 21.67 ? 152 GLN A NE2 1 
ATOM   387 N  N   . LYS A 1 51  ? 11.412  -4.014  3.038   1.00 21.16 ? 153 LYS A N   1 
ATOM   388 C  CA  . LYS A 1 51  ? 12.558  -4.125  2.140   1.00 19.66 ? 153 LYS A CA  1 
ATOM   389 C  C   . LYS A 1 51  ? 12.125  -4.905  0.899   1.00 17.67 ? 153 LYS A C   1 
ATOM   390 O  O   . LYS A 1 51  ? 12.559  -4.602  -0.215  1.00 17.02 ? 153 LYS A O   1 
ATOM   391 C  CB  . LYS A 1 51  ? 13.729  -4.822  2.839   1.00 21.93 ? 153 LYS A CB  1 
ATOM   392 C  CG  . LYS A 1 51  ? 14.957  -4.981  1.960   1.00 22.39 ? 153 LYS A CG  1 
ATOM   393 C  CD  . LYS A 1 51  ? 15.026  -6.378  1.342   1.00 24.10 ? 153 LYS A CD  1 
ATOM   394 C  CE  . LYS A 1 51  ? 15.293  -7.441  2.412   1.00 24.53 ? 153 LYS A CE  1 
ATOM   395 N  NZ  . LYS A 1 51  ? 15.296  -8.822  1.851   1.00 21.96 ? 153 LYS A NZ  1 
ATOM   396 N  N   . ASP A 1 52  ? 11.263  -5.900  1.099   1.00 15.95 ? 154 ASP A N   1 
ATOM   397 C  CA  . ASP A 1 52  ? 10.742  -6.704  -0.003  1.00 18.12 ? 154 ASP A CA  1 
ATOM   398 C  C   . ASP A 1 52  ? 9.768   -5.909  -0.883  1.00 18.12 ? 154 ASP A C   1 
ATOM   399 O  O   . ASP A 1 52  ? 9.612   -6.193  -2.075  1.00 16.88 ? 154 ASP A O   1 
ATOM   400 C  CB  . ASP A 1 52  ? 10.055  -7.960  0.536   1.00 19.72 ? 154 ASP A CB  1 
ATOM   401 C  CG  . ASP A 1 52  ? 11.049  -9.063  0.880   1.00 22.20 ? 154 ASP A CG  1 
ATOM   402 O  OD1 . ASP A 1 52  ? 10.619  -10.178 1.240   1.00 22.99 ? 154 ASP A OD1 1 
ATOM   403 O  OD2 . ASP A 1 52  ? 12.266  -8.811  0.783   1.00 22.88 ? 154 ASP A OD2 1 
ATOM   404 N  N   . VAL A 1 53  ? 9.100   -4.924  -0.292  1.00 18.45 ? 155 VAL A N   1 
ATOM   405 C  CA  . VAL A 1 53  ? 8.177   -4.086  -1.049  1.00 14.78 ? 155 VAL A CA  1 
ATOM   406 C  C   . VAL A 1 53  ? 9.061   -3.264  -1.971  1.00 16.01 ? 155 VAL A C   1 
ATOM   407 O  O   . VAL A 1 53  ? 8.747   -3.065  -3.147  1.00 17.12 ? 155 VAL A O   1 
ATOM   408 C  CB  . VAL A 1 53  ? 7.383   -3.131  -0.120  1.00 13.74 ? 155 VAL A CB  1 
ATOM   409 C  CG1 . VAL A 1 53  ? 6.692   -2.037  -0.944  1.00 10.84 ? 155 VAL A CG1 1 
ATOM   410 C  CG2 . VAL A 1 53  ? 6.348   -3.916  0.651   1.00 13.20 ? 155 VAL A CG2 1 
ATOM   411 N  N   . MET A 1 54  ? 10.182  -2.802  -1.425  1.00 14.89 ? 156 MET A N   1 
ATOM   412 C  CA  . MET A 1 54  ? 11.131  -2.005  -2.190  1.00 15.43 ? 156 MET A CA  1 
ATOM   413 C  C   . MET A 1 54  ? 11.714  -2.830  -3.331  1.00 15.95 ? 156 MET A C   1 
ATOM   414 O  O   . MET A 1 54  ? 11.897  -2.322  -4.435  1.00 14.76 ? 156 MET A O   1 
ATOM   415 C  CB  . MET A 1 54  ? 12.249  -1.493  -1.277  1.00 16.34 ? 156 MET A CB  1 
ATOM   416 C  CG  . MET A 1 54  ? 11.807  -0.361  -0.350  1.00 14.89 ? 156 MET A CG  1 
ATOM   417 S  SD  . MET A 1 54  ? 11.500  1.156   -1.265  1.00 19.45 ? 156 MET A SD  1 
ATOM   418 C  CE  . MET A 1 54  ? 13.175  1.824   -1.338  1.00 18.68 ? 156 MET A CE  1 
ATOM   419 N  N   . ARG A 1 55  ? 12.006  -4.099  -3.057  1.00 15.52 ? 157 ARG A N   1 
ATOM   420 C  CA  . ARG A 1 55  ? 12.545  -4.999  -4.070  1.00 16.77 ? 157 ARG A CA  1 
ATOM   421 C  C   . ARG A 1 55  ? 11.490  -5.220  -5.140  1.00 16.50 ? 157 ARG A C   1 
ATOM   422 O  O   . ARG A 1 55  ? 11.799  -5.248  -6.336  1.00 17.08 ? 157 ARG A O   1 
ATOM   423 C  CB  . ARG A 1 55  ? 12.919  -6.352  -3.454  1.00 18.54 ? 157 ARG A CB  1 
ATOM   424 C  CG  . ARG A 1 55  ? 14.169  -6.346  -2.589  1.00 22.39 ? 157 ARG A CG  1 
ATOM   425 C  CD  . ARG A 1 55  ? 14.432  -7.749  -2.044  1.00 21.85 ? 157 ARG A CD  1 
ATOM   426 N  NE  . ARG A 1 55  ? 14.548  -8.720  -3.126  1.00 22.90 ? 157 ARG A NE  1 
ATOM   427 C  CZ  . ARG A 1 55  ? 14.053  -9.952  -3.085  1.00 23.98 ? 157 ARG A CZ  1 
ATOM   428 N  NH1 . ARG A 1 55  ? 13.405  -10.374 -2.004  1.00 21.10 ? 157 ARG A NH1 1 
ATOM   429 N  NH2 . ARG A 1 55  ? 14.182  -10.754 -4.135  1.00 21.68 ? 157 ARG A NH2 1 
ATOM   430 N  N   . GLY A 1 56  ? 10.244  -5.388  -4.703  1.00 15.82 ? 158 GLY A N   1 
ATOM   431 C  CA  . GLY A 1 56  ? 9.150   -5.607  -5.634  1.00 15.70 ? 158 GLY A CA  1 
ATOM   432 C  C   . GLY A 1 56  ? 8.966   -4.444  -6.595  1.00 14.69 ? 158 GLY A C   1 
ATOM   433 O  O   . GLY A 1 56  ? 8.690   -4.643  -7.778  1.00 15.91 ? 158 GLY A O   1 
ATOM   434 N  N   . ILE A 1 57  ? 9.128   -3.226  -6.091  1.00 14.81 ? 159 ILE A N   1 
ATOM   435 C  CA  . ILE A 1 57  ? 8.974   -2.028  -6.914  1.00 17.15 ? 159 ILE A CA  1 
ATOM   436 C  C   . ILE A 1 57  ? 10.170  -1.777  -7.834  1.00 17.59 ? 159 ILE A C   1 
ATOM   437 O  O   . ILE A 1 57  ? 9.999   -1.502  -9.021  1.00 19.28 ? 159 ILE A O   1 
ATOM   438 C  CB  . ILE A 1 57  ? 8.790   -0.763  -6.036  1.00 18.12 ? 159 ILE A CB  1 
ATOM   439 C  CG1 . ILE A 1 57  ? 7.476   -0.852  -5.261  1.00 16.76 ? 159 ILE A CG1 1 
ATOM   440 C  CG2 . ILE A 1 57  ? 8.832   0.497   -6.910  1.00 16.60 ? 159 ILE A CG2 1 
ATOM   441 C  CD1 . ILE A 1 57  ? 7.398   0.098   -4.083  1.00 16.55 ? 159 ILE A CD1 1 
ATOM   442 N  N   . TYR A 1 58  ? 11.379  -1.872  -7.287  1.00 18.84 ? 160 TYR A N   1 
ATOM   443 C  CA  . TYR A 1 58  ? 12.579  -1.599  -8.074  1.00 18.34 ? 160 TYR A CA  1 
ATOM   444 C  C   . TYR A 1 58  ? 13.284  -2.790  -8.708  1.00 18.98 ? 160 TYR A C   1 
ATOM   445 O  O   . TYR A 1 58  ? 13.578  -2.762  -9.901  1.00 18.77 ? 160 TYR A O   1 
ATOM   446 C  CB  . TYR A 1 58  ? 13.565  -0.793  -7.228  1.00 19.02 ? 160 TYR A CB  1 
ATOM   447 C  CG  . TYR A 1 58  ? 12.959  0.497   -6.723  1.00 19.24 ? 160 TYR A CG  1 
ATOM   448 C  CD1 . TYR A 1 58  ? 12.529  0.622   -5.407  1.00 19.27 ? 160 TYR A CD1 1 
ATOM   449 C  CD2 . TYR A 1 58  ? 12.767  1.577   -7.584  1.00 20.31 ? 160 TYR A CD2 1 
ATOM   450 C  CE1 . TYR A 1 58  ? 11.919  1.789   -4.958  1.00 18.29 ? 160 TYR A CE1 1 
ATOM   451 C  CE2 . TYR A 1 58  ? 12.161  2.746   -7.148  1.00 18.59 ? 160 TYR A CE2 1 
ATOM   452 C  CZ  . TYR A 1 58  ? 11.739  2.847   -5.837  1.00 20.71 ? 160 TYR A CZ  1 
ATOM   453 O  OH  . TYR A 1 58  ? 11.134  4.006   -5.407  1.00 21.94 ? 160 TYR A OH  1 
ATOM   454 N  N   . GLU A 1 59  ? 13.567  -3.827  -7.929  1.00 19.35 ? 161 GLU A N   1 
ATOM   455 C  CA  . GLU A 1 59  ? 14.222  -5.003  -8.483  1.00 19.40 ? 161 GLU A CA  1 
ATOM   456 C  C   . GLU A 1 59  ? 13.211  -5.742  -9.362  1.00 19.51 ? 161 GLU A C   1 
ATOM   457 O  O   . GLU A 1 59  ? 13.575  -6.488  -10.274 1.00 19.23 ? 161 GLU A O   1 
ATOM   458 C  CB  . GLU A 1 59  ? 14.712  -5.928  -7.363  1.00 19.88 ? 161 GLU A CB  1 
ATOM   459 C  CG  . GLU A 1 59  ? 15.473  -7.138  -7.871  1.00 21.92 ? 161 GLU A CG  1 
ATOM   460 C  CD  . GLU A 1 59  ? 15.774  -8.165  -6.787  1.00 23.92 ? 161 GLU A CD  1 
ATOM   461 O  OE1 . GLU A 1 59  ? 16.272  -9.253  -7.140  1.00 24.06 ? 161 GLU A OE1 1 
ATOM   462 O  OE2 . GLU A 1 59  ? 15.519  -7.891  -5.593  1.00 26.99 ? 161 GLU A OE2 1 
ATOM   463 N  N   . GLY A 1 60  ? 11.932  -5.515  -9.088  1.00 18.57 ? 162 GLY A N   1 
ATOM   464 C  CA  . GLY A 1 60  ? 10.893  -6.171  -9.855  1.00 18.45 ? 162 GLY A CA  1 
ATOM   465 C  C   . GLY A 1 60  ? 10.323  -5.338  -10.987 1.00 18.43 ? 162 GLY A C   1 
ATOM   466 O  O   . GLY A 1 60  ? 10.825  -5.370  -12.111 1.00 18.28 ? 162 GLY A O   1 
ATOM   467 N  N   . VAL A 1 61  ? 9.282   -4.575  -10.686 1.00 17.85 ? 163 VAL A N   1 
ATOM   468 C  CA  . VAL A 1 61  ? 8.615   -3.768  -11.694 1.00 20.23 ? 163 VAL A CA  1 
ATOM   469 C  C   . VAL A 1 61  ? 9.488   -2.803  -12.492 1.00 21.33 ? 163 VAL A C   1 
ATOM   470 O  O   . VAL A 1 61  ? 9.511   -2.869  -13.718 1.00 24.34 ? 163 VAL A O   1 
ATOM   471 C  CB  . VAL A 1 61  ? 7.431   -2.984  -11.084 1.00 20.06 ? 163 VAL A CB  1 
ATOM   472 C  CG1 . VAL A 1 61  ? 6.693   -2.232  -12.180 1.00 17.57 ? 163 VAL A CG1 1 
ATOM   473 C  CG2 . VAL A 1 61  ? 6.473   -3.950  -10.380 1.00 19.97 ? 163 VAL A CG2 1 
ATOM   474 N  N   . LYS A 1 62  ? 10.202  -1.914  -11.816 1.00 21.38 ? 164 LYS A N   1 
ATOM   475 C  CA  . LYS A 1 62  ? 11.037  -0.941  -12.522 1.00 24.84 ? 164 LYS A CA  1 
ATOM   476 C  C   . LYS A 1 62  ? 12.157  -1.591  -13.337 1.00 25.94 ? 164 LYS A C   1 
ATOM   477 O  O   . LYS A 1 62  ? 12.545  -1.080  -14.390 1.00 25.78 ? 164 LYS A O   1 
ATOM   478 C  CB  . LYS A 1 62  ? 11.630  0.061   -11.527 1.00 27.25 ? 164 LYS A CB  1 
ATOM   479 C  CG  . LYS A 1 62  ? 12.097  1.363   -12.156 1.00 31.88 ? 164 LYS A CG  1 
ATOM   480 C  CD  . LYS A 1 62  ? 12.614  2.329   -11.101 1.00 34.36 ? 164 LYS A CD  1 
ATOM   481 C  CE  . LYS A 1 62  ? 12.815  3.731   -11.673 1.00 37.97 ? 164 LYS A CE  1 
ATOM   482 N  NZ  . LYS A 1 62  ? 11.522  4.339   -12.112 1.00 37.57 ? 164 LYS A NZ  1 
ATOM   483 N  N   . ALA A 1 63  ? 12.669  -2.721  -12.855 1.00 24.84 ? 165 ALA A N   1 
ATOM   484 C  CA  . ALA A 1 63  ? 13.748  -3.423  -13.540 1.00 25.82 ? 165 ALA A CA  1 
ATOM   485 C  C   . ALA A 1 63  ? 13.272  -4.245  -14.731 1.00 24.89 ? 165 ALA A C   1 
ATOM   486 O  O   . ALA A 1 63  ? 14.080  -4.693  -15.547 1.00 25.43 ? 165 ALA A O   1 
ATOM   487 C  CB  . ALA A 1 63  ? 14.486  -4.327  -12.557 1.00 27.14 ? 165 ALA A CB  1 
ATOM   488 N  N   . GLY A 1 64  ? 11.963  -4.452  -14.828 1.00 23.83 ? 166 GLY A N   1 
ATOM   489 C  CA  . GLY A 1 64  ? 11.429  -5.232  -15.928 1.00 22.49 ? 166 GLY A CA  1 
ATOM   490 C  C   . GLY A 1 64  ? 11.095  -6.655  -15.515 1.00 21.81 ? 166 GLY A C   1 
ATOM   491 O  O   . GLY A 1 64  ? 10.530  -7.421  -16.297 1.00 21.39 ? 166 GLY A O   1 
ATOM   492 N  N   . ASN A 1 65  ? 11.444  -7.022  -14.288 1.00 20.43 ? 167 ASN A N   1 
ATOM   493 C  CA  . ASN A 1 65  ? 11.145  -8.366  -13.811 1.00 20.10 ? 167 ASN A CA  1 
ATOM   494 C  C   . ASN A 1 65  ? 9.747   -8.362  -13.185 1.00 19.86 ? 167 ASN A C   1 
ATOM   495 O  O   . ASN A 1 65  ? 9.586   -8.488  -11.970 1.00 20.41 ? 167 ASN A O   1 
ATOM   496 C  CB  . ASN A 1 65  ? 12.187  -8.817  -12.784 1.00 19.18 ? 167 ASN A CB  1 
ATOM   497 C  CG  . ASN A 1 65  ? 12.048  -10.277 -12.433 1.00 18.83 ? 167 ASN A CG  1 
ATOM   498 O  OD1 . ASN A 1 65  ? 11.007  -10.880 -12.676 1.00 16.30 ? 167 ASN A OD1 1 
ATOM   499 N  ND2 . ASN A 1 65  ? 13.092  -10.854 -11.845 1.00 22.50 ? 167 ASN A ND2 1 
ATOM   500 N  N   . LEU A 1 66  ? 8.741   -8.229  -14.041 1.00 19.15 ? 168 LEU A N   1 
ATOM   501 C  CA  . LEU A 1 66  ? 7.347   -8.179  -13.623 1.00 19.08 ? 168 LEU A CA  1 
ATOM   502 C  C   . LEU A 1 66  ? 6.880   -9.367  -12.786 1.00 18.78 ? 168 LEU A C   1 
ATOM   503 O  O   . LEU A 1 66  ? 6.014   -9.216  -11.918 1.00 16.10 ? 168 LEU A O   1 
ATOM   504 C  CB  . LEU A 1 66  ? 6.461   -8.017  -14.859 1.00 20.18 ? 168 LEU A CB  1 
ATOM   505 C  CG  . LEU A 1 66  ? 6.743   -6.718  -15.631 1.00 19.38 ? 168 LEU A CG  1 
ATOM   506 C  CD1 . LEU A 1 66  ? 6.004   -6.729  -16.961 1.00 18.67 ? 168 LEU A CD1 1 
ATOM   507 C  CD2 . LEU A 1 66  ? 6.316   -5.521  -14.786 1.00 19.18 ? 168 LEU A CD2 1 
ATOM   508 N  N   . LYS A 1 67  ? 7.447   -10.544 -13.038 1.00 18.09 ? 169 LYS A N   1 
ATOM   509 C  CA  . LYS A 1 67  ? 7.068   -11.735 -12.280 1.00 18.05 ? 169 LYS A CA  1 
ATOM   510 C  C   . LYS A 1 67  ? 7.468   -11.582 -10.818 1.00 16.89 ? 169 LYS A C   1 
ATOM   511 O  O   . LYS A 1 67  ? 6.697   -11.912 -9.914  1.00 16.91 ? 169 LYS A O   1 
ATOM   512 C  CB  . LYS A 1 67  ? 7.739   -12.984 -12.864 1.00 22.13 ? 169 LYS A CB  1 
ATOM   513 C  CG  . LYS A 1 67  ? 7.430   -14.259 -12.097 1.00 26.66 ? 169 LYS A CG  1 
ATOM   514 C  CD  . LYS A 1 67  ? 8.278   -15.426 -12.587 1.00 32.16 ? 169 LYS A CD  1 
ATOM   515 C  CE  . LYS A 1 67  ? 8.049   -16.674 -11.738 1.00 36.02 ? 169 LYS A CE  1 
ATOM   516 N  NZ  . LYS A 1 67  ? 8.952   -17.798 -12.126 1.00 38.08 ? 169 LYS A NZ  1 
ATOM   517 N  N   . LEU A 1 68  ? 8.676   -11.076 -10.589 1.00 14.25 ? 170 LEU A N   1 
ATOM   518 C  CA  . LEU A 1 68  ? 9.176   -10.878 -9.232  1.00 15.67 ? 170 LEU A CA  1 
ATOM   519 C  C   . LEU A 1 68  ? 8.384   -9.794  -8.511  1.00 15.04 ? 170 LEU A C   1 
ATOM   520 O  O   . LEU A 1 68  ? 8.022   -9.950  -7.343  1.00 14.27 ? 170 LEU A O   1 
ATOM   521 C  CB  . LEU A 1 68  ? 10.659  -10.492 -9.254  1.00 17.35 ? 170 LEU A CB  1 
ATOM   522 C  CG  . LEU A 1 68  ? 11.307  -10.218 -7.890  1.00 19.62 ? 170 LEU A CG  1 
ATOM   523 C  CD1 . LEU A 1 68  ? 11.313  -11.494 -7.038  1.00 17.74 ? 170 LEU A CD1 1 
ATOM   524 C  CD2 . LEU A 1 68  ? 12.725  -9.709  -8.098  1.00 21.21 ? 170 LEU A CD2 1 
ATOM   525 N  N   . GLY A 1 69  ? 8.125   -8.692  -9.210  1.00 13.88 ? 171 GLY A N   1 
ATOM   526 C  CA  . GLY A 1 69  ? 7.372   -7.600  -8.623  1.00 14.17 ? 171 GLY A CA  1 
ATOM   527 C  C   . GLY A 1 69  ? 5.985   -8.028  -8.189  1.00 15.66 ? 171 GLY A C   1 
ATOM   528 O  O   . GLY A 1 69  ? 5.533   -7.674  -7.095  1.00 15.64 ? 171 GLY A O   1 
ATOM   529 N  N   . ARG A 1 70  ? 5.298   -8.782  -9.045  1.00 13.99 ? 172 ARG A N   1 
ATOM   530 C  CA  . ARG A 1 70  ? 3.965   -9.246  -8.715  1.00 16.42 ? 172 ARG A CA  1 
ATOM   531 C  C   . ARG A 1 70  ? 4.027   -10.140 -7.492  1.00 18.25 ? 172 ARG A C   1 
ATOM   532 O  O   . ARG A 1 70  ? 3.256   -9.970  -6.551  1.00 19.03 ? 172 ARG A O   1 
ATOM   533 C  CB  . ARG A 1 70  ? 3.336   -10.024 -9.874  1.00 14.78 ? 172 ARG A CB  1 
ATOM   534 C  CG  . ARG A 1 70  ? 1.968   -10.609 -9.509  1.00 17.42 ? 172 ARG A CG  1 
ATOM   535 C  CD  . ARG A 1 70  ? 1.246   -11.186 -10.708 1.00 15.90 ? 172 ARG A CD  1 
ATOM   536 N  NE  . ARG A 1 70  ? 0.024   -11.891 -10.335 1.00 15.98 ? 172 ARG A NE  1 
ATOM   537 C  CZ  . ARG A 1 70  ? -1.074  -11.316 -9.852  1.00 16.84 ? 172 ARG A CZ  1 
ATOM   538 N  NH1 . ARG A 1 70  ? -1.125  -10.002 -9.671  1.00 16.34 ? 172 ARG A NH1 1 
ATOM   539 N  NH2 . ARG A 1 70  ? -2.136  -12.060 -9.566  1.00 15.90 ? 172 ARG A NH2 1 
ATOM   540 N  N   . GLU A 1 71  ? 4.958   -11.090 -7.515  1.00 19.96 ? 173 GLU A N   1 
ATOM   541 C  CA  . GLU A 1 71  ? 5.135   -12.027 -6.413  1.00 21.54 ? 173 GLU A CA  1 
ATOM   542 C  C   . GLU A 1 71  ? 5.303   -11.335 -5.058  1.00 19.99 ? 173 GLU A C   1 
ATOM   543 O  O   . GLU A 1 71  ? 4.541   -11.580 -4.127  1.00 21.19 ? 173 GLU A O   1 
ATOM   544 C  CB  . GLU A 1 71  ? 6.351   -12.908 -6.682  1.00 25.20 ? 173 GLU A CB  1 
ATOM   545 C  CG  . GLU A 1 71  ? 6.600   -13.960 -5.624  1.00 30.64 ? 173 GLU A CG  1 
ATOM   546 C  CD  . GLU A 1 71  ? 7.985   -14.566 -5.738  1.00 34.84 ? 173 GLU A CD  1 
ATOM   547 O  OE1 . GLU A 1 71  ? 8.398   -14.906 -6.872  1.00 37.69 ? 173 GLU A OE1 1 
ATOM   548 O  OE2 . GLU A 1 71  ? 8.656   -14.701 -4.694  1.00 35.96 ? 173 GLU A OE2 1 
ATOM   549 N  N   . LEU A 1 72  ? 6.301   -10.467 -4.954  1.00 17.73 ? 174 LEU A N   1 
ATOM   550 C  CA  . LEU A 1 72  ? 6.563   -9.773  -3.702  1.00 19.11 ? 174 LEU A CA  1 
ATOM   551 C  C   . LEU A 1 72  ? 5.479   -8.782  -3.272  1.00 18.35 ? 174 LEU A C   1 
ATOM   552 O  O   . LEU A 1 72  ? 5.166   -8.684  -2.088  1.00 19.21 ? 174 LEU A O   1 
ATOM   553 C  CB  . LEU A 1 72  ? 7.922   -9.057  -3.773  1.00 18.88 ? 174 LEU A CB  1 
ATOM   554 C  CG  . LEU A 1 72  ? 9.162   -9.947  -3.956  1.00 20.56 ? 174 LEU A CG  1 
ATOM   555 C  CD1 . LEU A 1 72  ? 10.414  -9.080  -4.004  1.00 18.19 ? 174 LEU A CD1 1 
ATOM   556 C  CD2 . LEU A 1 72  ? 9.256   -10.948 -2.805  1.00 21.27 ? 174 LEU A CD2 1 
ATOM   557 N  N   . LEU A 1 73  ? 4.899   -8.051  -4.220  1.00 18.39 ? 175 LEU A N   1 
ATOM   558 C  CA  . LEU A 1 73  ? 3.869   -7.069  -3.875  1.00 18.48 ? 175 LEU A CA  1 
ATOM   559 C  C   . LEU A 1 73  ? 2.531   -7.717  -3.521  1.00 20.09 ? 175 LEU A C   1 
ATOM   560 O  O   . LEU A 1 73  ? 1.857   -7.305  -2.569  1.00 21.31 ? 175 LEU A O   1 
ATOM   561 C  CB  . LEU A 1 73  ? 3.693   -6.066  -5.020  1.00 17.12 ? 175 LEU A CB  1 
ATOM   562 C  CG  . LEU A 1 73  ? 4.925   -5.180  -5.256  1.00 16.27 ? 175 LEU A CG  1 
ATOM   563 C  CD1 . LEU A 1 73  ? 4.670   -4.215  -6.396  1.00 15.70 ? 175 LEU A CD1 1 
ATOM   564 C  CD2 . LEU A 1 73  ? 5.256   -4.411  -3.972  1.00 16.83 ? 175 LEU A CD2 1 
ATOM   565 N  N   . LEU A 1 74  ? 2.146   -8.732  -4.282  1.00 21.03 ? 176 LEU A N   1 
ATOM   566 C  CA  . LEU A 1 74  ? 0.896   -9.427  -4.015  1.00 22.71 ? 176 LEU A CA  1 
ATOM   567 C  C   . LEU A 1 74  ? 0.971   -10.066 -2.628  1.00 24.15 ? 176 LEU A C   1 
ATOM   568 O  O   . LEU A 1 74  ? 0.017   -10.002 -1.850  1.00 23.23 ? 176 LEU A O   1 
ATOM   569 C  CB  . LEU A 1 74  ? 0.648   -10.491 -5.089  1.00 21.75 ? 176 LEU A CB  1 
ATOM   570 C  CG  . LEU A 1 74  ? -0.585  -11.392 -4.965  1.00 24.03 ? 176 LEU A CG  1 
ATOM   571 C  CD1 . LEU A 1 74  ? -1.841  -10.551 -4.781  1.00 24.90 ? 176 LEU A CD1 1 
ATOM   572 C  CD2 . LEU A 1 74  ? -0.702  -12.262 -6.206  1.00 24.33 ? 176 LEU A CD2 1 
ATOM   573 N  N   . LYS A 1 75  ? 2.119   -10.660 -2.313  1.00 26.05 ? 177 LYS A N   1 
ATOM   574 C  CA  . LYS A 1 75  ? 2.301   -11.309 -1.021  1.00 27.68 ? 177 LYS A CA  1 
ATOM   575 C  C   . LYS A 1 75  ? 2.179   -10.317 0.122   1.00 26.91 ? 177 LYS A C   1 
ATOM   576 O  O   . LYS A 1 75  ? 1.564   -10.617 1.146   1.00 30.08 ? 177 LYS A O   1 
ATOM   577 C  CB  . LYS A 1 75  ? 3.670   -11.997 -0.944  1.00 30.15 ? 177 LYS A CB  1 
ATOM   578 C  CG  . LYS A 1 75  ? 3.789   -12.936 0.242   1.00 32.82 ? 177 LYS A CG  1 
ATOM   579 C  CD  . LYS A 1 75  ? 5.206   -13.443 0.452   1.00 36.48 ? 177 LYS A CD  1 
ATOM   580 C  CE  . LYS A 1 75  ? 6.104   -12.357 1.020   1.00 37.85 ? 177 LYS A CE  1 
ATOM   581 N  NZ  . LYS A 1 75  ? 7.404   -12.919 1.493   1.00 39.75 ? 177 LYS A NZ  1 
ATOM   582 N  N   . THR A 1 76  ? 2.764   -9.138  -0.049  1.00 26.06 ? 178 THR A N   1 
ATOM   583 C  CA  . THR A 1 76  ? 2.715   -8.110  0.985   1.00 26.24 ? 178 THR A CA  1 
ATOM   584 C  C   . THR A 1 76  ? 1.295   -7.582  1.170   1.00 26.63 ? 178 THR A C   1 
ATOM   585 O  O   . THR A 1 76  ? 0.846   -7.371  2.300   1.00 26.61 ? 178 THR A O   1 
ATOM   586 C  CB  . THR A 1 76  ? 3.649   -6.931  0.646   1.00 26.06 ? 178 THR A CB  1 
ATOM   587 O  OG1 . THR A 1 76  ? 4.988   -7.419  0.482   1.00 24.69 ? 178 THR A OG1 1 
ATOM   588 C  CG2 . THR A 1 76  ? 3.625   -5.892  1.759   1.00 25.10 ? 178 THR A CG2 1 
ATOM   589 N  N   . ALA A 1 77  ? 0.592   -7.375  0.060   1.00 25.28 ? 179 ALA A N   1 
ATOM   590 C  CA  . ALA A 1 77  ? -0.785  -6.888  0.104   1.00 25.98 ? 179 ALA A CA  1 
ATOM   591 C  C   . ALA A 1 77  ? -1.660  -7.893  0.846   1.00 26.06 ? 179 ALA A C   1 
ATOM   592 O  O   . ALA A 1 77  ? -2.486  -7.521  1.683   1.00 24.34 ? 179 ALA A O   1 
ATOM   593 C  CB  . ALA A 1 77  ? -1.311  -6.688  -1.304  1.00 25.63 ? 179 ALA A CB  1 
ATOM   594 N  N   . LYS A 1 78  ? -1.472  -9.170  0.527   1.00 27.80 ? 180 LYS A N   1 
ATOM   595 C  CA  . LYS A 1 78  ? -2.240  -10.237 1.157   1.00 27.95 ? 180 LYS A CA  1 
ATOM   596 C  C   . LYS A 1 78  ? -1.955  -10.331 2.649   1.00 27.77 ? 180 LYS A C   1 
ATOM   597 O  O   . LYS A 1 78  ? -2.815  -10.740 3.422   1.00 32.17 ? 180 LYS A O   1 
ATOM   598 C  CB  . LYS A 1 78  ? -1.946  -11.572 0.470   1.00 30.21 ? 180 LYS A CB  1 
ATOM   599 C  CG  . LYS A 1 78  ? -2.744  -11.793 -0.806  1.00 29.88 ? 180 LYS A CG  1 
ATOM   600 C  CD  . LYS A 1 78  ? -4.231  -11.789 -0.487  1.00 32.89 ? 180 LYS A CD  1 
ATOM   601 C  CE  . LYS A 1 78  ? -5.085  -12.065 -1.709  1.00 31.89 ? 180 LYS A CE  1 
ATOM   602 N  NZ  . LYS A 1 78  ? -6.532  -11.872 -1.397  1.00 32.38 ? 180 LYS A NZ  1 
ATOM   603 N  N   . ILE A 1 79  ? -0.751  -9.946  3.053   1.00 28.49 ? 181 ILE A N   1 
ATOM   604 C  CA  . ILE A 1 79  ? -0.365  -9.970  4.462   1.00 27.81 ? 181 ILE A CA  1 
ATOM   605 C  C   . ILE A 1 79  ? -1.038  -8.816  5.219   1.00 26.78 ? 181 ILE A C   1 
ATOM   606 O  O   . ILE A 1 79  ? -1.551  -8.999  6.324   1.00 23.36 ? 181 ILE A O   1 
ATOM   607 C  CB  . ILE A 1 79  ? 1.172   -9.869  4.605   1.00 30.24 ? 181 ILE A CB  1 
ATOM   608 C  CG1 . ILE A 1 79  ? 1.813   -11.193 4.174   1.00 33.65 ? 181 ILE A CG1 1 
ATOM   609 C  CG2 . ILE A 1 79  ? 1.555   -9.516  6.028   1.00 31.41 ? 181 ILE A CG2 1 
ATOM   610 C  CD1 . ILE A 1 79  ? 3.339   -11.160 4.127   1.00 35.90 ? 181 ILE A CD1 1 
ATOM   611 N  N   . LEU A 1 80  ? -1.030  -7.626  4.628   1.00 24.11 ? 182 LEU A N   1 
ATOM   612 C  CA  . LEU A 1 80  ? -1.666  -6.475  5.257   1.00 23.81 ? 182 LEU A CA  1 
ATOM   613 C  C   . LEU A 1 80  ? -3.158  -6.761  5.380   1.00 24.76 ? 182 LEU A C   1 
ATOM   614 O  O   . LEU A 1 80  ? -3.791  -6.440  6.386   1.00 26.28 ? 182 LEU A O   1 
ATOM   615 C  CB  . LEU A 1 80  ? -1.471  -5.221  4.404   1.00 23.32 ? 182 LEU A CB  1 
ATOM   616 C  CG  . LEU A 1 80  ? -0.068  -4.639  4.255   1.00 23.31 ? 182 LEU A CG  1 
ATOM   617 C  CD1 . LEU A 1 80  ? -0.163  -3.342  3.472   1.00 22.84 ? 182 LEU A CD1 1 
ATOM   618 C  CD2 . LEU A 1 80  ? 0.542   -4.381  5.628   1.00 23.48 ? 182 LEU A CD2 1 
ATOM   619 N  N   . GLU A 1 81  ? -3.704  -7.373  4.336   1.00 23.84 ? 183 GLU A N   1 
ATOM   620 C  CA  . GLU A 1 81  ? -5.115  -7.715  4.280   1.00 26.72 ? 183 GLU A CA  1 
ATOM   621 C  C   . GLU A 1 81  ? -5.468  -8.688  5.397   1.00 28.12 ? 183 GLU A C   1 
ATOM   622 O  O   . GLU A 1 81  ? -6.378  -8.440  6.192   1.00 27.46 ? 183 GLU A O   1 
ATOM   623 C  CB  . GLU A 1 81  ? -5.432  -8.346  2.925   1.00 25.95 ? 183 GLU A CB  1 
ATOM   624 C  CG  . GLU A 1 81  ? -6.903  -8.529  2.640   1.00 28.25 ? 183 GLU A CG  1 
ATOM   625 C  CD  . GLU A 1 81  ? -7.145  -9.132  1.273   1.00 29.74 ? 183 GLU A CD  1 
ATOM   626 O  OE1 . GLU A 1 81  ? -8.143  -8.756  0.627   1.00 31.53 ? 183 GLU A OE1 1 
ATOM   627 O  OE2 . GLU A 1 81  ? -6.343  -9.988  0.845   1.00 29.50 ? 183 GLU A OE2 1 
ATOM   628 N  N   . GLU A 1 82  ? -4.739  -9.798  5.448   1.00 28.45 ? 184 GLU A N   1 
ATOM   629 C  CA  . GLU A 1 82  ? -4.980  -10.814 6.459   1.00 28.19 ? 184 GLU A CA  1 
ATOM   630 C  C   . GLU A 1 82  ? -4.845  -10.233 7.855   1.00 28.51 ? 184 GLU A C   1 
ATOM   631 O  O   . GLU A 1 82  ? -5.459  -10.732 8.798   1.00 29.30 ? 184 GLU A O   1 
ATOM   632 C  CB  . GLU A 1 82  ? -4.009  -11.987 6.282   1.00 27.05 ? 184 GLU A CB  1 
ATOM   633 C  CG  . GLU A 1 82  ? -4.170  -13.081 7.331   1.00 27.27 ? 184 GLU A CG  1 
ATOM   634 C  CD  . GLU A 1 82  ? -3.282  -14.288 7.072   1.00 25.88 ? 184 GLU A CD  1 
ATOM   635 O  OE1 . GLU A 1 82  ? -3.619  -15.107 6.189   1.00 25.03 ? 184 GLU A OE1 1 
ATOM   636 O  OE2 . GLU A 1 82  ? -2.244  -14.412 7.752   1.00 24.48 ? 184 GLU A OE2 1 
ATOM   637 N  N   . ARG A 1 83  ? -4.047  -9.175  7.981   1.00 28.93 ? 185 ARG A N   1 
ATOM   638 C  CA  . ARG A 1 83  ? -3.828  -8.525  9.268   1.00 28.44 ? 185 ARG A CA  1 
ATOM   639 C  C   . ARG A 1 83  ? -4.925  -7.544  9.669   1.00 27.51 ? 185 ARG A C   1 
ATOM   640 O  O   . ARG A 1 83  ? -4.860  -6.956  10.747  1.00 28.34 ? 185 ARG A O   1 
ATOM   641 C  CB  . ARG A 1 83  ? -2.480  -7.794  9.281   1.00 30.02 ? 185 ARG A CB  1 
ATOM   642 C  CG  . ARG A 1 83  ? -1.276  -8.715  9.411   1.00 31.92 ? 185 ARG A CG  1 
ATOM   643 C  CD  . ARG A 1 83  ? 0.024   -7.937  9.346   1.00 33.96 ? 185 ARG A CD  1 
ATOM   644 N  NE  . ARG A 1 83  ? 1.183   -8.825  9.294   1.00 32.84 ? 185 ARG A NE  1 
ATOM   645 C  CZ  . ARG A 1 83  ? 2.411   -8.429  8.976   1.00 35.58 ? 185 ARG A CZ  1 
ATOM   646 N  NH1 . ARG A 1 83  ? 2.647   -7.157  8.679   1.00 33.94 ? 185 ARG A NH1 1 
ATOM   647 N  NH2 . ARG A 1 83  ? 3.406   -9.309  8.950   1.00 36.45 ? 185 ARG A NH2 1 
ATOM   648 N  N   . GLY A 1 84  ? -5.919  -7.346  8.810   1.00 25.37 ? 186 GLY A N   1 
ATOM   649 C  CA  . GLY A 1 84  ? -6.998  -6.438  9.169   1.00 23.24 ? 186 GLY A CA  1 
ATOM   650 C  C   . GLY A 1 84  ? -7.211  -5.183  8.338   1.00 21.05 ? 186 GLY A C   1 
ATOM   651 O  O   . GLY A 1 84  ? -8.120  -4.406  8.635   1.00 19.90 ? 186 GLY A O   1 
ATOM   652 N  N   . ALA A 1 85  ? -6.401  -4.970  7.303   1.00 19.21 ? 187 ALA A N   1 
ATOM   653 C  CA  . ALA A 1 85  ? -6.568  -3.785  6.465   1.00 17.85 ? 187 ALA A CA  1 
ATOM   654 C  C   . ALA A 1 85  ? -7.939  -3.824  5.791   1.00 17.31 ? 187 ALA A C   1 
ATOM   655 O  O   . ALA A 1 85  ? -8.336  -4.846  5.240   1.00 15.70 ? 187 ALA A O   1 
ATOM   656 C  CB  . ALA A 1 85  ? -5.460  -3.725  5.407   1.00 19.32 ? 187 ALA A CB  1 
ATOM   657 N  N   . GLU A 1 86  ? -8.665  -2.709  5.846   1.00 17.84 ? 188 GLU A N   1 
ATOM   658 C  CA  . GLU A 1 86  ? -9.988  -2.626  5.238   1.00 16.54 ? 188 GLU A CA  1 
ATOM   659 C  C   . GLU A 1 86  ? -9.864  -2.154  3.788   1.00 16.57 ? 188 GLU A C   1 
ATOM   660 O  O   . GLU A 1 86  ? -10.843 -2.113  3.043   1.00 16.01 ? 188 GLU A O   1 
ATOM   661 C  CB  . GLU A 1 86  ? -10.872 -1.665  6.037   1.00 19.48 ? 188 GLU A CB  1 
ATOM   662 C  CG  . GLU A 1 86  ? -11.014 -2.050  7.508   1.00 16.81 ? 188 GLU A CG  1 
ATOM   663 C  CD  . GLU A 1 86  ? -11.699 -0.981  8.334   1.00 17.64 ? 188 GLU A CD  1 
ATOM   664 O  OE1 . GLU A 1 86  ? -12.932 -1.033  8.500   1.00 19.92 ? 188 GLU A OE1 1 
ATOM   665 O  OE2 . GLU A 1 86  ? -10.996 -0.077  8.819   1.00 19.28 ? 188 GLU A OE2 1 
ATOM   666 N  N   . CYS A 1 87  ? -8.647  -1.792  3.402   1.00 16.96 ? 189 CYS A N   1 
ATOM   667 C  CA  . CYS A 1 87  ? -8.357  -1.343  2.045   1.00 16.50 ? 189 CYS A CA  1 
ATOM   668 C  C   . CYS A 1 87  ? -6.844  -1.279  1.902   1.00 14.99 ? 189 CYS A C   1 
ATOM   669 O  O   . CYS A 1 87  ? -6.129  -1.107  2.886   1.00 13.86 ? 189 CYS A O   1 
ATOM   670 C  CB  . CYS A 1 87  ? -8.964  0.044   1.772   1.00 18.90 ? 189 CYS A CB  1 
ATOM   671 S  SG  . CYS A 1 87  ? -8.179  1.435   2.639   1.00 19.94 ? 189 CYS A SG  1 
ATOM   672 N  N   . ILE A 1 88  ? -6.361  -1.443  0.677   1.00 14.06 ? 190 ILE A N   1 
ATOM   673 C  CA  . ILE A 1 88  ? -4.932  -1.387  0.412   1.00 11.56 ? 190 ILE A CA  1 
ATOM   674 C  C   . ILE A 1 88  ? -4.673  -0.185  -0.493  1.00 12.54 ? 190 ILE A C   1 
ATOM   675 O  O   . ILE A 1 88  ? -5.336  -0.015  -1.510  1.00 12.36 ? 190 ILE A O   1 
ATOM   676 C  CB  . ILE A 1 88  ? -4.435  -2.660  -0.301  1.00 12.65 ? 190 ILE A CB  1 
ATOM   677 C  CG1 . ILE A 1 88  ? -4.750  -3.903  0.545   1.00 14.23 ? 190 ILE A CG1 1 
ATOM   678 C  CG2 . ILE A 1 88  ? -2.928  -2.558  -0.539  1.00 13.53 ? 190 ILE A CG2 1 
ATOM   679 C  CD1 . ILE A 1 88  ? -4.084  -3.910  1.901   1.00 11.61 ? 190 ILE A CD1 1 
ATOM   680 N  N   . ILE A 1 89  ? -3.703  0.639   -0.114  1.00 13.38 ? 191 ILE A N   1 
ATOM   681 C  CA  . ILE A 1 89  ? -3.345  1.825   -0.877  1.00 16.11 ? 191 ILE A CA  1 
ATOM   682 C  C   . ILE A 1 89  ? -2.116  1.570   -1.750  1.00 17.18 ? 191 ILE A C   1 
ATOM   683 O  O   . ILE A 1 89  ? -1.054  1.233   -1.244  1.00 14.54 ? 191 ILE A O   1 
ATOM   684 C  CB  . ILE A 1 89  ? -3.026  3.005   0.072   1.00 18.42 ? 191 ILE A CB  1 
ATOM   685 C  CG1 . ILE A 1 89  ? -4.256  3.345   0.916   1.00 18.85 ? 191 ILE A CG1 1 
ATOM   686 C  CG2 . ILE A 1 89  ? -2.570  4.214   -0.731  1.00 18.34 ? 191 ILE A CG2 1 
ATOM   687 C  CD1 . ILE A 1 89  ? -3.963  4.284   2.059   1.00 22.58 ? 191 ILE A CD1 1 
ATOM   688 N  N   . ALA A 1 90  ? -2.267  1.716   -3.064  1.00 17.62 ? 192 ALA A N   1 
ATOM   689 C  CA  . ALA A 1 90  ? -1.137  1.533   -3.966  1.00 17.20 ? 192 ALA A CA  1 
ATOM   690 C  C   . ALA A 1 90  ? -0.366  2.854   -3.959  1.00 18.37 ? 192 ALA A C   1 
ATOM   691 O  O   . ALA A 1 90  ? -0.682  3.774   -4.722  1.00 20.56 ? 192 ALA A O   1 
ATOM   692 C  CB  . ALA A 1 90  ? -1.631  1.201   -5.376  1.00 15.81 ? 192 ALA A CB  1 
ATOM   693 N  N   . GLY A 1 91  ? 0.631   2.939   -3.077  1.00 19.54 ? 193 GLY A N   1 
ATOM   694 C  CA  . GLY A 1 91  ? 1.432   4.144   -2.929  1.00 18.53 ? 193 GLY A CA  1 
ATOM   695 C  C   . GLY A 1 91  ? 2.344   4.532   -4.079  1.00 20.28 ? 193 GLY A C   1 
ATOM   696 O  O   . GLY A 1 91  ? 2.761   5.687   -4.168  1.00 20.35 ? 193 GLY A O   1 
ATOM   697 N  N   . CYS A 1 92  ? 2.671   3.575   -4.941  1.00 19.53 ? 194 CYS A N   1 
ATOM   698 C  CA  . CYS A 1 92  ? 3.527   3.827   -6.096  1.00 19.82 ? 194 CYS A CA  1 
ATOM   699 C  C   . CYS A 1 92  ? 2.856   3.213   -7.318  1.00 19.98 ? 194 CYS A C   1 
ATOM   700 O  O   . CYS A 1 92  ? 2.240   2.150   -7.220  1.00 17.99 ? 194 CYS A O   1 
ATOM   701 C  CB  . CYS A 1 92  ? 4.907   3.178   -5.908  1.00 21.49 ? 194 CYS A CB  1 
ATOM   702 S  SG  . CYS A 1 92  ? 5.868   3.761   -4.482  1.00 22.29 ? 194 CYS A SG  1 
ATOM   703 N  N   . THR A 1 93  ? 2.974   3.881   -8.462  1.00 17.88 ? 195 THR A N   1 
ATOM   704 C  CA  . THR A 1 93  ? 2.379   3.387   -9.697  1.00 17.26 ? 195 THR A CA  1 
ATOM   705 C  C   . THR A 1 93  ? 2.834   1.968   -10.023 1.00 17.26 ? 195 THR A C   1 
ATOM   706 O  O   . THR A 1 93  ? 2.078   1.197   -10.613 1.00 19.13 ? 195 THR A O   1 
ATOM   707 C  CB  . THR A 1 93  ? 2.715   4.312   -10.894 1.00 18.94 ? 195 THR A CB  1 
ATOM   708 O  OG1 . THR A 1 93  ? 4.136   4.434   -11.024 1.00 20.92 ? 195 THR A OG1 1 
ATOM   709 C  CG2 . THR A 1 93  ? 2.110   5.700   -10.680 1.00 18.80 ? 195 THR A CG2 1 
ATOM   710 N  N   . GLU A 1 94  ? 4.061   1.615   -9.647  1.00 17.29 ? 196 GLU A N   1 
ATOM   711 C  CA  . GLU A 1 94  ? 4.560   0.264   -9.912  1.00 17.90 ? 196 GLU A CA  1 
ATOM   712 C  C   . GLU A 1 94  ? 3.654   -0.782  -9.264  1.00 18.30 ? 196 GLU A C   1 
ATOM   713 O  O   . GLU A 1 94  ? 3.508   -1.889  -9.776  1.00 18.99 ? 196 GLU A O   1 
ATOM   714 C  CB  . GLU A 1 94  ? 5.982   0.073   -9.368  1.00 20.66 ? 196 GLU A CB  1 
ATOM   715 C  CG  . GLU A 1 94  ? 7.095   0.793   -10.128 1.00 20.50 ? 196 GLU A CG  1 
ATOM   716 C  CD  . GLU A 1 94  ? 6.979   2.300   -10.059 1.00 25.24 ? 196 GLU A CD  1 
ATOM   717 O  OE1 . GLU A 1 94  ? 6.527   2.817   -9.015  1.00 24.11 ? 196 GLU A OE1 1 
ATOM   718 O  OE2 . GLU A 1 94  ? 7.356   2.973   -11.046 1.00 28.73 ? 196 GLU A OE2 1 
ATOM   719 N  N   . VAL A 1 95  ? 3.062   -0.440  -8.123  1.00 18.56 ? 197 VAL A N   1 
ATOM   720 C  CA  . VAL A 1 95  ? 2.190   -1.386  -7.435  1.00 18.38 ? 197 VAL A CA  1 
ATOM   721 C  C   . VAL A 1 95  ? 0.962   -1.709  -8.277  1.00 16.84 ? 197 VAL A C   1 
ATOM   722 O  O   . VAL A 1 95  ? 0.582   -2.869  -8.416  1.00 16.54 ? 197 VAL A O   1 
ATOM   723 C  CB  . VAL A 1 95  ? 1.735   -0.844  -6.058  1.00 17.30 ? 197 VAL A CB  1 
ATOM   724 C  CG1 . VAL A 1 95  ? 0.759   -1.818  -5.404  1.00 20.48 ? 197 VAL A CG1 1 
ATOM   725 C  CG2 . VAL A 1 95  ? 2.943   -0.654  -5.156  1.00 20.57 ? 197 VAL A CG2 1 
ATOM   726 N  N   . SER A 1 96  ? 0.354   -0.673  -8.843  1.00 17.47 ? 198 SER A N   1 
ATOM   727 C  CA  . SER A 1 96  ? -0.839  -0.828  -9.663  1.00 17.71 ? 198 SER A CA  1 
ATOM   728 C  C   . SER A 1 96  ? -0.569  -1.572  -10.968 1.00 17.41 ? 198 SER A C   1 
ATOM   729 O  O   . SER A 1 96  ? -1.485  -2.115  -11.583 1.00 18.85 ? 198 SER A O   1 
ATOM   730 C  CB  . SER A 1 96  ? -1.437  0.549   -9.966  1.00 20.57 ? 198 SER A CB  1 
ATOM   731 O  OG  . SER A 1 96  ? -1.786  1.212   -8.765  1.00 24.12 ? 198 SER A OG  1 
ATOM   732 N  N   . VAL A 1 97  ? 0.686   -1.592  -11.397 1.00 15.09 ? 199 VAL A N   1 
ATOM   733 C  CA  . VAL A 1 97  ? 1.038   -2.292  -12.625 1.00 15.12 ? 199 VAL A CA  1 
ATOM   734 C  C   . VAL A 1 97  ? 0.854   -3.813  -12.495 1.00 14.93 ? 199 VAL A C   1 
ATOM   735 O  O   . VAL A 1 97  ? 0.330   -4.457  -13.407 1.00 13.05 ? 199 VAL A O   1 
ATOM   736 C  CB  . VAL A 1 97  ? 2.495   -1.971  -13.039 1.00 15.46 ? 199 VAL A CB  1 
ATOM   737 C  CG1 . VAL A 1 97  ? 2.943   -2.877  -14.197 1.00 16.70 ? 199 VAL A CG1 1 
ATOM   738 C  CG2 . VAL A 1 97  ? 2.595   -0.507  -13.451 1.00 16.01 ? 199 VAL A CG2 1 
ATOM   739 N  N   . VAL A 1 98  ? 1.259   -4.379  -11.358 1.00 14.30 ? 200 VAL A N   1 
ATOM   740 C  CA  . VAL A 1 98  ? 1.152   -5.825  -11.146 1.00 14.67 ? 200 VAL A CA  1 
ATOM   741 C  C   . VAL A 1 98  ? 0.048   -6.291  -10.193 1.00 16.97 ? 200 VAL A C   1 
ATOM   742 O  O   . VAL A 1 98  ? -0.293  -7.478  -10.167 1.00 17.38 ? 200 VAL A O   1 
ATOM   743 C  CB  . VAL A 1 98  ? 2.499   -6.411  -10.656 1.00 12.55 ? 200 VAL A CB  1 
ATOM   744 C  CG1 . VAL A 1 98  ? 3.577   -6.131  -11.692 1.00 11.50 ? 200 VAL A CG1 1 
ATOM   745 C  CG2 . VAL A 1 98  ? 2.884   -5.813  -9.298  1.00 10.65 ? 200 VAL A CG2 1 
ATOM   746 N  N   . LEU A 1 99  ? -0.518  -5.364  -9.426  1.00 16.01 ? 201 LEU A N   1 
ATOM   747 C  CA  . LEU A 1 99  ? -1.576  -5.698  -8.479  1.00 15.96 ? 201 LEU A CA  1 
ATOM   748 C  C   . LEU A 1 99  ? -2.890  -5.063  -8.926  1.00 16.83 ? 201 LEU A C   1 
ATOM   749 O  O   . LEU A 1 99  ? -2.966  -3.847  -9.113  1.00 16.58 ? 201 LEU A O   1 
ATOM   750 C  CB  . LEU A 1 99  ? -1.183  -5.196  -7.083  1.00 18.55 ? 201 LEU A CB  1 
ATOM   751 C  CG  . LEU A 1 99  ? -2.100  -5.480  -5.894  1.00 20.69 ? 201 LEU A CG  1 
ATOM   752 C  CD1 . LEU A 1 99  ? -2.182  -6.977  -5.637  1.00 23.61 ? 201 LEU A CD1 1 
ATOM   753 C  CD2 . LEU A 1 99  ? -1.552  -4.763  -4.667  1.00 23.46 ? 201 LEU A CD2 1 
ATOM   754 N  N   . LYS A 1 100 ? -3.920  -5.886  -9.108  1.00 16.38 ? 202 LYS A N   1 
ATOM   755 C  CA  . LYS A 1 100 ? -5.228  -5.394  -9.548  1.00 17.55 ? 202 LYS A CA  1 
ATOM   756 C  C   . LYS A 1 100 ? -6.308  -5.719  -8.517  1.00 16.83 ? 202 LYS A C   1 
ATOM   757 O  O   . LYS A 1 100 ? -6.113  -6.565  -7.652  1.00 16.16 ? 202 LYS A O   1 
ATOM   758 C  CB  . LYS A 1 100 ? -5.601  -6.020  -10.902 1.00 17.54 ? 202 LYS A CB  1 
ATOM   759 C  CG  . LYS A 1 100 ? -4.472  -5.990  -11.945 1.00 18.01 ? 202 LYS A CG  1 
ATOM   760 C  CD  . LYS A 1 100 ? -4.071  -4.567  -12.346 1.00 18.21 ? 202 LYS A CD  1 
ATOM   761 C  CE  . LYS A 1 100 ? -2.958  -4.599  -13.404 1.00 16.37 ? 202 LYS A CE  1 
ATOM   762 N  NZ  . LYS A 1 100 ? -2.669  -3.262  -13.991 1.00 14.15 ? 202 LYS A NZ  1 
ATOM   763 N  N   . GLN A 1 101 ? -7.449  -5.046  -8.619  1.00 17.24 ? 203 GLN A N   1 
ATOM   764 C  CA  . GLN A 1 101 ? -8.542  -5.267  -7.674  1.00 17.13 ? 203 GLN A CA  1 
ATOM   765 C  C   . GLN A 1 101 ? -8.972  -6.724  -7.569  1.00 16.66 ? 203 GLN A C   1 
ATOM   766 O  O   . GLN A 1 101 ? -9.337  -7.180  -6.488  1.00 14.69 ? 203 GLN A O   1 
ATOM   767 C  CB  . GLN A 1 101 ? -9.754  -4.408  -8.044  1.00 16.73 ? 203 GLN A CB  1 
ATOM   768 C  CG  . GLN A 1 101 ? -10.893 -4.438  -7.021  1.00 19.54 ? 203 GLN A CG  1 
ATOM   769 C  CD  . GLN A 1 101 ? -10.444 -4.058  -5.610  1.00 16.66 ? 203 GLN A CD  1 
ATOM   770 O  OE1 . GLN A 1 101 ? -10.035 -4.913  -4.816  1.00 16.80 ? 203 GLN A OE1 1 
ATOM   771 N  NE2 . GLN A 1 101 ? -10.508 -2.772  -5.300  1.00 11.86 ? 203 GLN A NE2 1 
ATOM   772 N  N   . ASP A 1 102 ? -8.917  -7.467  -8.671  1.00 17.05 ? 204 ASP A N   1 
ATOM   773 C  CA  . ASP A 1 102 ? -9.345  -8.859  -8.613  1.00 16.46 ? 204 ASP A CA  1 
ATOM   774 C  C   . ASP A 1 102 ? -8.418  -9.760  -7.796  1.00 14.56 ? 204 ASP A C   1 
ATOM   775 O  O   . ASP A 1 102 ? -8.713  -10.931 -7.599  1.00 14.58 ? 204 ASP A O   1 
ATOM   776 C  CB  . ASP A 1 102 ? -9.578  -9.422  -10.032 1.00 17.27 ? 204 ASP A CB  1 
ATOM   777 C  CG  . ASP A 1 102 ? -8.302  -9.547  -10.853 1.00 17.62 ? 204 ASP A CG  1 
ATOM   778 O  OD1 . ASP A 1 102 ? -7.235  -9.080  -10.408 1.00 11.79 ? 204 ASP A OD1 1 
ATOM   779 O  OD2 . ASP A 1 102 ? -8.386  -10.122 -11.959 1.00 15.16 ? 204 ASP A OD2 1 
ATOM   780 N  N   . ASP A 1 103 ? -7.321  -9.196  -7.292  1.00 15.38 ? 205 ASP A N   1 
ATOM   781 C  CA  . ASP A 1 103 ? -6.368  -9.938  -6.463  1.00 16.65 ? 205 ASP A CA  1 
ATOM   782 C  C   . ASP A 1 103 ? -6.674  -9.802  -4.974  1.00 17.38 ? 205 ASP A C   1 
ATOM   783 O  O   . ASP A 1 103 ? -6.183  -10.587 -4.165  1.00 15.45 ? 205 ASP A O   1 
ATOM   784 C  CB  . ASP A 1 103 ? -4.941  -9.426  -6.660  1.00 15.76 ? 205 ASP A CB  1 
ATOM   785 C  CG  . ASP A 1 103 ? -4.403  -9.704  -8.043  1.00 17.04 ? 205 ASP A CG  1 
ATOM   786 O  OD1 . ASP A 1 103 ? -4.494  -10.864 -8.482  1.00 14.62 ? 205 ASP A OD1 1 
ATOM   787 O  OD2 . ASP A 1 103 ? -3.879  -8.762  -8.676  1.00 14.44 ? 205 ASP A OD2 1 
ATOM   788 N  N   . LEU A 1 104 ? -7.469  -8.800  -4.618  1.00 17.55 ? 206 LEU A N   1 
ATOM   789 C  CA  . LEU A 1 104 ? -7.780  -8.535  -3.216  1.00 18.54 ? 206 LEU A CA  1 
ATOM   790 C  C   . LEU A 1 104 ? -9.244  -8.660  -2.825  1.00 19.85 ? 206 LEU A C   1 
ATOM   791 O  O   . LEU A 1 104 ? -10.136 -8.558  -3.665  1.00 20.26 ? 206 LEU A O   1 
ATOM   792 C  CB  . LEU A 1 104 ? -7.294  -7.129  -2.860  1.00 18.74 ? 206 LEU A CB  1 
ATOM   793 C  CG  . LEU A 1 104 ? -5.806  -6.878  -3.110  1.00 20.25 ? 206 LEU A CG  1 
ATOM   794 C  CD1 . LEU A 1 104 ? -5.518  -5.392  -3.034  1.00 19.77 ? 206 LEU A CD1 1 
ATOM   795 C  CD2 . LEU A 1 104 ? -4.985  -7.642  -2.096  1.00 19.90 ? 206 LEU A CD2 1 
ATOM   796 N  N   . LYS A 1 105 ? -9.472  -8.867  -1.530  1.00 20.51 ? 207 LYS A N   1 
ATOM   797 C  CA  . LYS A 1 105 ? -10.819 -8.989  -0.975  1.00 23.40 ? 207 LYS A CA  1 
ATOM   798 C  C   . LYS A 1 105 ? -11.285 -7.588  -0.589  1.00 21.76 ? 207 LYS A C   1 
ATOM   799 O  O   . LYS A 1 105 ? -12.479 -7.306  -0.555  1.00 23.10 ? 207 LYS A O   1 
ATOM   800 C  CB  . LYS A 1 105 ? -10.816 -9.851  0.294   1.00 22.84 ? 207 LYS A CB  1 
ATOM   801 C  CG  . LYS A 1 105 ? -10.162 -11.223 0.178   1.00 29.14 ? 207 LYS A CG  1 
ATOM   802 C  CD  . LYS A 1 105 ? -10.079 -11.869 1.561   1.00 29.31 ? 207 LYS A CD  1 
ATOM   803 C  CE  . LYS A 1 105 ? -9.310  -13.178 1.555   1.00 34.19 ? 207 LYS A CE  1 
ATOM   804 N  NZ  . LYS A 1 105 ? -10.025 -14.264 0.830   1.00 38.11 ? 207 LYS A NZ  1 
ATOM   805 N  N   . VAL A 1 106 ? -10.327 -6.725  -0.272  1.00 18.62 ? 208 VAL A N   1 
ATOM   806 C  CA  . VAL A 1 106 ? -10.632 -5.356  0.118   1.00 17.44 ? 208 VAL A CA  1 
ATOM   807 C  C   . VAL A 1 106 ? -10.319 -4.396  -1.030  1.00 16.01 ? 208 VAL A C   1 
ATOM   808 O  O   . VAL A 1 106 ? -9.579  -4.739  -1.957  1.00 16.37 ? 208 VAL A O   1 
ATOM   809 C  CB  . VAL A 1 106 ? -9.826  -4.946  1.372   1.00 18.08 ? 208 VAL A CB  1 
ATOM   810 C  CG1 . VAL A 1 106 ? -10.228 -5.819  2.550   1.00 15.52 ? 208 VAL A CG1 1 
ATOM   811 C  CG2 . VAL A 1 106 ? -8.324  -5.067  1.102   1.00 18.47 ? 208 VAL A CG2 1 
ATOM   812 N  N   . PRO A 1 107 ? -10.894 -3.187  -0.990  1.00 14.12 ? 209 PRO A N   1 
ATOM   813 C  CA  . PRO A 1 107 ? -10.652 -2.207  -2.047  1.00 13.90 ? 209 PRO A CA  1 
ATOM   814 C  C   . PRO A 1 107 ? -9.181  -1.835  -2.216  1.00 14.84 ? 209 PRO A C   1 
ATOM   815 O  O   . PRO A 1 107 ? -8.447  -1.643  -1.234  1.00 11.18 ? 209 PRO A O   1 
ATOM   816 C  CB  . PRO A 1 107 ? -11.500 -1.012  -1.608  1.00 12.00 ? 209 PRO A CB  1 
ATOM   817 C  CG  . PRO A 1 107 ? -12.624 -1.659  -0.867  1.00 14.26 ? 209 PRO A CG  1 
ATOM   818 C  CD  . PRO A 1 107 ? -11.893 -2.675  -0.034  1.00 14.16 ? 209 PRO A CD  1 
ATOM   819 N  N   . LEU A 1 108 ? -8.762  -1.754  -3.475  1.00 15.07 ? 210 LEU A N   1 
ATOM   820 C  CA  . LEU A 1 108 ? -7.404  -1.368  -3.832  1.00 16.26 ? 210 LEU A CA  1 
ATOM   821 C  C   . LEU A 1 108 ? -7.541  0.070   -4.305  1.00 18.09 ? 210 LEU A C   1 
ATOM   822 O  O   . LEU A 1 108 ? -8.149  0.327   -5.339  1.00 15.02 ? 210 LEU A O   1 
ATOM   823 C  CB  . LEU A 1 108 ? -6.869  -2.236  -4.979  1.00 16.52 ? 210 LEU A CB  1 
ATOM   824 C  CG  . LEU A 1 108 ? -5.552  -1.756  -5.606  1.00 14.87 ? 210 LEU A CG  1 
ATOM   825 C  CD1 . LEU A 1 108 ? -4.489  -1.625  -4.522  1.00 14.33 ? 210 LEU A CD1 1 
ATOM   826 C  CD2 . LEU A 1 108 ? -5.098  -2.728  -6.684  1.00 16.21 ? 210 LEU A CD2 1 
ATOM   827 N  N   . ILE A 1 109 ? -6.999  1.013   -3.546  1.00 21.43 ? 211 ILE A N   1 
ATOM   828 C  CA  . ILE A 1 109 ? -7.125  2.406   -3.938  1.00 26.55 ? 211 ILE A CA  1 
ATOM   829 C  C   . ILE A 1 109 ? -5.778  3.025   -4.277  1.00 27.99 ? 211 ILE A C   1 
ATOM   830 O  O   . ILE A 1 109 ? -4.772  2.777   -3.613  1.00 27.31 ? 211 ILE A O   1 
ATOM   831 C  CB  . ILE A 1 109 ? -7.834  3.239   -2.822  1.00 28.05 ? 211 ILE A CB  1 
ATOM   832 C  CG1 . ILE A 1 109 ? -6.816  3.869   -1.875  1.00 29.79 ? 211 ILE A CG1 1 
ATOM   833 C  CG2 . ILE A 1 109 ? -8.787  2.348   -2.027  1.00 28.15 ? 211 ILE A CG2 1 
ATOM   834 C  CD1 . ILE A 1 109 ? -6.206  5.153   -2.402  1.00 32.26 ? 211 ILE A CD1 1 
ATOM   835 N  N   . ASP A 1 110 ? -5.760  3.826   -5.331  1.00 31.24 ? 212 ASP A N   1 
ATOM   836 C  CA  . ASP A 1 110 ? -4.530  4.487   -5.724  1.00 35.82 ? 212 ASP A CA  1 
ATOM   837 C  C   . ASP A 1 110 ? -4.769  5.986   -5.813  1.00 38.13 ? 212 ASP A C   1 
ATOM   838 O  O   . ASP A 1 110 ? -5.863  6.427   -6.162  1.00 37.51 ? 212 ASP A O   1 
ATOM   839 C  CB  . ASP A 1 110 ? -4.020  3.932   -7.058  1.00 37.24 ? 212 ASP A CB  1 
ATOM   840 C  CG  . ASP A 1 110 ? -5.029  4.064   -8.176  1.00 37.63 ? 212 ASP A CG  1 
ATOM   841 O  OD1 . ASP A 1 110 ? -4.763  3.524   -9.268  1.00 40.81 ? 212 ASP A OD1 1 
ATOM   842 O  OD2 . ASP A 1 110 ? -6.082  4.703   -7.975  1.00 38.86 ? 212 ASP A OD2 1 
ATOM   843 N  N   . PRO A 1 111 ? -3.756  6.789   -5.457  1.00 41.23 ? 213 PRO A N   1 
ATOM   844 C  CA  . PRO A 1 111 ? -3.852  8.251   -5.500  1.00 43.42 ? 213 PRO A CA  1 
ATOM   845 C  C   . PRO A 1 111 ? -4.352  8.747   -6.856  1.00 44.83 ? 213 PRO A C   1 
ATOM   846 O  O   . PRO A 1 111 ? -5.301  9.561   -6.872  1.00 45.45 ? 213 PRO A O   1 
ATOM   847 C  CB  . PRO A 1 111 ? -2.423  8.692   -5.208  1.00 43.59 ? 213 PRO A CB  1 
ATOM   848 C  CG  . PRO A 1 111 ? -1.961  7.642   -4.237  1.00 43.46 ? 213 PRO A CG  1 
ATOM   849 C  CD  . PRO A 1 111 ? -2.466  6.365   -4.880  1.00 42.36 ? 213 PRO A CD  1 
ATOM   850 O  OXT . PRO A 1 111 ? -3.782  8.313   -7.880  1.00 46.17 ? 213 PRO A OXT 1 
HETATM 851 CA CA  . CA  B 2 .   ? -6.078  -10.107 -12.528 1.00 17.14 ? 1   CA  A CA  1 
HETATM 852 O  O   . HOH C 3 .   ? 3.689   7.646   5.057   1.00 26.86 ? 214 HOH A O   1 
HETATM 853 O  O   . HOH C 3 .   ? -17.009 0.623   5.924   1.00 15.47 ? 215 HOH A O   1 
HETATM 854 O  O   . HOH C 3 .   ? 7.677   4.939   -7.685  1.00 21.88 ? 216 HOH A O   1 
HETATM 855 O  O   . HOH C 3 .   ? 1.760   -0.762  10.772  1.00 25.67 ? 217 HOH A O   1 
HETATM 856 O  O   . HOH C 3 .   ? -0.702  -3.506  -15.694 1.00 16.97 ? 218 HOH A O   1 
HETATM 857 O  O   . HOH C 3 .   ? 13.488  -0.286  3.438   1.00 23.84 ? 219 HOH A O   1 
HETATM 858 O  O   . HOH C 3 .   ? -4.346  -1.675  -9.970  1.00 11.62 ? 220 HOH A O   1 
HETATM 859 O  O   . HOH C 3 .   ? 5.676   5.864   -2.095  1.00 30.78 ? 221 HOH A O   1 
HETATM 860 O  O   . HOH C 3 .   ? 15.658  -7.153  7.253   1.00 20.65 ? 222 HOH A O   1 
HETATM 861 O  O   . HOH C 3 .   ? -8.700  -7.386  5.852   1.00 16.79 ? 223 HOH A O   1 
HETATM 862 O  O   . HOH C 3 .   ? -3.006  7.794   11.206  1.00 16.02 ? 224 HOH A O   1 
HETATM 863 O  O   . HOH C 3 .   ? 3.810   10.581  10.823  1.00 28.08 ? 225 HOH A O   1 
HETATM 864 O  O   . HOH C 3 .   ? -13.069 -4.098  9.724   1.00 26.72 ? 226 HOH A O   1 
HETATM 865 O  O   . HOH C 3 .   ? 4.433   6.397   -8.398  1.00 30.30 ? 227 HOH A O   1 
HETATM 866 O  O   . HOH C 3 .   ? 4.607   -0.626  1.985   1.00 17.77 ? 228 HOH A O   1 
HETATM 867 O  O   . HOH C 3 .   ? -2.175  16.130  0.784   1.00 22.51 ? 229 HOH A O   1 
HETATM 868 O  O   . HOH C 3 .   ? -13.702 5.774   9.803   1.00 14.22 ? 230 HOH A O   1 
HETATM 869 O  O   . HOH C 3 .   ? 0.336   5.111   -6.914  1.00 24.65 ? 231 HOH A O   1 
HETATM 870 O  O   . HOH C 3 .   ? 1.722   -4.338  9.205   1.00 32.17 ? 232 HOH A O   1 
HETATM 871 O  O   . HOH C 3 .   ? -1.466  5.615   11.401  1.00 19.17 ? 233 HOH A O   1 
HETATM 872 O  O   . HOH C 3 .   ? -14.679 -9.232  -0.870  1.00 30.06 ? 234 HOH A O   1 
HETATM 873 O  O   . HOH C 3 .   ? -4.822  -13.258 -7.351  1.00 26.77 ? 235 HOH A O   1 
HETATM 874 O  O   . HOH C 3 .   ? 17.004  0.559   9.947   1.00 34.54 ? 236 HOH A O   1 
HETATM 875 O  O   . HOH C 3 .   ? 9.203   -2.280  -16.349 1.00 37.44 ? 237 HOH A O   1 
HETATM 876 O  O   . HOH C 3 .   ? 15.276  -0.434  13.260  1.00 39.66 ? 238 HOH A O   1 
HETATM 877 O  O   . HOH C 3 .   ? -13.521 -7.421  3.278   1.00 41.10 ? 239 HOH A O   1 
HETATM 878 O  O   . HOH C 3 .   ? 10.567  -14.736 -10.008 1.00 42.63 ? 240 HOH A O   1 
HETATM 879 O  O   . HOH C 3 .   ? 2.547   7.815   -2.318  1.00 29.23 ? 241 HOH A O   1 
HETATM 880 O  O   . HOH C 3 .   ? 6.189   5.907   -5.258  1.00 11.64 ? 242 HOH A O   1 
HETATM 881 O  O   . HOH C 3 .   ? -4.266  -9.231  -11.501 1.00 14.32 ? 243 HOH A O   1 
HETATM 882 O  O   . HOH C 3 .   ? -6.644  -8.189  -13.895 1.00 14.08 ? 244 HOH A O   1 
HETATM 883 O  O   . HOH C 3 .   ? -5.683  -11.863 -10.804 1.00 15.46 ? 245 HOH A O   1 
HETATM 884 O  O   . HOH C 3 .   ? -7.196  -2.627  -10.130 1.00 15.70 ? 246 HOH A O   1 
HETATM 885 O  O   . HOH C 3 .   ? -2.535  -16.943 4.607   1.00 32.50 ? 247 HOH A O   1 
HETATM 886 O  O   . HOH C 3 .   ? -13.056 -5.465  7.512   1.00 22.82 ? 248 HOH A O   1 
HETATM 887 O  O   . HOH C 3 .   ? 15.550  -8.005  -11.339 1.00 26.33 ? 249 HOH A O   1 
HETATM 888 O  O   . HOH C 3 .   ? -16.599 5.158   -4.466  1.00 28.17 ? 250 HOH A O   1 
HETATM 889 O  O   . HOH C 3 .   ? -4.250  0.497   -8.272  1.00 32.68 ? 251 HOH A O   1 
HETATM 890 O  O   . HOH C 3 .   ? 5.292   18.529  10.003  1.00 39.20 ? 252 HOH A O   1 
HETATM 891 O  O   . HOH C 3 .   ? 12.954  -1.393  5.580   1.00 29.12 ? 253 HOH A O   1 
HETATM 892 O  O   . HOH C 3 .   ? -5.295  14.982  5.357   1.00 20.39 ? 254 HOH A O   1 
HETATM 893 O  O   . HOH C 3 .   ? 7.272   -7.744  2.219   1.00 28.18 ? 255 HOH A O   1 
HETATM 894 O  O   . HOH C 3 .   ? -6.731  -12.219 -13.714 1.00 28.64 ? 256 HOH A O   1 
HETATM 895 O  O   . HOH C 3 .   ? -6.259  -14.370 1.167   1.00 25.76 ? 257 HOH A O   1 
HETATM 896 O  O   . HOH C 3 .   ? -12.447 7.261   11.739  1.00 19.42 ? 258 HOH A O   1 
HETATM 897 O  O   . HOH C 3 .   ? -4.409  -0.460  -12.289 1.00 23.49 ? 259 HOH A O   1 
HETATM 898 O  O   . HOH C 3 .   ? -9.332  -6.148  -11.430 1.00 26.24 ? 260 HOH A O   1 
HETATM 899 O  O   . HOH C 3 .   ? -5.948  -11.917 2.385   1.00 25.17 ? 261 HOH A O   1 
HETATM 900 O  O   . HOH C 3 .   ? -8.429  -3.560  -12.173 1.00 31.64 ? 262 HOH A O   1 
HETATM 901 O  O   . HOH C 3 .   ? -1.154  3.829   -8.446  1.00 28.38 ? 263 HOH A O   1 
HETATM 902 O  O   . HOH C 3 .   ? 10.217  -10.652 7.016   1.00 21.65 ? 264 HOH A O   1 
HETATM 903 O  O   . HOH C 3 .   ? 8.419   -10.052 2.420   1.00 33.65 ? 265 HOH A O   1 
HETATM 904 O  O   . HOH C 3 .   ? -8.703  -0.603  -8.945  1.00 32.04 ? 266 HOH A O   1 
HETATM 905 O  O   . HOH C 3 .   ? -11.765 -8.292  -5.744  1.00 39.49 ? 267 HOH A O   1 
HETATM 906 O  O   . HOH C 3 .   ? -14.593 10.432  13.680  1.00 27.94 ? 268 HOH A O   1 
HETATM 907 O  O   . HOH C 3 .   ? 3.905   7.897   -6.211  1.00 38.08 ? 269 HOH A O   1 
# 
